data_7MQC
#
_entry.id   7MQC
#
_cell.length_a   1.00
_cell.length_b   1.00
_cell.length_c   1.00
_cell.angle_alpha   90.00
_cell.angle_beta   90.00
_cell.angle_gamma   90.00
#
_symmetry.space_group_name_H-M   'P 1'
#
loop_
_entity.id
_entity.type
_entity.pdbx_description
1 polymer 'NanoRNase C'
2 polymer "RNA (5'-R(P*GP*G)-3')"
#
loop_
_entity_poly.entity_id
_entity_poly.type
_entity_poly.pdbx_seq_one_letter_code
_entity_poly.pdbx_strand_id
1 'polypeptide(L)'
;SMTEIRVHQGDLPNLDNYRIDAVAVDTETLGLQPHRDRLCVVQLSSGDGTADVIQIAKGQKSAPNLVRLLSDRDITKIFH
FGRFDLAILAHTFGVMPDVVFCTKIASKLTRTYTDRHGLKEICGELLNVNISKQQQSSDWAAETLSRAQIEYAASDVLYL
HRLKDIFEERLKREERESVAKACFQFLPMRANLDLLGWSEIDIFAHS
;
A,C,E,G,I,K,M,O
2 'polyribonucleotide' GG B,D,F,H,J,L,N,P
#
loop_
_chem_comp.id
_chem_comp.type
_chem_comp.name
_chem_comp.formula
G RNA linking GUANOSINE-5'-MONOPHOSPHATE 'C10 H14 N5 O8 P'
#
# COMPACT_ATOMS: atom_id res chain seq x y z
N THR A 3 42.18 12.22 18.86
CA THR A 3 41.27 11.11 19.12
C THR A 3 42.04 9.81 19.33
N GLU A 4 42.52 9.60 20.56
CA GLU A 4 43.21 8.36 20.90
C GLU A 4 42.22 7.20 20.85
N ILE A 5 42.50 6.21 20.00
CA ILE A 5 41.66 5.02 19.90
C ILE A 5 42.53 3.81 20.17
N ARG A 6 42.26 3.12 21.28
CA ARG A 6 43.00 1.92 21.64
C ARG A 6 42.21 0.70 21.19
N VAL A 7 42.84 -0.15 20.37
CA VAL A 7 42.21 -1.34 19.82
C VAL A 7 42.72 -2.55 20.58
N HIS A 8 41.79 -3.41 21.00
CA HIS A 8 42.10 -4.58 21.79
C HIS A 8 41.52 -5.81 21.12
N GLN A 9 42.12 -6.96 21.45
CA GLN A 9 41.61 -8.26 21.02
C GLN A 9 40.93 -8.93 22.21
N GLY A 10 39.66 -9.27 22.03
CA GLY A 10 38.89 -10.04 22.99
C GLY A 10 38.26 -9.26 24.12
N ASP A 11 39.01 -8.41 24.80
CA ASP A 11 38.48 -7.73 25.97
C ASP A 11 39.38 -6.55 26.33
N LEU A 12 38.83 -5.63 27.12
CA LEU A 12 39.66 -4.65 27.79
C LEU A 12 40.63 -5.37 28.73
N PRO A 13 41.84 -4.87 28.91
CA PRO A 13 42.72 -5.51 29.90
C PRO A 13 42.24 -5.30 31.32
N ASN A 14 41.61 -4.17 31.61
CA ASN A 14 41.09 -3.89 32.95
C ASN A 14 40.15 -2.70 32.83
N LEU A 15 39.56 -2.30 33.96
CA LEU A 15 38.65 -1.17 33.97
C LEU A 15 39.30 0.04 34.63
N ASP A 16 40.63 0.08 34.61
CA ASP A 16 41.36 1.15 35.29
C ASP A 16 41.00 2.51 34.70
N ASN A 17 40.70 2.55 33.40
CA ASN A 17 40.33 3.77 32.70
C ASN A 17 38.84 4.03 32.77
N TYR A 18 38.07 3.21 33.49
CA TYR A 18 36.61 3.27 33.47
C TYR A 18 36.05 3.29 34.89
N ARG A 19 36.73 3.97 35.80
CA ARG A 19 36.19 4.27 37.13
C ARG A 19 35.41 5.58 37.11
N ILE A 20 34.26 5.52 36.45
CA ILE A 20 33.48 6.69 36.07
C ILE A 20 32.01 6.35 36.29
N ASP A 21 31.16 7.38 36.28
CA ASP A 21 29.74 7.19 36.54
C ASP A 21 28.92 6.79 35.32
N ALA A 22 29.40 7.02 34.10
CA ALA A 22 28.63 6.68 32.93
C ALA A 22 29.58 6.36 31.78
N VAL A 23 29.26 5.31 31.03
CA VAL A 23 30.09 4.88 29.92
C VAL A 23 29.20 4.77 28.68
N ALA A 24 29.69 5.29 27.56
CA ALA A 24 29.00 5.17 26.29
C ALA A 24 29.35 3.84 25.64
N VAL A 25 28.34 3.15 25.14
CA VAL A 25 28.51 1.80 24.60
C VAL A 25 27.82 1.72 23.26
N ASP A 26 28.49 1.09 22.29
CA ASP A 26 27.87 0.84 20.97
C ASP A 26 28.50 -0.47 20.46
N THR A 27 27.81 -1.18 19.58
CA THR A 27 28.30 -2.45 19.06
C THR A 27 28.31 -2.42 17.54
N GLU A 28 29.05 -3.36 16.96
CA GLU A 28 28.89 -3.64 15.55
C GLU A 28 28.77 -5.14 15.35
N THR A 29 27.97 -5.52 14.35
CA THR A 29 27.63 -6.92 14.14
C THR A 29 27.63 -7.19 12.65
N LEU A 30 27.35 -8.43 12.29
CA LEU A 30 27.12 -8.77 10.90
C LEU A 30 25.70 -8.50 10.41
N GLY A 31 24.81 -7.96 11.23
CA GLY A 31 23.47 -7.65 10.75
C GLY A 31 22.50 -7.49 11.89
N LEU A 32 21.22 -7.38 11.51
CA LEU A 32 20.16 -7.01 12.43
C LEU A 32 19.51 -8.16 13.21
N GLN A 33 19.90 -9.40 12.99
CA GLN A 33 19.21 -10.54 13.59
C GLN A 33 20.12 -11.28 14.56
N PRO A 34 19.97 -11.05 15.86
CA PRO A 34 20.96 -11.57 16.82
C PRO A 34 21.16 -13.07 16.78
N HIS A 35 20.15 -13.86 16.43
CA HIS A 35 20.38 -15.30 16.38
C HIS A 35 21.28 -15.72 15.23
N ARG A 36 21.34 -14.95 14.15
CA ARG A 36 22.19 -15.33 13.02
C ARG A 36 23.51 -14.57 12.96
N ASP A 37 23.42 -13.25 13.17
CA ASP A 37 24.61 -12.38 12.99
C ASP A 37 25.35 -12.21 14.31
N ARG A 38 26.64 -12.56 14.33
CA ARG A 38 27.38 -12.49 15.58
C ARG A 38 27.91 -11.09 15.84
N LEU A 39 28.10 -10.79 17.13
CA LEU A 39 28.79 -9.58 17.57
C LEU A 39 30.26 -9.60 17.16
N CYS A 40 30.72 -8.54 16.52
CA CYS A 40 32.10 -8.48 16.03
C CYS A 40 32.96 -7.46 16.75
N VAL A 41 32.40 -6.32 17.15
CA VAL A 41 33.17 -5.23 17.76
C VAL A 41 32.32 -4.64 18.86
N VAL A 42 32.94 -4.28 19.97
CA VAL A 42 32.31 -3.43 20.98
C VAL A 42 33.18 -2.21 21.22
N GLN A 43 32.57 -1.04 21.18
CA GLN A 43 33.30 0.20 21.40
C GLN A 43 32.79 0.87 22.66
N LEU A 44 33.70 1.39 23.47
CA LEU A 44 33.35 2.06 24.71
C LEU A 44 34.10 3.38 24.79
N SER A 45 33.55 4.29 25.61
CA SER A 45 34.21 5.55 25.89
C SER A 45 33.79 6.04 27.27
N SER A 46 34.73 6.62 28.00
CA SER A 46 34.44 7.26 29.27
C SER A 46 33.94 8.68 29.11
N GLY A 47 33.90 9.19 27.88
CA GLY A 47 33.53 10.57 27.64
C GLY A 47 34.68 11.56 27.61
N ASP A 48 35.91 11.09 27.77
CA ASP A 48 37.07 11.97 27.79
C ASP A 48 37.67 12.20 26.40
N GLY A 49 36.93 11.89 25.34
CA GLY A 49 37.43 12.07 24.00
C GLY A 49 38.30 10.97 23.44
N THR A 50 38.48 9.87 24.17
CA THR A 50 39.20 8.71 23.68
C THR A 50 38.24 7.52 23.63
N ALA A 51 38.64 6.49 22.89
CA ALA A 51 37.75 5.34 22.77
C ALA A 51 38.54 4.04 22.81
N ASP A 52 37.86 2.99 23.25
CA ASP A 52 38.37 1.64 23.19
C ASP A 52 37.53 0.83 22.22
N VAL A 53 38.20 0.14 21.29
CA VAL A 53 37.53 -0.68 20.30
C VAL A 53 37.99 -2.12 20.49
N ILE A 54 37.07 -2.99 20.85
CA ILE A 54 37.38 -4.35 21.26
C ILE A 54 36.87 -5.30 20.18
N GLN A 55 37.80 -6.03 19.57
CA GLN A 55 37.45 -7.00 18.50
C GLN A 55 37.06 -8.33 19.16
N ILE A 56 35.85 -8.82 18.89
CA ILE A 56 35.31 -10.05 19.45
C ILE A 56 35.52 -11.17 18.45
N ALA A 57 36.09 -12.28 18.92
CA ALA A 57 36.39 -13.41 18.05
C ALA A 57 35.11 -14.21 17.82
N LYS A 58 35.06 -14.91 16.70
CA LYS A 58 33.96 -15.85 16.48
C LYS A 58 33.87 -16.89 17.58
N GLY A 59 32.65 -17.08 18.09
CA GLY A 59 32.38 -18.01 19.16
C GLY A 59 32.80 -17.59 20.54
N GLN A 60 33.33 -16.37 20.72
CA GLN A 60 33.76 -15.96 22.04
C GLN A 60 32.56 -15.82 22.97
N LYS A 61 32.65 -16.47 24.14
CA LYS A 61 31.56 -16.52 25.10
C LYS A 61 31.78 -15.68 26.34
N SER A 62 33.01 -15.25 26.60
CA SER A 62 33.38 -14.63 27.87
C SER A 62 34.22 -13.39 27.63
N ALA A 63 33.97 -12.36 28.43
CA ALA A 63 34.81 -11.17 28.47
C ALA A 63 34.71 -10.58 29.87
N PRO A 64 35.41 -11.18 30.84
CA PRO A 64 35.07 -10.92 32.25
C PRO A 64 35.16 -9.46 32.65
N ASN A 65 36.15 -8.71 32.17
CA ASN A 65 36.25 -7.32 32.57
C ASN A 65 35.14 -6.49 31.94
N LEU A 66 34.94 -6.67 30.63
CA LEU A 66 33.82 -6.02 29.94
C LEU A 66 32.49 -6.38 30.58
N VAL A 67 32.26 -7.67 30.86
CA VAL A 67 30.97 -8.07 31.41
C VAL A 67 30.81 -7.53 32.82
N ARG A 68 31.92 -7.44 33.56
CA ARG A 68 31.90 -6.79 34.87
C ARG A 68 31.39 -5.36 34.73
N LEU A 69 31.90 -4.64 33.72
CA LEU A 69 31.43 -3.28 33.49
C LEU A 69 29.94 -3.26 33.17
N LEU A 70 29.51 -4.17 32.30
CA LEU A 70 28.10 -4.21 31.90
C LEU A 70 27.19 -4.53 33.08
N SER A 71 27.67 -5.27 34.07
CA SER A 71 26.86 -5.64 35.21
C SER A 71 26.85 -4.63 36.34
N ASP A 72 27.73 -3.63 36.32
CA ASP A 72 27.86 -2.71 37.46
C ASP A 72 26.67 -1.76 37.44
N ARG A 73 25.75 -1.94 38.38
CA ARG A 73 24.53 -1.15 38.49
C ARG A 73 24.77 0.31 38.87
N ASP A 74 25.97 0.67 39.31
CA ASP A 74 26.30 2.06 39.62
C ASP A 74 26.74 2.87 38.41
N ILE A 75 26.81 2.27 37.24
CA ILE A 75 27.27 2.92 36.01
C ILE A 75 26.15 2.88 34.98
N THR A 76 25.71 4.05 34.54
CA THR A 76 24.72 4.12 33.49
C THR A 76 25.37 3.81 32.15
N LYS A 77 24.80 2.87 31.41
CA LYS A 77 25.25 2.54 30.07
C LYS A 77 24.47 3.36 29.05
N ILE A 78 25.18 4.16 28.26
CA ILE A 78 24.54 5.01 27.26
C ILE A 78 24.60 4.31 25.91
N PHE A 79 23.46 4.20 25.24
CA PHE A 79 23.36 3.60 23.92
C PHE A 79 22.64 4.56 23.01
N HIS A 80 22.82 4.38 21.71
CA HIS A 80 21.89 4.87 20.71
C HIS A 80 21.12 3.68 20.14
N PHE A 81 19.80 3.68 20.30
CA PHE A 81 18.97 2.53 19.98
C PHE A 81 19.45 1.28 20.70
N GLY A 82 19.47 1.38 22.03
CA GLY A 82 19.89 0.27 22.86
C GLY A 82 19.04 -0.97 22.74
N ARG A 83 17.83 -0.85 22.19
CA ARG A 83 17.01 -2.03 21.94
C ARG A 83 17.78 -3.13 21.22
N PHE A 84 18.60 -2.77 20.24
CA PHE A 84 19.39 -3.76 19.51
C PHE A 84 20.62 -4.20 20.28
N ASP A 85 21.42 -3.23 20.72
CA ASP A 85 22.68 -3.55 21.40
C ASP A 85 22.46 -4.38 22.65
N LEU A 86 21.43 -4.07 23.44
CA LEU A 86 21.16 -4.87 24.63
C LEU A 86 20.85 -6.30 24.26
N ALA A 87 20.07 -6.48 23.19
CA ALA A 87 19.72 -7.82 22.74
C ALA A 87 20.96 -8.60 22.34
N ILE A 88 21.81 -8.01 21.50
CA ILE A 88 22.96 -8.76 21.01
C ILE A 88 23.98 -8.99 22.12
N LEU A 89 24.16 -8.02 23.01
CA LEU A 89 25.06 -8.20 24.13
C LEU A 89 24.58 -9.30 25.06
N ALA A 90 23.30 -9.29 25.41
CA ALA A 90 22.78 -10.32 26.29
C ALA A 90 22.84 -11.69 25.64
N HIS A 91 22.54 -11.76 24.35
CA HIS A 91 22.61 -13.05 23.66
C HIS A 91 24.04 -13.56 23.63
N THR A 92 25.02 -12.67 23.51
CA THR A 92 26.40 -13.10 23.33
C THR A 92 27.09 -13.43 24.64
N PHE A 93 26.95 -12.58 25.67
CA PHE A 93 27.71 -12.74 26.89
C PHE A 93 26.91 -13.18 28.10
N GLY A 94 25.58 -13.28 28.00
CA GLY A 94 24.82 -13.85 29.08
C GLY A 94 24.55 -12.92 30.23
N VAL A 95 24.82 -11.63 30.09
CA VAL A 95 24.60 -10.63 31.12
C VAL A 95 23.74 -9.55 30.49
N MET A 96 22.57 -9.32 31.10
CA MET A 96 21.63 -8.30 30.57
C MET A 96 21.81 -6.97 31.34
N PRO A 97 22.38 -5.87 30.77
CA PRO A 97 22.43 -4.59 31.51
C PRO A 97 21.05 -4.15 31.96
N ASP A 98 20.99 -3.51 33.13
CA ASP A 98 19.70 -3.05 33.66
C ASP A 98 19.70 -1.59 34.08
N VAL A 99 20.77 -0.84 33.80
CA VAL A 99 20.82 0.61 34.04
C VAL A 99 21.27 1.26 32.75
N VAL A 100 20.33 1.85 32.01
CA VAL A 100 20.61 2.28 30.65
C VAL A 100 20.02 3.66 30.40
N PHE A 101 20.57 4.31 29.38
CA PHE A 101 20.04 5.53 28.82
C PHE A 101 20.10 5.32 27.32
N CYS A 102 19.02 5.66 26.62
CA CYS A 102 18.94 5.50 25.17
C CYS A 102 18.69 6.84 24.51
N THR A 103 19.59 7.24 23.61
CA THR A 103 19.42 8.53 22.95
C THR A 103 18.27 8.51 21.94
N LYS A 104 17.85 7.35 21.43
CA LYS A 104 16.73 7.34 20.49
C LYS A 104 15.40 7.54 21.20
N ILE A 105 15.18 6.87 22.32
CA ILE A 105 13.98 7.15 23.09
C ILE A 105 13.95 8.60 23.54
N ALA A 106 15.09 9.12 24.01
CA ALA A 106 15.13 10.51 24.42
C ALA A 106 14.82 11.44 23.25
N SER A 107 15.36 11.14 22.07
CA SER A 107 15.06 11.97 20.91
C SER A 107 13.57 11.92 20.58
N LYS A 108 12.97 10.73 20.60
CA LYS A 108 11.55 10.66 20.29
C LYS A 108 10.71 11.36 21.33
N LEU A 109 11.22 11.50 22.56
CA LEU A 109 10.50 12.19 23.61
C LEU A 109 10.80 13.68 23.64
N THR A 110 11.76 14.13 22.88
CA THR A 110 12.15 15.52 23.01
C THR A 110 12.21 16.24 21.67
N ARG A 111 12.75 15.60 20.64
CA ARG A 111 12.83 16.25 19.34
C ARG A 111 11.53 16.02 18.57
N THR A 112 10.47 16.59 19.13
CA THR A 112 9.13 16.42 18.59
C THR A 112 8.89 17.25 17.35
N TYR A 113 9.81 18.13 16.99
CA TYR A 113 9.68 19.00 15.83
C TYR A 113 10.26 18.40 14.57
N THR A 114 10.66 17.14 14.58
CA THR A 114 11.22 16.51 13.39
C THR A 114 10.83 15.04 13.41
N ASP A 115 10.87 14.40 12.25
CA ASP A 115 10.65 12.97 12.19
C ASP A 115 11.90 12.16 11.87
N ARG A 116 13.06 12.81 11.78
CA ARG A 116 14.32 12.14 11.46
C ARG A 116 15.13 12.07 12.75
N HIS A 117 15.25 10.87 13.31
CA HIS A 117 15.88 10.66 14.61
C HIS A 117 17.16 9.84 14.54
N GLY A 118 17.73 9.63 13.38
CA GLY A 118 18.97 8.89 13.30
C GLY A 118 20.13 9.64 13.94
N LEU A 119 21.17 8.87 14.27
CA LEU A 119 22.31 9.44 14.98
C LEU A 119 22.98 10.52 14.15
N LYS A 120 23.07 10.32 12.84
CA LYS A 120 23.71 11.34 12.02
C LYS A 120 22.96 12.65 12.13
N GLU A 121 21.62 12.59 12.04
CA GLU A 121 20.83 13.81 12.08
C GLU A 121 20.89 14.46 13.45
N ILE A 122 20.85 13.66 14.52
CA ILE A 122 20.93 14.23 15.86
C ILE A 122 22.27 14.93 16.07
N CYS A 123 23.38 14.27 15.71
CA CYS A 123 24.68 14.90 15.91
C CYS A 123 24.82 16.14 15.05
N GLY A 124 24.32 16.10 13.82
CA GLY A 124 24.40 17.28 12.96
C GLY A 124 23.61 18.45 13.49
N GLU A 125 22.38 18.21 13.93
CA GLU A 125 21.50 19.28 14.39
C GLU A 125 21.94 19.81 15.75
N LEU A 126 22.22 18.92 16.71
CA LEU A 126 22.41 19.35 18.08
C LEU A 126 23.82 19.85 18.34
N LEU A 127 24.81 19.36 17.61
CA LEU A 127 26.20 19.68 17.90
C LEU A 127 26.96 20.29 16.73
N ASN A 128 26.35 20.33 15.55
CA ASN A 128 27.03 20.71 14.31
C ASN A 128 28.29 19.88 14.05
N VAL A 129 28.22 18.59 14.36
CA VAL A 129 29.31 17.65 14.14
C VAL A 129 28.90 16.72 13.01
N ASN A 130 29.77 16.53 12.03
CA ASN A 130 29.44 15.69 10.88
C ASN A 130 30.02 14.29 11.08
N ILE A 131 29.12 13.33 11.22
CA ILE A 131 29.43 11.90 11.23
C ILE A 131 29.29 11.37 9.80
N SER A 132 30.29 10.66 9.31
CA SER A 132 30.21 10.05 7.99
C SER A 132 29.87 8.58 8.16
N LYS A 133 28.76 8.15 7.54
CA LYS A 133 28.18 6.83 7.73
C LYS A 133 28.61 5.81 6.67
N GLN A 134 29.59 6.14 5.83
CA GLN A 134 29.94 5.30 4.70
C GLN A 134 30.33 3.88 5.12
N GLN A 135 31.02 3.76 6.25
CA GLN A 135 31.55 2.49 6.72
C GLN A 135 30.56 1.70 7.56
N GLN A 136 29.36 2.22 7.81
CA GLN A 136 28.38 1.49 8.61
C GLN A 136 28.11 0.10 8.06
N SER A 137 27.95 -0.02 6.74
CA SER A 137 27.83 -1.31 6.07
C SER A 137 29.20 -1.75 5.56
N SER A 138 29.93 -2.47 6.39
CA SER A 138 31.23 -3.00 6.01
C SER A 138 31.44 -4.33 6.73
N ASP A 139 32.52 -5.01 6.35
CA ASP A 139 32.83 -6.33 6.93
C ASP A 139 33.46 -6.16 8.30
N TRP A 140 32.62 -6.11 9.32
CA TRP A 140 33.07 -5.95 10.69
C TRP A 140 33.74 -7.20 11.25
N ALA A 141 33.66 -8.33 10.56
CA ALA A 141 34.30 -9.56 10.99
C ALA A 141 35.72 -9.72 10.48
N ALA A 142 36.24 -8.74 9.74
CA ALA A 142 37.60 -8.83 9.22
C ALA A 142 38.57 -9.05 10.37
N GLU A 143 39.59 -9.87 10.14
CA GLU A 143 40.58 -10.10 11.19
C GLU A 143 41.22 -8.80 11.63
N THR A 144 41.58 -7.95 10.67
CA THR A 144 42.12 -6.62 10.94
C THR A 144 41.17 -5.58 10.38
N LEU A 145 40.63 -4.73 11.25
CA LEU A 145 39.80 -3.64 10.77
C LEU A 145 40.67 -2.58 10.12
N SER A 146 40.15 -1.95 9.07
CA SER A 146 40.88 -0.86 8.45
C SER A 146 40.84 0.37 9.36
N ARG A 147 41.73 1.31 9.07
CA ARG A 147 41.73 2.56 9.82
C ARG A 147 40.40 3.29 9.71
N ALA A 148 39.80 3.31 8.52
CA ALA A 148 38.50 3.96 8.36
C ALA A 148 37.44 3.30 9.23
N GLN A 149 37.45 1.98 9.32
CA GLN A 149 36.48 1.28 10.17
C GLN A 149 36.68 1.69 11.62
N ILE A 150 37.93 1.74 12.08
CA ILE A 150 38.22 2.08 13.46
C ILE A 150 37.76 3.50 13.76
N GLU A 151 38.04 4.43 12.85
CA GLU A 151 37.62 5.82 13.08
C GLU A 151 36.10 5.95 13.10
N TYR A 152 35.39 5.23 12.23
CA TYR A 152 33.93 5.28 12.27
C TYR A 152 33.40 4.72 13.58
N ALA A 153 33.94 3.57 13.99
CA ALA A 153 33.48 2.94 15.22
C ALA A 153 33.69 3.87 16.39
N ALA A 154 34.83 4.56 16.44
CA ALA A 154 35.01 5.50 17.54
C ALA A 154 34.03 6.66 17.42
N SER A 155 33.76 7.10 16.18
CA SER A 155 32.87 8.23 15.98
C SER A 155 31.47 7.94 16.51
N ASP A 156 31.11 6.66 16.64
CA ASP A 156 29.73 6.29 17.09
C ASP A 156 29.58 6.54 18.59
N VAL A 157 30.68 6.49 19.36
CA VAL A 157 30.61 6.64 20.81
C VAL A 157 31.19 7.94 21.34
N LEU A 158 31.97 8.66 20.54
CA LEU A 158 32.67 9.83 21.05
C LEU A 158 31.73 10.93 21.50
N TYR A 159 30.48 10.93 21.05
CA TYR A 159 29.59 12.07 21.27
C TYR A 159 28.37 11.73 22.13
N LEU A 160 28.24 10.49 22.60
CA LEU A 160 27.01 10.11 23.29
C LEU A 160 26.88 10.79 24.64
N HIS A 161 27.98 11.06 25.34
CA HIS A 161 27.89 11.78 26.61
C HIS A 161 27.32 13.17 26.44
N ARG A 162 27.78 13.92 25.44
CA ARG A 162 27.25 15.27 25.24
C ARG A 162 25.77 15.22 24.88
N LEU A 163 25.37 14.22 24.09
CA LEU A 163 23.96 14.07 23.78
C LEU A 163 23.17 13.75 25.03
N LYS A 164 23.68 12.84 25.87
CA LYS A 164 22.98 12.52 27.11
C LYS A 164 22.79 13.76 27.96
N ASP A 165 23.83 14.57 28.09
CA ASP A 165 23.71 15.80 28.87
C ASP A 165 22.61 16.71 28.33
N ILE A 166 22.60 16.92 27.02
CA ILE A 166 21.58 17.82 26.45
C ILE A 166 20.19 17.22 26.59
N PHE A 167 20.03 15.93 26.28
CA PHE A 167 18.73 15.31 26.41
C PHE A 167 18.22 15.30 27.84
N GLU A 168 19.11 15.13 28.82
CA GLU A 168 18.68 15.21 30.20
C GLU A 168 18.19 16.62 30.53
N GLU A 169 18.88 17.64 30.00
CA GLU A 169 18.41 19.00 30.16
C GLU A 169 17.02 19.18 29.56
N ARG A 170 16.79 18.64 28.37
CA ARG A 170 15.48 18.81 27.72
C ARG A 170 14.39 18.08 28.47
N LEU A 171 14.67 16.86 28.94
CA LEU A 171 13.67 16.11 29.68
C LEU A 171 13.30 16.82 30.97
N LYS A 172 14.28 17.44 31.63
CA LYS A 172 13.93 18.21 32.83
C LYS A 172 13.11 19.43 32.46
N ARG A 173 13.49 20.12 31.39
CA ARG A 173 12.83 21.36 30.99
C ARG A 173 11.37 21.15 30.61
N GLU A 174 11.09 20.08 29.86
CA GLU A 174 9.76 19.78 29.37
C GLU A 174 8.97 18.88 30.31
N GLU A 175 9.50 18.59 31.48
CA GLU A 175 8.80 17.87 32.55
C GLU A 175 8.39 16.47 32.11
N ARG A 176 9.33 15.76 31.49
CA ARG A 176 9.11 14.41 31.00
C ARG A 176 10.10 13.42 31.62
N GLU A 177 10.71 13.80 32.74
CA GLU A 177 11.75 12.96 33.34
C GLU A 177 11.22 11.60 33.77
N SER A 178 10.04 11.56 34.39
CA SER A 178 9.54 10.27 34.87
C SER A 178 9.10 9.35 33.73
N VAL A 179 8.60 9.93 32.63
CA VAL A 179 8.27 9.12 31.46
C VAL A 179 9.53 8.46 30.91
N ALA A 180 10.58 9.27 30.71
CA ALA A 180 11.82 8.74 30.19
C ALA A 180 12.39 7.69 31.12
N LYS A 181 12.36 7.95 32.44
CA LYS A 181 12.90 6.97 33.38
C LYS A 181 12.17 5.65 33.26
N ALA A 182 10.84 5.68 33.13
CA ALA A 182 10.09 4.44 32.98
C ALA A 182 10.44 3.73 31.68
N CYS A 183 10.59 4.48 30.58
CA CYS A 183 10.99 3.86 29.32
C CYS A 183 12.35 3.20 29.42
N PHE A 184 13.32 3.88 30.02
CA PHE A 184 14.65 3.29 30.16
C PHE A 184 14.63 2.08 31.07
N GLN A 185 13.78 2.10 32.10
CA GLN A 185 13.67 0.95 32.97
C GLN A 185 13.07 -0.24 32.24
N PHE A 186 12.16 0.01 31.30
CA PHE A 186 11.56 -1.09 30.54
C PHE A 186 12.42 -1.59 29.39
N LEU A 187 13.35 -0.77 28.90
CA LEU A 187 14.09 -1.12 27.68
C LEU A 187 14.74 -2.50 27.69
N PRO A 188 15.40 -2.96 28.76
CA PRO A 188 15.96 -4.32 28.74
C PRO A 188 14.94 -5.42 28.49
N MET A 189 13.71 -5.28 28.97
CA MET A 189 12.75 -6.33 28.66
C MET A 189 12.28 -6.24 27.21
N ARG A 190 12.21 -5.04 26.63
CA ARG A 190 11.96 -4.93 25.20
C ARG A 190 13.05 -5.65 24.40
N ALA A 191 14.30 -5.50 24.81
CA ALA A 191 15.38 -6.23 24.13
C ALA A 191 15.26 -7.73 24.34
N ASN A 192 14.92 -8.17 25.55
CA ASN A 192 14.73 -9.60 25.79
C ASN A 192 13.61 -10.15 24.94
N LEU A 193 12.48 -9.44 24.89
CA LEU A 193 11.39 -9.82 24.00
C LEU A 193 11.87 -9.97 22.57
N ASP A 194 12.77 -9.08 22.14
CA ASP A 194 13.33 -9.24 20.76
C ASP A 194 14.06 -10.58 20.66
N LEU A 195 14.89 -10.89 21.66
CA LEU A 195 15.63 -12.16 21.61
C LEU A 195 14.71 -13.38 21.64
N LEU A 196 13.59 -13.31 22.34
CA LEU A 196 12.72 -14.48 22.50
C LEU A 196 11.86 -14.74 21.28
N GLY A 197 11.75 -13.80 20.36
CA GLY A 197 11.01 -14.08 19.14
C GLY A 197 9.92 -13.11 18.76
N TRP A 198 9.81 -12.00 19.48
CA TRP A 198 8.81 -10.99 19.19
C TRP A 198 9.42 -9.75 18.53
N SER A 199 10.52 -9.94 17.82
CA SER A 199 11.22 -8.78 17.27
C SER A 199 10.38 -8.01 16.26
N GLU A 200 9.41 -8.66 15.64
CA GLU A 200 8.56 -7.98 14.68
C GLU A 200 7.21 -7.58 15.28
N ILE A 201 7.04 -7.70 16.59
CA ILE A 201 5.76 -7.51 17.25
C ILE A 201 5.84 -6.35 18.23
N ASP A 202 4.94 -5.39 18.08
CA ASP A 202 4.68 -4.37 19.11
C ASP A 202 3.77 -4.98 20.16
N ILE A 203 4.32 -5.33 21.32
CA ILE A 203 3.55 -6.09 22.29
C ILE A 203 2.36 -5.29 22.85
N PHE A 204 2.39 -3.97 22.75
CA PHE A 204 1.31 -3.15 23.30
C PHE A 204 0.28 -2.73 22.26
N ALA A 205 0.46 -3.07 21.00
CA ALA A 205 -0.46 -2.63 19.97
C ALA A 205 -1.75 -3.45 20.02
N HIS A 206 -2.84 -2.84 19.56
CA HIS A 206 -4.09 -3.58 19.43
C HIS A 206 -3.96 -4.68 18.40
N SER A 207 -3.27 -4.41 17.29
CA SER A 207 -3.00 -5.44 16.30
C SER A 207 -1.64 -5.20 15.64
N THR C 3 16.56 44.33 6.46
CA THR C 3 15.97 43.34 7.36
C THR C 3 15.22 44.01 8.50
N GLU C 4 15.97 44.58 9.46
CA GLU C 4 15.39 45.27 10.61
C GLU C 4 14.41 44.37 11.34
N ILE C 5 14.93 43.21 11.76
CA ILE C 5 14.17 42.26 12.57
C ILE C 5 14.21 42.68 14.03
N ARG C 6 13.05 43.03 14.58
CA ARG C 6 12.93 43.42 15.98
C ARG C 6 12.49 42.21 16.80
N VAL C 7 13.28 41.83 17.80
CA VAL C 7 12.98 40.65 18.63
C VAL C 7 12.45 41.10 19.99
N HIS C 8 11.31 40.54 20.40
CA HIS C 8 10.68 40.91 21.66
C HIS C 8 10.40 39.68 22.53
N GLN C 9 10.27 39.93 23.83
CA GLN C 9 9.86 38.95 24.81
C GLN C 9 8.41 39.20 25.21
N GLY C 10 7.56 38.21 25.03
CA GLY C 10 6.18 38.27 25.51
C GLY C 10 5.13 38.95 24.65
N ASP C 11 5.40 40.17 24.17
CA ASP C 11 4.36 40.89 23.45
C ASP C 11 4.97 42.02 22.65
N LEU C 12 4.21 42.51 21.68
CA LEU C 12 4.56 43.77 21.04
C LEU C 12 4.51 44.90 22.06
N PRO C 13 5.37 45.90 21.96
CA PRO C 13 5.21 47.04 22.86
C PRO C 13 3.97 47.88 22.55
N ASN C 14 3.60 47.98 21.28
CA ASN C 14 2.41 48.73 20.85
C ASN C 14 2.14 48.37 19.39
N LEU C 15 1.06 48.94 18.85
CA LEU C 15 0.68 48.70 17.47
C LEU C 15 0.95 49.91 16.58
N ASP C 16 1.87 50.78 16.97
CA ASP C 16 2.11 52.02 16.21
C ASP C 16 2.56 51.74 14.79
N ASN C 17 3.27 50.65 14.58
CA ASN C 17 3.78 50.23 13.28
C ASN C 17 2.81 49.35 12.49
N TYR C 18 1.62 49.09 13.01
CA TYR C 18 0.69 48.12 12.44
C TYR C 18 -0.69 48.72 12.25
N ARG C 19 -0.73 50.00 11.88
CA ARG C 19 -1.95 50.66 11.43
C ARG C 19 -2.11 50.48 9.92
N ILE C 20 -2.41 49.24 9.52
CA ILE C 20 -2.38 48.80 8.14
C ILE C 20 -3.58 47.91 7.89
N ASP C 21 -3.85 47.62 6.61
CA ASP C 21 -5.02 46.84 6.23
C ASP C 21 -4.80 45.33 6.21
N ALA C 22 -3.56 44.87 6.21
CA ALA C 22 -3.30 43.43 6.18
C ALA C 22 -1.97 43.16 6.87
N VAL C 23 -1.92 42.10 7.66
CA VAL C 23 -0.70 41.74 8.38
C VAL C 23 -0.37 40.28 8.09
N ALA C 24 0.90 40.02 7.80
CA ALA C 24 1.41 38.67 7.63
C ALA C 24 1.74 38.06 8.98
N VAL C 25 1.33 36.82 9.18
CA VAL C 25 1.44 36.15 10.48
C VAL C 25 2.01 34.76 10.25
N ASP C 26 2.95 34.35 11.11
CA ASP C 26 3.49 32.97 11.05
C ASP C 26 3.94 32.60 12.45
N THR C 27 3.91 31.30 12.79
CA THR C 27 4.26 30.82 14.12
C THR C 27 5.36 29.78 14.00
N GLU C 28 5.98 29.45 15.15
CA GLU C 28 6.97 28.35 15.24
C GLU C 28 6.64 27.60 16.54
N THR C 29 6.56 26.26 16.52
CA THR C 29 6.15 25.45 17.66
C THR C 29 7.14 24.30 17.78
N LEU C 30 6.95 23.45 18.80
CA LEU C 30 7.70 22.21 18.93
C LEU C 30 7.13 21.06 18.10
N GLY C 31 6.09 21.26 17.32
CA GLY C 31 5.59 20.17 16.51
C GLY C 31 4.18 20.40 16.04
N LEU C 32 3.63 19.35 15.43
CA LEU C 32 2.39 19.41 14.70
C LEU C 32 1.14 19.18 15.56
N GLN C 33 1.30 18.92 16.85
CA GLN C 33 0.17 18.55 17.70
C GLN C 33 -0.08 19.62 18.74
N PRO C 34 -1.08 20.49 18.54
CA PRO C 34 -1.23 21.67 19.41
C PRO C 34 -1.41 21.34 20.88
N HIS C 35 -1.98 20.19 21.23
CA HIS C 35 -2.17 19.88 22.64
C HIS C 35 -0.86 19.56 23.34
N ARG C 36 0.15 19.10 22.61
CA ARG C 36 1.43 18.80 23.23
C ARG C 36 2.49 19.86 23.04
N ASP C 37 2.55 20.51 21.88
CA ASP C 37 3.71 21.29 21.45
C ASP C 37 3.42 22.79 21.47
N ARG C 38 4.01 23.50 22.42
CA ARG C 38 3.65 24.88 22.71
C ARG C 38 4.14 25.85 21.63
N LEU C 39 3.43 26.97 21.52
CA LEU C 39 3.86 28.10 20.70
C LEU C 39 5.13 28.75 21.24
N CYS C 40 6.14 28.92 20.40
CA CYS C 40 7.42 29.47 20.80
C CYS C 40 7.73 30.83 20.20
N VAL C 41 7.32 31.07 18.96
CA VAL C 41 7.63 32.30 18.26
C VAL C 41 6.40 32.71 17.47
N VAL C 42 6.15 34.02 17.40
CA VAL C 42 5.19 34.57 16.46
C VAL C 42 5.91 35.62 15.62
N GLN C 43 5.72 35.55 14.31
CA GLN C 43 6.36 36.46 13.38
C GLN C 43 5.31 37.32 12.71
N LEU C 44 5.54 38.62 12.72
CA LEU C 44 4.62 39.57 12.12
C LEU C 44 5.38 40.45 11.14
N SER C 45 4.68 40.93 10.13
CA SER C 45 5.26 41.88 9.20
C SER C 45 4.18 42.83 8.71
N SER C 46 4.53 44.11 8.59
CA SER C 46 3.62 45.08 8.01
C SER C 46 3.66 45.08 6.49
N GLY C 47 4.56 44.30 5.90
CA GLY C 47 4.77 44.29 4.48
C GLY C 47 5.80 45.27 3.99
N ASP C 48 6.44 46.02 4.89
CA ASP C 48 7.42 47.02 4.53
C ASP C 48 8.85 46.48 4.51
N GLY C 49 9.02 45.17 4.50
CA GLY C 49 10.34 44.60 4.51
C GLY C 49 10.98 44.42 5.87
N THR C 50 10.28 44.75 6.95
CA THR C 50 10.76 44.51 8.29
C THR C 50 9.85 43.51 8.98
N ALA C 51 10.34 42.90 10.05
CA ALA C 51 9.56 41.90 10.76
C ALA C 51 9.77 42.02 12.26
N ASP C 52 8.74 41.55 12.98
CA ASP C 52 8.79 41.50 14.47
C ASP C 52 8.72 40.03 14.86
N VAL C 53 9.69 39.54 15.63
CA VAL C 53 9.79 38.16 16.06
C VAL C 53 9.61 38.15 17.57
N ILE C 54 8.52 37.55 18.04
CA ILE C 54 8.12 37.60 19.44
C ILE C 54 8.28 36.23 20.04
N GLN C 55 9.17 36.13 21.03
CA GLN C 55 9.35 34.89 21.78
C GLN C 55 8.27 34.76 22.84
N ILE C 56 7.59 33.63 22.84
CA ILE C 56 6.52 33.35 23.80
C ILE C 56 7.07 32.45 24.89
N ALA C 57 6.88 32.82 26.14
CA ALA C 57 7.43 32.07 27.26
C ALA C 57 6.57 30.84 27.54
N LYS C 58 7.21 29.84 28.14
CA LYS C 58 6.47 28.67 28.62
C LYS C 58 5.38 29.06 29.61
N GLY C 59 4.18 28.55 29.37
CA GLY C 59 3.00 28.77 30.17
C GLY C 59 2.35 30.12 29.99
N GLN C 60 2.87 30.96 29.10
CA GLN C 60 2.28 32.27 28.90
C GLN C 60 0.90 32.14 28.27
N LYS C 61 -0.10 32.77 28.88
CA LYS C 61 -1.49 32.62 28.45
C LYS C 61 -2.00 33.86 27.75
N SER C 62 -1.31 34.99 27.85
CA SER C 62 -1.82 36.27 27.39
C SER C 62 -0.73 37.02 26.64
N ALA C 63 -1.15 37.74 25.60
CA ALA C 63 -0.28 38.68 24.89
C ALA C 63 -1.17 39.76 24.33
N PRO C 64 -1.64 40.68 25.17
CA PRO C 64 -2.80 41.51 24.81
C PRO C 64 -2.64 42.36 23.55
N ASN C 65 -1.48 42.96 23.30
CA ASN C 65 -1.39 43.83 22.12
C ASN C 65 -1.40 42.99 20.83
N LEU C 66 -0.60 41.94 20.79
CA LEU C 66 -0.63 41.02 19.67
C LEU C 66 -2.03 40.46 19.46
N VAL C 67 -2.67 40.02 20.54
CA VAL C 67 -3.98 39.40 20.39
C VAL C 67 -5.02 40.41 19.94
N ARG C 68 -4.91 41.66 20.42
CA ARG C 68 -5.76 42.72 19.91
C ARG C 68 -5.61 42.85 18.40
N LEU C 69 -4.38 42.81 17.91
CA LEU C 69 -4.18 42.87 16.46
C LEU C 69 -4.83 41.68 15.78
N LEU C 70 -4.63 40.48 16.33
CA LEU C 70 -5.18 39.26 15.73
C LEU C 70 -6.70 39.29 15.68
N SER C 71 -7.34 39.97 16.63
CA SER C 71 -8.79 39.99 16.72
C SER C 71 -9.41 41.22 16.07
N ASP C 72 -8.62 42.11 15.49
CA ASP C 72 -9.16 43.30 14.87
C ASP C 72 -9.71 42.88 13.51
N ARG C 73 -11.03 42.88 13.38
CA ARG C 73 -11.69 42.39 12.18
C ARG C 73 -11.50 43.28 10.97
N ASP C 74 -10.97 44.49 11.12
CA ASP C 74 -10.68 45.33 9.97
C ASP C 74 -9.33 45.04 9.32
N ILE C 75 -8.57 44.08 9.87
CA ILE C 75 -7.24 43.72 9.37
C ILE C 75 -7.26 42.26 8.99
N THR C 76 -6.98 41.97 7.72
CA THR C 76 -6.86 40.60 7.25
C THR C 76 -5.53 40.00 7.70
N LYS C 77 -5.60 38.84 8.33
CA LYS C 77 -4.42 38.08 8.72
C LYS C 77 -4.05 37.12 7.60
N ILE C 78 -2.84 37.25 7.07
CA ILE C 78 -2.36 36.39 6.01
C ILE C 78 -1.51 35.29 6.61
N PHE C 79 -1.81 34.05 6.25
CA PHE C 79 -1.06 32.89 6.68
C PHE C 79 -0.68 32.09 5.45
N HIS C 80 0.31 31.22 5.62
CA HIS C 80 0.52 30.08 4.75
C HIS C 80 0.17 28.81 5.51
N PHE C 81 -0.82 28.06 5.02
CA PHE C 81 -1.38 26.92 5.75
C PHE C 81 -1.88 27.35 7.12
N GLY C 82 -2.83 28.28 7.10
CA GLY C 82 -3.40 28.78 8.34
C GLY C 82 -4.12 27.74 9.17
N ARG C 83 -4.50 26.60 8.58
CA ARG C 83 -5.10 25.53 9.36
C ARG C 83 -4.31 25.22 10.62
N PHE C 84 -2.98 25.21 10.53
CA PHE C 84 -2.16 24.92 11.70
C PHE C 84 -2.00 26.15 12.60
N ASP C 85 -1.58 27.27 12.02
CA ASP C 85 -1.30 28.47 12.81
C ASP C 85 -2.53 28.92 13.59
N LEU C 86 -3.70 28.92 12.96
CA LEU C 86 -4.92 29.31 13.65
C LEU C 86 -5.18 28.40 14.84
N ALA C 87 -4.94 27.11 14.67
CA ALA C 87 -5.19 26.16 15.75
C ALA C 87 -4.27 26.44 16.92
N ILE C 88 -2.97 26.61 16.66
CA ILE C 88 -2.05 26.79 17.78
C ILE C 88 -2.27 28.15 18.44
N LEU C 89 -2.61 29.19 17.66
CA LEU C 89 -2.87 30.50 18.25
C LEU C 89 -4.10 30.45 19.14
N ALA C 90 -5.18 29.83 18.66
CA ALA C 90 -6.39 29.74 19.46
C ALA C 90 -6.15 28.90 20.71
N HIS C 91 -5.38 27.83 20.58
CA HIS C 91 -5.13 26.99 21.74
C HIS C 91 -4.34 27.77 22.78
N THR C 92 -3.44 28.63 22.33
CA THR C 92 -2.56 29.30 23.28
C THR C 92 -3.23 30.53 23.89
N PHE C 93 -3.88 31.37 23.07
CA PHE C 93 -4.40 32.63 23.59
C PHE C 93 -5.91 32.72 23.62
N GLY C 94 -6.65 31.74 23.12
CA GLY C 94 -8.08 31.73 23.30
C GLY C 94 -8.88 32.61 22.36
N VAL C 95 -8.26 33.18 21.33
CA VAL C 95 -8.93 34.06 20.37
C VAL C 95 -8.71 33.53 18.96
N MET C 96 -9.84 33.29 18.28
CA MET C 96 -9.82 32.75 16.91
C MET C 96 -9.95 33.90 15.89
N PRO C 97 -8.91 34.28 15.08
CA PRO C 97 -9.09 35.30 14.04
C PRO C 97 -10.21 34.89 13.09
N ASP C 98 -10.93 35.89 12.56
CA ASP C 98 -12.02 35.57 11.66
C ASP C 98 -11.97 36.30 10.32
N VAL C 99 -10.89 37.02 10.02
CA VAL C 99 -10.69 37.62 8.71
C VAL C 99 -9.30 37.17 8.27
N VAL C 100 -9.24 36.18 7.38
CA VAL C 100 -7.98 35.51 7.08
C VAL C 100 -7.84 35.32 5.58
N PHE C 101 -6.59 35.13 5.17
CA PHE C 101 -6.21 34.74 3.81
C PHE C 101 -5.16 33.66 3.96
N CYS C 102 -5.29 32.57 3.21
CA CYS C 102 -4.36 31.46 3.27
C CYS C 102 -3.72 31.25 1.90
N THR C 103 -2.39 31.33 1.85
CA THR C 103 -1.68 31.16 0.59
C THR C 103 -1.70 29.71 0.10
N LYS C 104 -1.94 28.74 0.98
CA LYS C 104 -2.01 27.36 0.51
C LYS C 104 -3.31 27.10 -0.24
N ILE C 105 -4.43 27.56 0.31
CA ILE C 105 -5.70 27.49 -0.41
C ILE C 105 -5.61 28.24 -1.73
N ALA C 106 -5.03 29.43 -1.72
CA ALA C 106 -4.91 30.20 -2.96
C ALA C 106 -4.08 29.45 -3.99
N SER C 107 -2.98 28.81 -3.56
CA SER C 107 -2.17 28.02 -4.48
C SER C 107 -2.98 26.87 -5.04
N LYS C 108 -3.70 26.15 -4.18
CA LYS C 108 -4.48 25.02 -4.67
C LYS C 108 -5.60 25.48 -5.61
N LEU C 109 -6.04 26.72 -5.50
CA LEU C 109 -7.07 27.22 -6.39
C LEU C 109 -6.51 27.89 -7.64
N THR C 110 -5.22 28.12 -7.72
CA THR C 110 -4.75 28.87 -8.89
C THR C 110 -3.59 28.19 -9.58
N ARG C 111 -2.64 27.65 -8.82
CA ARG C 111 -1.46 26.99 -9.40
C ARG C 111 -1.79 25.52 -9.69
N THR C 112 -2.74 25.34 -10.60
CA THR C 112 -3.21 24.01 -10.98
C THR C 112 -2.22 23.27 -11.86
N TYR C 113 -1.17 23.93 -12.32
CA TYR C 113 -0.16 23.34 -13.18
C TYR C 113 0.98 22.70 -12.43
N THR C 114 0.89 22.56 -11.11
CA THR C 114 1.94 21.92 -10.34
C THR C 114 1.28 21.18 -9.18
N ASP C 115 2.01 20.22 -8.61
CA ASP C 115 1.54 19.52 -7.42
C ASP C 115 2.33 19.89 -6.18
N ARG C 116 3.19 20.89 -6.27
CA ARG C 116 4.06 21.30 -5.18
C ARG C 116 3.56 22.65 -4.68
N HIS C 117 2.95 22.66 -3.49
CA HIS C 117 2.34 23.88 -2.97
C HIS C 117 3.00 24.38 -1.70
N GLY C 118 4.19 23.88 -1.36
CA GLY C 118 4.90 24.40 -0.21
C GLY C 118 5.37 25.81 -0.44
N LEU C 119 5.66 26.50 0.67
CA LEU C 119 6.05 27.90 0.60
C LEU C 119 7.34 28.08 -0.20
N LYS C 120 8.29 27.18 -0.04
CA LYS C 120 9.54 27.31 -0.78
C LYS C 120 9.28 27.28 -2.29
N GLU C 121 8.47 26.32 -2.74
CA GLU C 121 8.21 26.19 -4.17
C GLU C 121 7.41 27.39 -4.69
N ILE C 122 6.44 27.88 -3.92
CA ILE C 122 5.68 29.05 -4.32
C ILE C 122 6.59 30.26 -4.47
N CYS C 123 7.44 30.50 -3.47
CA CYS C 123 8.33 31.65 -3.53
C CYS C 123 9.30 31.51 -4.69
N GLY C 124 9.79 30.31 -4.94
CA GLY C 124 10.70 30.10 -6.05
C GLY C 124 10.05 30.40 -7.39
N GLU C 125 8.83 29.89 -7.57
CA GLU C 125 8.14 30.03 -8.86
C GLU C 125 7.65 31.46 -9.10
N LEU C 126 7.00 32.06 -8.10
CA LEU C 126 6.32 33.33 -8.35
C LEU C 126 7.25 34.54 -8.27
N LEU C 127 8.31 34.49 -7.46
CA LEU C 127 9.13 35.67 -7.25
C LEU C 127 10.60 35.45 -7.57
N ASN C 128 11.00 34.23 -7.91
CA ASN C 128 12.41 33.84 -8.03
C ASN C 128 13.22 34.25 -6.80
N VAL C 129 12.65 34.02 -5.62
CA VAL C 129 13.33 34.26 -4.35
C VAL C 129 13.59 32.91 -3.70
N ASN C 130 14.82 32.67 -3.25
CA ASN C 130 15.18 31.39 -2.64
C ASN C 130 15.08 31.49 -1.12
N ILE C 131 14.10 30.80 -0.55
CA ILE C 131 13.95 30.62 0.90
C ILE C 131 14.68 29.34 1.30
N SER C 132 15.54 29.43 2.30
CA SER C 132 16.22 28.24 2.81
C SER C 132 15.52 27.75 4.08
N LYS C 133 15.08 26.50 4.04
CA LYS C 133 14.24 25.88 5.06
C LYS C 133 15.02 25.03 6.06
N GLN C 134 16.35 25.15 6.08
CA GLN C 134 17.17 24.28 6.93
C GLN C 134 16.75 24.41 8.38
N GLN C 135 16.37 25.60 8.81
CA GLN C 135 16.03 25.87 10.20
C GLN C 135 14.58 25.55 10.55
N GLN C 136 13.77 25.13 9.57
CA GLN C 136 12.37 24.80 9.86
C GLN C 136 12.25 23.77 10.97
N SER C 137 13.06 22.72 10.90
CA SER C 137 13.16 21.71 11.94
C SER C 137 14.34 22.06 12.84
N SER C 138 14.09 22.85 13.88
CA SER C 138 15.12 23.20 14.84
C SER C 138 14.50 23.38 16.21
N ASP C 139 15.34 23.55 17.23
CA ASP C 139 14.86 23.70 18.59
C ASP C 139 14.41 25.14 18.82
N TRP C 140 13.14 25.39 18.55
CA TRP C 140 12.52 26.69 18.68
C TRP C 140 12.29 27.11 20.13
N ALA C 141 12.46 26.21 21.09
CA ALA C 141 12.25 26.56 22.49
C ALA C 141 13.47 27.11 23.20
N ALA C 142 14.60 27.25 22.52
CA ALA C 142 15.80 27.78 23.17
C ALA C 142 15.48 29.15 23.76
N GLU C 143 16.03 29.43 24.95
CA GLU C 143 15.79 30.73 25.57
C GLU C 143 16.23 31.87 24.67
N THR C 144 17.39 31.73 24.02
CA THR C 144 17.88 32.73 23.08
C THR C 144 17.97 32.09 21.70
N LEU C 145 17.22 32.62 20.74
CA LEU C 145 17.30 32.14 19.38
C LEU C 145 18.60 32.61 18.72
N SER C 146 19.15 31.75 17.87
CA SER C 146 20.34 32.10 17.11
C SER C 146 20.00 33.07 16.00
N ARG C 147 21.03 33.72 15.46
CA ARG C 147 20.83 34.61 14.33
C ARG C 147 20.23 33.89 13.12
N ALA C 148 20.69 32.66 12.84
CA ALA C 148 20.14 31.90 11.73
C ALA C 148 18.65 31.63 11.93
N GLN C 149 18.25 31.29 13.15
CA GLN C 149 16.84 31.09 13.42
C GLN C 149 16.06 32.36 13.18
N ILE C 150 16.58 33.49 13.63
CA ILE C 150 15.87 34.76 13.49
C ILE C 150 15.72 35.13 12.02
N GLU C 151 16.78 34.96 11.23
CA GLU C 151 16.68 35.32 9.81
C GLU C 151 15.70 34.40 9.08
N TYR C 152 15.70 33.10 9.40
CA TYR C 152 14.73 32.20 8.78
C TYR C 152 13.31 32.58 9.18
N ALA C 153 13.09 32.82 10.48
CA ALA C 153 11.78 33.16 10.96
C ALA C 153 11.25 34.41 10.28
N ALA C 154 12.11 35.41 10.10
CA ALA C 154 11.62 36.59 9.40
C ALA C 154 11.36 36.26 7.95
N SER C 155 12.19 35.41 7.35
CA SER C 155 12.02 35.08 5.94
C SER C 155 10.67 34.43 5.66
N ASP C 156 10.02 33.88 6.68
CA ASP C 156 8.75 33.16 6.42
C ASP C 156 7.63 34.18 6.20
N VAL C 157 7.77 35.37 6.80
CA VAL C 157 6.70 36.37 6.71
C VAL C 157 7.02 37.51 5.75
N LEU C 158 8.27 37.68 5.34
CA LEU C 158 8.67 38.83 4.54
C LEU C 158 8.00 38.89 3.18
N TYR C 159 7.48 37.78 2.66
CA TYR C 159 7.01 37.75 1.29
C TYR C 159 5.52 37.50 1.13
N LEU C 160 4.76 37.35 2.22
CA LEU C 160 3.36 36.96 2.07
C LEU C 160 2.50 38.06 1.45
N HIS C 161 2.80 39.33 1.68
CA HIS C 161 2.03 40.39 1.04
C HIS C 161 2.14 40.34 -0.48
N ARG C 162 3.35 40.15 -0.99
CA ARG C 162 3.56 40.08 -2.44
C ARG C 162 2.83 38.88 -3.03
N LEU C 163 2.82 37.76 -2.30
CA LEU C 163 2.09 36.59 -2.75
C LEU C 163 0.60 36.86 -2.75
N LYS C 164 0.09 37.47 -1.69
CA LYS C 164 -1.33 37.80 -1.65
C LYS C 164 -1.72 38.67 -2.83
N ASP C 165 -0.88 39.64 -3.18
CA ASP C 165 -1.20 40.50 -4.31
C ASP C 165 -1.28 39.71 -5.61
N ILE C 166 -0.33 38.81 -5.82
CA ILE C 166 -0.36 38.03 -7.05
C ILE C 166 -1.54 37.07 -7.05
N PHE C 167 -1.77 36.38 -5.95
CA PHE C 167 -2.88 35.43 -5.88
C PHE C 167 -4.22 36.13 -6.04
N GLU C 168 -4.38 37.35 -5.52
CA GLU C 168 -5.62 38.06 -5.76
C GLU C 168 -5.79 38.36 -7.24
N GLU C 169 -4.70 38.73 -7.91
CA GLU C 169 -4.77 38.91 -9.36
C GLU C 169 -5.18 37.60 -10.06
N ARG C 170 -4.61 36.48 -9.65
CA ARG C 170 -4.94 35.20 -10.29
C ARG C 170 -6.37 34.77 -10.02
N LEU C 171 -6.84 34.96 -8.79
CA LEU C 171 -8.21 34.59 -8.46
C LEU C 171 -9.21 35.43 -9.24
N LYS C 172 -8.93 36.72 -9.43
CA LYS C 172 -9.85 37.51 -10.25
C LYS C 172 -9.78 37.10 -11.71
N ARG C 173 -8.57 36.90 -12.24
CA ARG C 173 -8.41 36.54 -13.64
C ARG C 173 -9.10 35.22 -13.96
N GLU C 174 -8.98 34.24 -13.05
CA GLU C 174 -9.54 32.88 -13.30
C GLU C 174 -10.97 32.79 -12.74
N GLU C 175 -11.50 33.88 -12.16
CA GLU C 175 -12.90 33.94 -11.68
C GLU C 175 -13.21 32.99 -10.53
N ARG C 176 -12.36 32.97 -9.50
CA ARG C 176 -12.56 32.08 -8.36
C ARG C 176 -12.67 32.81 -7.02
N GLU C 177 -12.99 34.10 -7.01
CA GLU C 177 -13.05 34.84 -5.75
C GLU C 177 -14.11 34.32 -4.79
N SER C 178 -15.31 33.98 -5.27
CA SER C 178 -16.31 33.53 -4.31
C SER C 178 -15.95 32.17 -3.73
N VAL C 179 -15.29 31.32 -4.52
CA VAL C 179 -14.80 30.05 -4.00
C VAL C 179 -13.78 30.29 -2.91
N ALA C 180 -12.78 31.13 -3.19
CA ALA C 180 -11.76 31.41 -2.19
C ALA C 180 -12.37 32.03 -0.95
N LYS C 181 -13.30 32.97 -1.12
CA LYS C 181 -13.92 33.60 0.02
C LYS C 181 -14.62 32.58 0.91
N ALA C 182 -15.35 31.63 0.31
CA ALA C 182 -16.01 30.62 1.11
C ALA C 182 -15.01 29.70 1.82
N CYS C 183 -13.93 29.35 1.14
CA CYS C 183 -12.89 28.55 1.79
C CYS C 183 -12.27 29.29 2.97
N PHE C 184 -11.96 30.57 2.80
CA PHE C 184 -11.39 31.33 3.90
C PHE C 184 -12.37 31.48 5.04
N GLN C 185 -13.65 31.61 4.74
CA GLN C 185 -14.65 31.69 5.80
C GLN C 185 -14.73 30.40 6.58
N PHE C 186 -14.55 29.25 5.91
CA PHE C 186 -14.60 28.00 6.65
C PHE C 186 -13.31 27.67 7.37
N LEU C 187 -12.18 28.23 6.96
CA LEU C 187 -10.90 27.82 7.52
C LEU C 187 -10.85 27.89 9.05
N PRO C 188 -11.33 28.94 9.71
CA PRO C 188 -11.35 28.93 11.18
C PRO C 188 -12.11 27.77 11.80
N MET C 189 -13.19 27.32 11.18
CA MET C 189 -13.89 26.17 11.74
C MET C 189 -13.13 24.88 11.51
N ARG C 190 -12.40 24.78 10.40
CA ARG C 190 -11.50 23.65 10.21
C ARG C 190 -10.44 23.60 11.31
N ALA C 191 -9.89 24.77 11.67
CA ALA C 191 -8.93 24.80 12.77
C ALA C 191 -9.57 24.43 14.10
N ASN C 192 -10.78 24.92 14.36
CA ASN C 192 -11.47 24.54 15.59
C ASN C 192 -11.69 23.03 15.63
N LEU C 193 -12.09 22.45 14.49
CA LEU C 193 -12.25 21.01 14.41
C LEU C 193 -10.95 20.30 14.75
N ASP C 194 -9.82 20.85 14.32
CA ASP C 194 -8.53 20.27 14.69
C ASP C 194 -8.36 20.28 16.19
N LEU C 195 -8.67 21.40 16.83
CA LEU C 195 -8.52 21.45 18.28
C LEU C 195 -9.45 20.47 18.98
N LEU C 196 -10.64 20.23 18.43
CA LEU C 196 -11.59 19.35 19.10
C LEU C 196 -11.30 17.87 18.90
N GLY C 197 -10.45 17.51 17.95
CA GLY C 197 -10.11 16.10 17.82
C GLY C 197 -10.30 15.45 16.47
N TRP C 198 -10.64 16.23 15.46
CA TRP C 198 -10.82 15.71 14.11
C TRP C 198 -9.65 16.07 13.20
N SER C 199 -8.46 16.22 13.78
CA SER C 199 -7.33 16.67 13.00
C SER C 199 -6.97 15.69 11.89
N GLU C 200 -7.30 14.41 12.05
CA GLU C 200 -6.97 13.43 11.04
C GLU C 200 -8.14 13.06 10.15
N ILE C 201 -9.25 13.78 10.22
CA ILE C 201 -10.46 13.42 9.49
C ILE C 201 -10.81 14.56 8.55
N ASP C 202 -10.95 14.25 7.27
CA ASP C 202 -11.58 15.15 6.31
C ASP C 202 -13.09 15.00 6.48
N ILE C 203 -13.72 15.98 7.12
CA ILE C 203 -15.11 15.84 7.52
C ILE C 203 -16.07 15.75 6.34
N PHE C 204 -15.67 16.14 5.14
CA PHE C 204 -16.59 16.11 4.02
C PHE C 204 -16.45 14.86 3.15
N ALA C 205 -15.49 14.01 3.45
CA ALA C 205 -15.23 12.84 2.62
C ALA C 205 -16.26 11.76 2.87
N HIS C 206 -16.50 10.93 1.85
CA HIS C 206 -17.39 9.79 2.03
C HIS C 206 -16.81 8.82 3.05
N SER C 207 -15.50 8.61 3.01
CA SER C 207 -14.81 7.80 3.99
C SER C 207 -13.42 8.35 4.23
N THR E 3 18.10 29.68 -34.08
CA THR E 3 16.72 29.22 -34.23
C THR E 3 15.81 30.36 -34.70
N GLU E 4 14.62 29.99 -35.14
CA GLU E 4 13.57 30.96 -35.48
C GLU E 4 12.30 30.51 -34.78
N ILE E 5 11.76 31.37 -33.93
CA ILE E 5 10.49 31.10 -33.27
C ILE E 5 9.55 32.26 -33.58
N ARG E 6 8.47 31.97 -34.29
CA ARG E 6 7.49 32.99 -34.62
C ARG E 6 6.35 32.90 -33.60
N VAL E 7 6.08 34.01 -32.91
CA VAL E 7 5.05 34.04 -31.88
C VAL E 7 3.84 34.76 -32.45
N HIS E 8 2.67 34.14 -32.31
CA HIS E 8 1.45 34.70 -32.87
C HIS E 8 0.37 34.81 -31.80
N GLN E 9 -0.58 35.69 -32.07
CA GLN E 9 -1.79 35.85 -31.27
C GLN E 9 -2.98 35.27 -32.02
N GLY E 10 -3.64 34.31 -31.40
CA GLY E 10 -4.88 33.74 -31.92
C GLY E 10 -4.80 32.64 -32.95
N ASP E 11 -4.02 32.84 -34.01
CA ASP E 11 -4.02 31.88 -35.11
C ASP E 11 -2.77 32.09 -35.96
N LEU E 12 -2.45 31.09 -36.76
CA LEU E 12 -1.47 31.29 -37.81
C LEU E 12 -1.97 32.34 -38.79
N PRO E 13 -1.09 33.17 -39.36
CA PRO E 13 -1.57 34.09 -40.40
C PRO E 13 -1.95 33.39 -41.68
N ASN E 14 -1.25 32.29 -42.01
CA ASN E 14 -1.51 31.50 -43.20
C ASN E 14 -0.76 30.17 -43.02
N LEU E 15 -0.89 29.31 -44.02
CA LEU E 15 -0.24 28.00 -44.03
C LEU E 15 0.93 27.94 -45.02
N ASP E 16 1.53 29.08 -45.35
CA ASP E 16 2.59 29.10 -46.37
C ASP E 16 3.80 28.26 -45.97
N ASN E 17 4.09 28.16 -44.68
CA ASN E 17 5.23 27.41 -44.15
C ASN E 17 4.90 25.95 -43.87
N TYR E 18 3.69 25.49 -44.16
CA TYR E 18 3.19 24.18 -43.76
C TYR E 18 2.61 23.42 -44.94
N ARG E 19 3.23 23.55 -46.12
CA ARG E 19 2.90 22.69 -47.25
C ARG E 19 3.77 21.43 -47.19
N ILE E 20 3.49 20.60 -46.18
CA ILE E 20 4.35 19.48 -45.80
C ILE E 20 3.47 18.29 -45.46
N ASP E 21 4.10 17.12 -45.34
CA ASP E 21 3.37 15.88 -45.06
C ASP E 21 3.12 15.62 -43.58
N ALA E 22 3.89 16.22 -42.67
CA ALA E 22 3.73 15.94 -41.25
C ALA E 22 4.16 17.16 -40.45
N VAL E 23 3.41 17.45 -39.39
CA VAL E 23 3.67 18.60 -38.53
C VAL E 23 3.73 18.13 -37.08
N ALA E 24 4.75 18.59 -36.36
CA ALA E 24 4.85 18.28 -34.94
C ALA E 24 4.01 19.27 -34.15
N VAL E 25 3.23 18.77 -33.20
CA VAL E 25 2.26 19.56 -32.47
C VAL E 25 2.40 19.28 -30.98
N ASP E 26 2.27 20.32 -30.17
CA ASP E 26 2.20 20.17 -28.72
C ASP E 26 1.34 21.31 -28.21
N THR E 27 0.92 21.19 -26.94
CA THR E 27 0.12 22.21 -26.29
C THR E 27 0.68 22.46 -24.90
N GLU E 28 0.29 23.60 -24.34
CA GLU E 28 0.45 23.85 -22.92
C GLU E 28 -0.87 24.36 -22.35
N THR E 29 -1.12 24.01 -21.10
CA THR E 29 -2.40 24.29 -20.47
C THR E 29 -2.15 24.72 -19.04
N LEU E 30 -3.22 25.04 -18.34
CA LEU E 30 -3.16 25.28 -16.91
C LEU E 30 -3.21 24.03 -16.05
N GLY E 31 -3.25 22.83 -16.61
CA GLY E 31 -3.25 21.64 -15.80
C GLY E 31 -3.75 20.43 -16.56
N LEU E 32 -3.90 19.33 -15.82
CA LEU E 32 -4.15 18.01 -16.38
C LEU E 32 -5.63 17.70 -16.61
N GLN E 33 -6.55 18.60 -16.28
CA GLN E 33 -7.97 18.30 -16.34
C GLN E 33 -8.64 19.17 -17.40
N PRO E 34 -8.93 18.63 -18.58
CA PRO E 34 -9.41 19.49 -19.68
C PRO E 34 -10.67 20.25 -19.36
N HIS E 35 -11.53 19.74 -18.49
CA HIS E 35 -12.75 20.45 -18.15
C HIS E 35 -12.49 21.67 -17.28
N ARG E 36 -11.39 21.68 -16.53
CA ARG E 36 -11.02 22.79 -15.67
C ARG E 36 -9.92 23.67 -16.25
N ASP E 37 -8.94 23.09 -16.95
CA ASP E 37 -7.68 23.76 -17.26
C ASP E 37 -7.62 24.12 -18.73
N ARG E 38 -7.72 25.42 -19.02
CA ARG E 38 -7.91 25.88 -20.39
C ARG E 38 -6.62 25.74 -21.20
N LEU E 39 -6.78 25.61 -22.50
CA LEU E 39 -5.66 25.68 -23.43
C LEU E 39 -5.02 27.07 -23.45
N CYS E 40 -3.70 27.13 -23.27
CA CYS E 40 -2.98 28.39 -23.19
C CYS E 40 -2.04 28.63 -24.36
N VAL E 41 -1.40 27.58 -24.88
CA VAL E 41 -0.40 27.68 -25.93
C VAL E 41 -0.60 26.52 -26.89
N VAL E 42 -0.40 26.77 -28.18
CA VAL E 42 -0.28 25.73 -29.19
C VAL E 42 1.06 25.89 -29.89
N GLN E 43 1.79 24.79 -30.03
CA GLN E 43 3.10 24.80 -30.65
C GLN E 43 3.07 23.99 -31.93
N LEU E 44 3.71 24.51 -32.97
CA LEU E 44 3.80 23.80 -34.24
C LEU E 44 5.23 23.91 -34.76
N SER E 45 5.61 22.94 -35.58
CA SER E 45 6.89 23.02 -36.28
C SER E 45 6.78 22.22 -37.57
N SER E 46 7.37 22.75 -38.64
CA SER E 46 7.42 22.00 -39.89
C SER E 46 8.56 20.99 -39.94
N GLY E 47 9.42 20.97 -38.95
CA GLY E 47 10.59 20.12 -38.98
C GLY E 47 11.83 20.76 -39.56
N ASP E 48 11.75 22.03 -39.95
CA ASP E 48 12.87 22.74 -40.56
C ASP E 48 13.75 23.44 -39.54
N GLY E 49 13.60 23.12 -38.25
CA GLY E 49 14.38 23.75 -37.21
C GLY E 49 13.81 25.05 -36.67
N THR E 50 12.64 25.47 -37.16
CA THR E 50 11.94 26.65 -36.64
C THR E 50 10.60 26.20 -36.07
N ALA E 51 10.03 27.06 -35.23
CA ALA E 51 8.75 26.72 -34.60
C ALA E 51 7.84 27.93 -34.54
N ASP E 52 6.54 27.67 -34.52
CA ASP E 52 5.51 28.68 -34.29
C ASP E 52 4.81 28.44 -32.96
N VAL E 53 4.69 29.49 -32.16
CA VAL E 53 4.05 29.43 -30.86
C VAL E 53 2.86 30.36 -30.89
N ILE E 54 1.66 29.79 -30.77
CA ILE E 54 0.40 30.51 -30.94
C ILE E 54 -0.27 30.60 -29.59
N GLN E 55 -0.42 31.83 -29.09
CA GLN E 55 -1.11 32.06 -27.84
C GLN E 55 -2.62 32.06 -28.06
N ILE E 56 -3.31 31.24 -27.27
CA ILE E 56 -4.76 31.11 -27.38
C ILE E 56 -5.38 31.95 -26.28
N ALA E 57 -6.32 32.80 -26.65
CA ALA E 57 -6.92 33.70 -25.68
C ALA E 57 -7.96 32.96 -24.87
N LYS E 58 -8.21 33.46 -23.66
CA LYS E 58 -9.32 32.94 -22.89
C LYS E 58 -10.61 33.09 -23.67
N GLY E 59 -11.39 32.01 -23.72
CA GLY E 59 -12.65 31.98 -24.43
C GLY E 59 -12.56 31.88 -25.93
N GLN E 60 -11.37 31.78 -26.51
CA GLN E 60 -11.26 31.70 -27.96
C GLN E 60 -11.86 30.40 -28.46
N LYS E 61 -12.77 30.50 -29.42
CA LYS E 61 -13.52 29.34 -29.92
C LYS E 61 -13.05 28.86 -31.29
N SER E 62 -12.29 29.65 -32.03
CA SER E 62 -11.92 29.31 -33.40
C SER E 62 -10.46 29.67 -33.66
N ALA E 63 -9.84 28.89 -34.53
CA ALA E 63 -8.51 29.17 -35.04
C ALA E 63 -8.42 28.57 -36.44
N PRO E 64 -8.99 29.25 -37.45
CA PRO E 64 -9.28 28.56 -38.71
C PRO E 64 -8.06 27.94 -39.38
N ASN E 65 -6.90 28.59 -39.37
CA ASN E 65 -5.75 28.01 -40.03
C ASN E 65 -5.24 26.81 -39.24
N LEU E 66 -5.13 26.97 -37.92
CA LEU E 66 -4.78 25.87 -37.04
C LEU E 66 -5.76 24.73 -37.21
N VAL E 67 -7.06 25.03 -37.23
CA VAL E 67 -8.04 23.95 -37.31
C VAL E 67 -7.97 23.26 -38.66
N ARG E 68 -7.67 24.00 -39.74
CA ARG E 68 -7.44 23.35 -41.02
C ARG E 68 -6.30 22.34 -40.92
N LEU E 69 -5.21 22.73 -40.27
CA LEU E 69 -4.11 21.79 -40.09
C LEU E 69 -4.52 20.59 -39.26
N LEU E 70 -5.21 20.83 -38.14
CA LEU E 70 -5.61 19.71 -37.27
C LEU E 70 -6.59 18.77 -37.95
N SER E 71 -7.40 19.28 -38.88
CA SER E 71 -8.42 18.49 -39.56
C SER E 71 -7.93 17.79 -40.81
N ASP E 72 -6.78 18.19 -41.35
CA ASP E 72 -6.35 17.71 -42.67
C ASP E 72 -5.85 16.28 -42.51
N ARG E 73 -6.60 15.33 -43.09
CA ARG E 73 -6.28 13.91 -42.98
C ARG E 73 -5.00 13.51 -43.72
N ASP E 74 -4.47 14.38 -44.58
CA ASP E 74 -3.24 14.06 -45.29
C ASP E 74 -1.97 14.44 -44.53
N ILE E 75 -2.10 15.04 -43.34
CA ILE E 75 -0.95 15.50 -42.57
C ILE E 75 -0.97 14.77 -41.23
N THR E 76 0.09 14.01 -40.95
CA THR E 76 0.21 13.33 -39.66
C THR E 76 0.65 14.33 -38.59
N LYS E 77 -0.11 14.37 -37.50
CA LYS E 77 0.23 15.17 -36.33
C LYS E 77 1.04 14.35 -35.35
N ILE E 78 2.25 14.79 -35.05
CA ILE E 78 3.13 14.08 -34.14
C ILE E 78 3.02 14.72 -32.76
N PHE E 79 2.78 13.90 -31.75
CA PHE E 79 2.68 14.35 -30.37
C PHE E 79 3.60 13.51 -29.52
N HIS E 80 3.91 14.02 -28.34
CA HIS E 80 4.37 13.18 -27.23
C HIS E 80 3.27 13.11 -26.19
N PHE E 81 2.79 11.89 -25.93
CA PHE E 81 1.62 11.65 -25.11
C PHE E 81 0.42 12.43 -25.66
N GLY E 82 0.09 12.12 -26.92
CA GLY E 82 -1.01 12.76 -27.59
C GLY E 82 -2.36 12.50 -26.96
N ARG E 83 -2.46 11.47 -26.12
CA ARG E 83 -3.70 11.24 -25.38
C ARG E 83 -4.20 12.51 -24.72
N PHE E 84 -3.29 13.31 -24.16
CA PHE E 84 -3.67 14.56 -23.52
C PHE E 84 -3.96 15.67 -24.52
N ASP E 85 -3.02 15.92 -25.43
CA ASP E 85 -3.15 17.02 -26.37
C ASP E 85 -4.40 16.88 -27.24
N LEU E 86 -4.69 15.68 -27.71
CA LEU E 86 -5.89 15.48 -28.52
C LEU E 86 -7.14 15.82 -27.72
N ALA E 87 -7.17 15.44 -26.45
CA ALA E 87 -8.33 15.70 -25.62
C ALA E 87 -8.52 17.20 -25.44
N ILE E 88 -7.45 17.92 -25.09
CA ILE E 88 -7.60 19.34 -24.82
C ILE E 88 -7.89 20.11 -26.11
N LEU E 89 -7.31 19.69 -27.24
CA LEU E 89 -7.61 20.36 -28.50
C LEU E 89 -9.06 20.17 -28.88
N ALA E 90 -9.56 18.94 -28.79
CA ALA E 90 -10.95 18.68 -29.15
C ALA E 90 -11.88 19.44 -28.21
N HIS E 91 -11.56 19.48 -26.93
CA HIS E 91 -12.40 20.22 -26.00
C HIS E 91 -12.40 21.70 -26.33
N THR E 92 -11.27 22.23 -26.81
CA THR E 92 -11.17 23.66 -27.02
C THR E 92 -11.73 24.10 -28.36
N PHE E 93 -11.39 23.41 -29.45
CA PHE E 93 -11.77 23.88 -30.78
C PHE E 93 -12.84 23.04 -31.46
N GLY E 94 -13.26 21.93 -30.87
CA GLY E 94 -14.39 21.18 -31.41
C GLY E 94 -14.06 20.28 -32.57
N VAL E 95 -12.78 20.10 -32.89
CA VAL E 95 -12.34 19.26 -34.00
C VAL E 95 -11.38 18.23 -33.42
N MET E 96 -11.73 16.94 -33.63
CA MET E 96 -10.88 15.83 -33.12
C MET E 96 -9.93 15.34 -34.23
N PRO E 97 -8.58 15.58 -34.21
CA PRO E 97 -7.68 14.98 -35.21
C PRO E 97 -7.80 13.47 -35.24
N ASP E 98 -7.63 12.90 -36.44
CA ASP E 98 -7.70 11.45 -36.61
C ASP E 98 -6.50 10.86 -37.34
N VAL E 99 -5.45 11.62 -37.59
CA VAL E 99 -4.20 11.10 -38.16
C VAL E 99 -3.06 11.52 -37.25
N VAL E 100 -2.57 10.61 -36.42
CA VAL E 100 -1.65 10.97 -35.35
C VAL E 100 -0.52 9.96 -35.28
N PHE E 101 0.58 10.41 -34.68
CA PHE E 101 1.70 9.56 -34.28
C PHE E 101 2.05 10.00 -32.87
N CYS E 102 2.23 9.05 -31.97
CA CYS E 102 2.56 9.36 -30.59
C CYS E 102 3.89 8.74 -30.24
N THR E 103 4.85 9.58 -29.85
CA THR E 103 6.17 9.10 -29.49
C THR E 103 6.19 8.34 -28.17
N LYS E 104 5.23 8.58 -27.28
CA LYS E 104 5.24 7.83 -26.02
C LYS E 104 4.77 6.40 -26.22
N ILE E 105 3.69 6.20 -26.96
CA ILE E 105 3.28 4.84 -27.31
C ILE E 105 4.37 4.12 -28.08
N ALA E 106 4.99 4.81 -29.05
CA ALA E 106 6.08 4.21 -29.79
C ALA E 106 7.24 3.82 -28.87
N SER E 107 7.56 4.69 -27.91
CA SER E 107 8.59 4.35 -26.95
C SER E 107 8.20 3.13 -26.14
N LYS E 108 6.96 3.06 -25.68
CA LYS E 108 6.54 1.89 -24.91
C LYS E 108 6.56 0.62 -25.76
N LEU E 109 6.45 0.74 -27.08
CA LEU E 109 6.50 -0.41 -27.95
C LEU E 109 7.89 -0.75 -28.46
N THR E 110 8.88 0.08 -28.20
CA THR E 110 10.19 -0.22 -28.78
C THR E 110 11.30 -0.14 -27.75
N ARG E 111 11.26 0.85 -26.86
CA ARG E 111 12.29 1.00 -25.84
C ARG E 111 11.89 0.10 -24.66
N THR E 112 11.89 -1.19 -24.92
CA THR E 112 11.47 -2.19 -23.94
C THR E 112 12.52 -2.43 -22.87
N TYR E 113 13.72 -1.88 -23.02
CA TYR E 113 14.80 -2.08 -22.07
C TYR E 113 14.83 -1.03 -20.97
N THR E 114 13.82 -0.16 -20.89
CA THR E 114 13.78 0.84 -19.85
C THR E 114 12.34 1.09 -19.47
N ASP E 115 12.14 1.64 -18.27
CA ASP E 115 10.81 2.03 -17.83
C ASP E 115 10.61 3.53 -17.78
N ARG E 116 11.55 4.31 -18.29
CA ARG E 116 11.47 5.77 -18.27
C ARG E 116 11.21 6.19 -19.71
N HIS E 117 10.00 6.65 -19.96
CA HIS E 117 9.54 7.03 -21.28
C HIS E 117 9.24 8.52 -21.40
N GLY E 118 9.70 9.32 -20.45
CA GLY E 118 9.48 10.74 -20.56
C GLY E 118 10.28 11.35 -21.69
N LEU E 119 9.83 12.52 -22.13
CA LEU E 119 10.46 13.18 -23.26
C LEU E 119 11.91 13.52 -22.97
N LYS E 120 12.22 13.94 -21.75
CA LYS E 120 13.61 14.25 -21.44
C LYS E 120 14.49 13.03 -21.62
N GLU E 121 14.07 11.87 -21.11
CA GLU E 121 14.92 10.68 -21.24
C GLU E 121 15.04 10.25 -22.69
N ILE E 122 13.95 10.32 -23.45
CA ILE E 122 14.00 9.95 -24.86
C ILE E 122 14.96 10.86 -25.62
N CYS E 123 14.84 12.17 -25.43
CA CYS E 123 15.73 13.08 -26.15
C CYS E 123 17.17 12.88 -25.73
N GLY E 124 17.41 12.65 -24.43
CA GLY E 124 18.77 12.41 -23.98
C GLY E 124 19.38 11.15 -24.58
N GLU E 125 18.61 10.06 -24.58
CA GLU E 125 19.15 8.78 -25.04
C GLU E 125 19.30 8.74 -26.55
N LEU E 126 18.26 9.16 -27.29
CA LEU E 126 18.26 8.94 -28.72
C LEU E 126 19.04 10.02 -29.46
N LEU E 127 19.08 11.25 -28.94
CA LEU E 127 19.66 12.35 -29.67
C LEU E 127 20.78 13.07 -28.95
N ASN E 128 21.04 12.75 -27.68
CA ASN E 128 21.97 13.50 -26.84
C ASN E 128 21.61 14.99 -26.80
N VAL E 129 20.31 15.28 -26.74
CA VAL E 129 19.80 16.65 -26.65
C VAL E 129 19.21 16.86 -25.27
N ASN E 130 19.57 17.99 -24.65
CA ASN E 130 19.13 18.29 -23.29
C ASN E 130 17.90 19.20 -23.32
N ILE E 131 16.78 18.65 -22.87
CA ILE E 131 15.55 19.40 -22.67
C ILE E 131 15.55 19.89 -21.23
N SER E 132 15.35 21.19 -21.05
CA SER E 132 15.26 21.76 -19.71
C SER E 132 13.80 21.96 -19.36
N LYS E 133 13.36 21.32 -18.28
CA LYS E 133 11.96 21.29 -17.90
C LYS E 133 11.62 22.31 -16.82
N GLN E 134 12.51 23.24 -16.53
CA GLN E 134 12.28 24.18 -15.45
C GLN E 134 11.00 24.96 -15.68
N GLN E 135 10.71 25.31 -16.92
CA GLN E 135 9.54 26.12 -17.24
C GLN E 135 8.28 25.29 -17.45
N GLN E 136 8.36 23.95 -17.38
CA GLN E 136 7.18 23.13 -17.56
C GLN E 136 6.08 23.50 -16.57
N SER E 137 6.44 23.71 -15.32
CA SER E 137 5.51 24.20 -14.30
C SER E 137 5.72 25.71 -14.19
N SER E 138 5.00 26.46 -15.01
CA SER E 138 5.05 27.92 -14.97
C SER E 138 3.68 28.43 -15.38
N ASP E 139 3.50 29.74 -15.26
CA ASP E 139 2.22 30.35 -15.60
C ASP E 139 2.10 30.52 -17.11
N TRP E 140 1.57 29.50 -17.77
CA TRP E 140 1.42 29.56 -19.21
C TRP E 140 0.30 30.50 -19.65
N ALA E 141 -0.50 30.98 -18.71
CA ALA E 141 -1.57 31.91 -19.03
C ALA E 141 -1.15 33.37 -18.93
N ALA E 142 0.11 33.64 -18.62
CA ALA E 142 0.57 35.02 -18.54
C ALA E 142 0.31 35.73 -19.87
N GLU E 143 -0.07 37.00 -19.78
CA GLU E 143 -0.34 37.77 -21.00
C GLU E 143 0.89 37.81 -21.90
N THR E 144 2.06 38.01 -21.32
CA THR E 144 3.32 38.03 -22.06
C THR E 144 4.20 36.89 -21.54
N LEU E 145 4.50 35.95 -22.42
CA LEU E 145 5.41 34.87 -22.07
C LEU E 145 6.85 35.38 -22.00
N SER E 146 7.61 34.86 -21.05
CA SER E 146 9.03 35.20 -20.96
C SER E 146 9.81 34.56 -22.10
N ARG E 147 11.02 35.08 -22.31
CA ARG E 147 11.90 34.49 -23.31
C ARG E 147 12.22 33.04 -22.98
N ALA E 148 12.43 32.74 -21.69
CA ALA E 148 12.71 31.37 -21.30
C ALA E 148 11.53 30.46 -21.61
N GLN E 149 10.31 30.94 -21.36
CA GLN E 149 9.12 30.16 -21.69
C GLN E 149 9.01 29.93 -23.20
N ILE E 150 9.24 30.98 -23.99
CA ILE E 150 9.12 30.85 -25.45
C ILE E 150 10.15 29.86 -25.97
N GLU E 151 11.38 29.94 -25.47
CA GLU E 151 12.41 29.01 -25.92
C GLU E 151 12.08 27.58 -25.50
N TYR E 152 11.54 27.39 -24.30
CA TYR E 152 11.12 26.06 -23.88
C TYR E 152 10.00 25.52 -24.75
N ALA E 153 8.99 26.36 -25.00
CA ALA E 153 7.87 25.91 -25.81
C ALA E 153 8.34 25.49 -27.19
N ALA E 154 9.25 26.24 -27.78
CA ALA E 154 9.74 25.81 -29.08
C ALA E 154 10.56 24.54 -28.95
N SER E 155 11.32 24.42 -27.87
CA SER E 155 12.17 23.26 -27.66
C SER E 155 11.36 21.97 -27.58
N ASP E 156 10.07 22.07 -27.27
CA ASP E 156 9.28 20.82 -27.08
C ASP E 156 8.94 20.23 -28.45
N VAL E 157 8.86 21.06 -29.49
CA VAL E 157 8.47 20.57 -30.81
C VAL E 157 9.61 20.43 -31.79
N LEU E 158 10.78 21.00 -31.52
CA LEU E 158 11.87 21.04 -32.50
C LEU E 158 12.41 19.66 -32.85
N TYR E 159 12.20 18.63 -32.03
CA TYR E 159 12.85 17.34 -32.21
C TYR E 159 11.92 16.17 -32.52
N LEU E 160 10.61 16.40 -32.63
CA LEU E 160 9.70 15.28 -32.76
C LEU E 160 9.84 14.58 -34.11
N HIS E 161 10.19 15.31 -35.18
CA HIS E 161 10.42 14.66 -36.47
C HIS E 161 11.55 13.64 -36.40
N ARG E 162 12.68 14.01 -35.78
CA ARG E 162 13.80 13.09 -35.68
C ARG E 162 13.42 11.86 -34.87
N LEU E 163 12.63 12.06 -33.81
CA LEU E 163 12.17 10.93 -33.03
C LEU E 163 11.27 10.04 -33.87
N LYS E 164 10.35 10.63 -34.63
CA LYS E 164 9.48 9.81 -35.46
C LYS E 164 10.30 8.97 -36.43
N ASP E 165 11.31 9.57 -37.07
CA ASP E 165 12.17 8.79 -37.97
C ASP E 165 12.83 7.61 -37.24
N ILE E 166 13.40 7.87 -36.07
CA ILE E 166 14.07 6.79 -35.35
C ILE E 166 13.09 5.73 -34.88
N PHE E 167 11.96 6.15 -34.33
CA PHE E 167 10.96 5.20 -33.86
C PHE E 167 10.39 4.37 -35.00
N GLU E 168 10.23 4.96 -36.18
CA GLU E 168 9.78 4.16 -37.32
C GLU E 168 10.81 3.11 -37.67
N GLU E 169 12.09 3.47 -37.58
CA GLU E 169 13.14 2.48 -37.78
C GLU E 169 13.05 1.35 -36.74
N ARG E 170 12.85 1.70 -35.47
CA ARG E 170 12.79 0.66 -34.43
C ARG E 170 11.55 -0.22 -34.58
N LEU E 171 10.42 0.39 -34.94
CA LEU E 171 9.19 -0.38 -35.13
C LEU E 171 9.33 -1.34 -36.29
N LYS E 172 10.00 -0.91 -37.36
CA LYS E 172 10.23 -1.82 -38.47
C LYS E 172 11.17 -2.94 -38.05
N ARG E 173 12.23 -2.62 -37.33
CA ARG E 173 13.21 -3.62 -36.95
C ARG E 173 12.60 -4.71 -36.06
N GLU E 174 11.79 -4.33 -35.09
CA GLU E 174 11.19 -5.28 -34.16
C GLU E 174 9.82 -5.79 -34.59
N GLU E 175 9.36 -5.45 -35.79
CA GLU E 175 8.13 -6.00 -36.38
C GLU E 175 6.85 -5.67 -35.61
N ARG E 176 6.69 -4.40 -35.24
CA ARG E 176 5.52 -3.92 -34.51
C ARG E 176 4.79 -2.84 -35.31
N GLU E 177 5.00 -2.80 -36.62
CA GLU E 177 4.38 -1.73 -37.42
C GLU E 177 2.86 -1.78 -37.39
N SER E 178 2.27 -2.97 -37.53
CA SER E 178 0.82 -3.02 -37.52
C SER E 178 0.24 -2.78 -36.13
N VAL E 179 0.96 -3.20 -35.10
CA VAL E 179 0.56 -2.90 -33.72
C VAL E 179 0.55 -1.40 -33.49
N ALA E 180 1.64 -0.73 -33.86
CA ALA E 180 1.71 0.71 -33.67
C ALA E 180 0.61 1.41 -34.45
N LYS E 181 0.37 0.98 -35.70
CA LYS E 181 -0.66 1.62 -36.50
C LYS E 181 -2.03 1.49 -35.83
N ALA E 182 -2.34 0.31 -35.31
CA ALA E 182 -3.62 0.13 -34.61
C ALA E 182 -3.71 0.96 -33.33
N CYS E 183 -2.61 1.05 -32.58
CA CYS E 183 -2.62 1.90 -31.39
C CYS E 183 -2.87 3.35 -31.74
N PHE E 184 -2.21 3.86 -32.76
CA PHE E 184 -2.42 5.25 -33.17
C PHE E 184 -3.83 5.45 -33.70
N GLN E 185 -4.40 4.44 -34.37
CA GLN E 185 -5.76 4.56 -34.86
C GLN E 185 -6.74 4.66 -33.71
N PHE E 186 -6.47 3.95 -32.61
CA PHE E 186 -7.37 4.02 -31.46
C PHE E 186 -7.13 5.22 -30.57
N LEU E 187 -5.95 5.83 -30.61
CA LEU E 187 -5.62 6.89 -29.66
C LEU E 187 -6.63 8.03 -29.61
N PRO E 188 -7.16 8.54 -30.73
CA PRO E 188 -8.18 9.58 -30.63
C PRO E 188 -9.40 9.16 -29.84
N MET E 189 -9.81 7.90 -29.94
CA MET E 189 -10.97 7.49 -29.16
C MET E 189 -10.63 7.36 -27.69
N ARG E 190 -9.40 6.99 -27.35
CA ARG E 190 -8.98 7.02 -25.95
C ARG E 190 -9.07 8.44 -25.40
N ALA E 191 -8.66 9.41 -26.21
CA ALA E 191 -8.79 10.81 -25.79
C ALA E 191 -10.25 11.21 -25.63
N ASN E 192 -11.11 10.79 -26.56
CA ASN E 192 -12.53 11.07 -26.41
C ASN E 192 -13.08 10.50 -25.11
N LEU E 193 -12.70 9.26 -24.78
CA LEU E 193 -13.15 8.65 -23.50
C LEU E 193 -12.65 9.51 -22.34
N ASP E 194 -11.46 10.10 -22.46
CA ASP E 194 -10.98 11.00 -21.42
C ASP E 194 -11.91 12.20 -21.28
N LEU E 195 -12.28 12.81 -22.40
CA LEU E 195 -13.17 13.97 -22.30
C LEU E 195 -14.52 13.57 -21.72
N LEU E 196 -15.01 12.36 -22.03
CA LEU E 196 -16.34 11.97 -21.57
C LEU E 196 -16.38 11.53 -20.11
N GLY E 197 -15.24 11.26 -19.47
CA GLY E 197 -15.27 10.94 -18.07
C GLY E 197 -14.62 9.65 -17.60
N TRP E 198 -13.92 8.94 -18.47
CA TRP E 198 -13.26 7.69 -18.08
C TRP E 198 -11.76 7.87 -17.96
N SER E 199 -11.31 9.09 -17.67
CA SER E 199 -9.89 9.39 -17.65
C SER E 199 -9.14 8.60 -16.59
N GLU E 200 -9.79 8.16 -15.53
CA GLU E 200 -9.10 7.38 -14.51
C GLU E 200 -9.31 5.89 -14.67
N ILE E 201 -9.90 5.45 -15.79
CA ILE E 201 -10.29 4.06 -15.98
C ILE E 201 -9.55 3.49 -17.18
N ASP E 202 -8.85 2.38 -16.98
CA ASP E 202 -8.37 1.58 -18.11
C ASP E 202 -9.56 0.77 -18.59
N ILE E 203 -10.13 1.16 -19.73
CA ILE E 203 -11.39 0.56 -20.14
C ILE E 203 -11.25 -0.92 -20.48
N PHE E 204 -10.04 -1.41 -20.73
CA PHE E 204 -9.83 -2.80 -21.11
C PHE E 204 -9.42 -3.69 -19.94
N ALA E 205 -9.25 -3.14 -18.75
CA ALA E 205 -8.75 -3.95 -17.65
C ALA E 205 -9.85 -4.82 -17.07
N HIS E 206 -9.42 -5.95 -16.50
CA HIS E 206 -10.36 -6.82 -15.79
C HIS E 206 -10.93 -6.15 -14.55
N SER E 207 -10.09 -5.43 -13.81
CA SER E 207 -10.56 -4.64 -12.68
C SER E 207 -9.73 -3.39 -12.52
N THR G 3 42.50 -1.34 -22.14
CA THR G 3 41.95 -2.69 -22.05
C THR G 3 41.65 -3.25 -23.43
N GLU G 4 42.00 -4.51 -23.64
CA GLU G 4 41.70 -5.18 -24.89
C GLU G 4 40.34 -5.87 -24.76
N ILE G 5 39.41 -5.49 -25.64
CA ILE G 5 38.06 -6.12 -25.66
C ILE G 5 37.83 -6.65 -27.09
N ARG G 6 37.82 -7.97 -27.27
CA ARG G 6 37.67 -8.58 -28.59
C ARG G 6 36.20 -8.76 -28.90
N VAL G 7 35.75 -8.17 -29.99
CA VAL G 7 34.35 -8.22 -30.43
C VAL G 7 34.23 -9.23 -31.55
N HIS G 8 33.25 -10.13 -31.43
CA HIS G 8 33.04 -11.17 -32.42
C HIS G 8 31.61 -11.08 -32.93
N GLN G 9 31.41 -11.58 -34.15
CA GLN G 9 30.08 -11.72 -34.74
C GLN G 9 29.69 -13.18 -34.73
N GLY G 10 28.57 -13.48 -34.07
CA GLY G 10 28.01 -14.82 -34.09
C GLY G 10 28.58 -15.83 -33.12
N ASP G 11 29.90 -15.97 -33.08
CA ASP G 11 30.52 -17.01 -32.27
C ASP G 11 32.00 -16.70 -32.12
N LEU G 12 32.59 -17.29 -31.09
CA LEU G 12 34.04 -17.31 -30.98
C LEU G 12 34.66 -18.07 -32.15
N PRO G 13 35.86 -17.69 -32.58
CA PRO G 13 36.54 -18.52 -33.59
C PRO G 13 37.00 -19.86 -33.04
N ASN G 14 37.34 -19.93 -31.76
CA ASN G 14 37.80 -21.15 -31.11
C ASN G 14 37.75 -20.92 -29.61
N LEU G 15 38.13 -21.94 -28.85
CA LEU G 15 38.15 -21.86 -27.39
C LEU G 15 39.58 -21.80 -26.83
N ASP G 16 40.53 -21.30 -27.62
CA ASP G 16 41.92 -21.30 -27.18
C ASP G 16 42.13 -20.47 -25.92
N ASN G 17 41.33 -19.43 -25.72
CA ASN G 17 41.43 -18.58 -24.54
C ASN G 17 40.61 -19.06 -23.34
N TYR G 18 39.94 -20.21 -23.43
CA TYR G 18 39.01 -20.62 -22.39
C TYR G 18 39.25 -22.05 -21.94
N ARG G 19 40.52 -22.45 -21.88
CA ARG G 19 40.91 -23.72 -21.25
C ARG G 19 41.18 -23.48 -19.76
N ILE G 20 40.11 -23.21 -19.02
CA ILE G 20 40.19 -22.72 -17.65
C ILE G 20 39.12 -23.43 -16.82
N ASP G 21 39.22 -23.27 -15.50
CA ASP G 21 38.27 -23.92 -14.60
C ASP G 21 36.98 -23.13 -14.37
N ALA G 22 36.97 -21.83 -14.63
CA ALA G 22 35.76 -21.06 -14.44
C ALA G 22 35.74 -19.88 -15.39
N VAL G 23 34.56 -19.59 -15.95
CA VAL G 23 34.40 -18.50 -16.89
C VAL G 23 33.27 -17.60 -16.39
N ALA G 24 33.49 -16.30 -16.42
CA ALA G 24 32.44 -15.35 -16.08
C ALA G 24 31.57 -15.07 -17.31
N VAL G 25 30.26 -15.08 -17.12
CA VAL G 25 29.31 -14.98 -18.22
C VAL G 25 28.28 -13.93 -17.84
N ASP G 26 27.89 -13.12 -18.80
CA ASP G 26 26.78 -12.19 -18.66
C ASP G 26 26.14 -12.00 -20.02
N THR G 27 24.95 -11.42 -20.01
CA THR G 27 24.22 -11.15 -21.24
C THR G 27 23.67 -9.75 -21.21
N GLU G 28 23.28 -9.26 -22.38
CA GLU G 28 22.46 -8.09 -22.49
C GLU G 28 21.32 -8.39 -23.45
N THR G 29 20.16 -7.78 -23.20
CA THR G 29 18.95 -8.09 -23.96
C THR G 29 18.19 -6.80 -24.21
N LEU G 30 17.07 -6.91 -24.91
CA LEU G 30 16.15 -5.80 -25.06
C LEU G 30 15.17 -5.63 -23.89
N GLY G 31 15.26 -6.44 -22.83
CA GLY G 31 14.37 -6.25 -21.71
C GLY G 31 14.34 -7.47 -20.82
N LEU G 32 13.43 -7.42 -19.85
CA LEU G 32 13.36 -8.40 -18.77
C LEU G 32 12.53 -9.64 -19.09
N GLN G 33 11.87 -9.71 -20.24
CA GLN G 33 10.95 -10.79 -20.55
C GLN G 33 11.48 -11.64 -21.70
N PRO G 34 12.04 -12.82 -21.42
CA PRO G 34 12.73 -13.58 -22.46
C PRO G 34 11.88 -13.94 -23.67
N HIS G 35 10.57 -14.10 -23.50
CA HIS G 35 9.73 -14.43 -24.65
C HIS G 35 9.56 -13.27 -25.61
N ARG G 36 9.71 -12.03 -25.15
CA ARG G 36 9.60 -10.89 -26.03
C ARG G 36 10.94 -10.29 -26.47
N ASP G 37 11.92 -10.25 -25.57
CA ASP G 37 13.13 -9.44 -25.75
C ASP G 37 14.36 -10.32 -26.02
N ARG G 38 14.86 -10.26 -27.25
CA ARG G 38 15.86 -11.22 -27.70
C ARG G 38 17.21 -10.93 -27.06
N LEU G 39 18.02 -11.98 -26.93
CA LEU G 39 19.41 -11.86 -26.52
C LEU G 39 20.21 -11.10 -27.58
N CYS G 40 20.94 -10.06 -27.18
CA CYS G 40 21.69 -9.25 -28.13
C CYS G 40 23.20 -9.36 -28.01
N VAL G 41 23.73 -9.52 -26.80
CA VAL G 41 25.18 -9.55 -26.60
C VAL G 41 25.48 -10.59 -25.54
N VAL G 42 26.55 -11.36 -25.72
CA VAL G 42 27.09 -12.17 -24.65
C VAL G 42 28.55 -11.79 -24.43
N GLN G 43 28.92 -11.51 -23.19
CA GLN G 43 30.29 -11.17 -22.87
C GLN G 43 30.90 -12.18 -21.91
N LEU G 44 32.12 -12.60 -22.22
CA LEU G 44 32.84 -13.62 -21.47
C LEU G 44 34.21 -13.09 -21.06
N SER G 45 34.80 -13.74 -20.06
CA SER G 45 36.15 -13.39 -19.65
C SER G 45 36.78 -14.57 -18.92
N SER G 46 38.06 -14.81 -19.18
CA SER G 46 38.83 -15.81 -18.46
C SER G 46 39.37 -15.31 -17.13
N GLY G 47 39.19 -14.04 -16.80
CA GLY G 47 39.78 -13.48 -15.60
C GLY G 47 41.14 -12.85 -15.77
N ASP G 48 41.69 -12.83 -16.99
CA ASP G 48 43.00 -12.27 -17.24
C ASP G 48 42.96 -10.78 -17.59
N GLY G 49 41.85 -10.10 -17.30
CA GLY G 49 41.70 -8.70 -17.59
C GLY G 49 41.25 -8.36 -18.99
N THR G 50 40.96 -9.35 -19.83
CA THR G 50 40.42 -9.14 -21.16
C THR G 50 39.01 -9.73 -21.23
N ALA G 51 38.27 -9.32 -22.25
CA ALA G 51 36.89 -9.77 -22.40
C ALA G 51 36.59 -10.00 -23.87
N ASP G 52 35.63 -10.88 -24.10
CA ASP G 52 35.04 -11.13 -25.41
C ASP G 52 33.60 -10.66 -25.41
N VAL G 53 33.24 -9.88 -26.41
CA VAL G 53 31.90 -9.35 -26.58
C VAL G 53 31.37 -9.91 -27.89
N ILE G 54 30.34 -10.74 -27.82
CA ILE G 54 29.83 -11.47 -28.97
C ILE G 54 28.47 -10.89 -29.32
N GLN G 55 28.37 -10.31 -30.51
CA GLN G 55 27.10 -9.83 -31.01
C GLN G 55 26.27 -10.97 -31.58
N ILE G 56 25.04 -11.09 -31.10
CA ILE G 56 24.12 -12.14 -31.54
C ILE G 56 23.15 -11.52 -32.53
N ALA G 57 22.99 -12.14 -33.69
CA ALA G 57 22.13 -11.59 -34.72
C ALA G 57 20.69 -11.91 -34.39
N LYS G 58 19.78 -11.08 -34.88
CA LYS G 58 18.36 -11.37 -34.74
C LYS G 58 18.02 -12.71 -35.37
N GLY G 59 17.27 -13.51 -34.64
CA GLY G 59 16.88 -14.83 -35.08
C GLY G 59 17.96 -15.89 -34.99
N GLN G 60 19.13 -15.56 -34.46
CA GLN G 60 20.20 -16.53 -34.40
C GLN G 60 19.86 -17.63 -33.41
N LYS G 61 19.98 -18.88 -33.87
CA LYS G 61 19.58 -20.05 -33.12
C LYS G 61 20.75 -20.86 -32.59
N SER G 62 21.96 -20.65 -33.11
CA SER G 62 23.08 -21.49 -32.76
C SER G 62 24.34 -20.65 -32.56
N ALA G 63 25.18 -21.12 -31.64
CA ALA G 63 26.51 -20.57 -31.41
C ALA G 63 27.37 -21.71 -30.90
N PRO G 64 27.84 -22.59 -31.79
CA PRO G 64 28.37 -23.89 -31.33
C PRO G 64 29.52 -23.79 -30.35
N ASN G 65 30.43 -22.83 -30.53
CA ASN G 65 31.56 -22.71 -29.62
C ASN G 65 31.09 -22.22 -28.26
N LEU G 66 30.28 -21.16 -28.25
CA LEU G 66 29.71 -20.68 -27.01
C LEU G 66 28.91 -21.77 -26.31
N VAL G 67 28.08 -22.50 -27.05
CA VAL G 67 27.25 -23.51 -26.39
C VAL G 67 28.12 -24.63 -25.83
N ARG G 68 29.21 -24.98 -26.52
CA ARG G 68 30.11 -25.98 -25.97
C ARG G 68 30.72 -25.50 -24.66
N LEU G 69 31.10 -24.23 -24.61
CA LEU G 69 31.59 -23.65 -23.35
C LEU G 69 30.52 -23.70 -22.26
N LEU G 70 29.31 -23.28 -22.58
CA LEU G 70 28.24 -23.26 -21.59
C LEU G 70 27.88 -24.64 -21.08
N SER G 71 28.08 -25.67 -21.89
CA SER G 71 27.73 -27.04 -21.53
C SER G 71 28.84 -27.79 -20.81
N ASP G 72 30.08 -27.29 -20.81
CA ASP G 72 31.20 -28.06 -20.27
C ASP G 72 31.10 -28.06 -18.75
N ARG G 73 30.77 -29.22 -18.19
CA ARG G 73 30.57 -29.39 -16.75
C ARG G 73 31.84 -29.29 -15.93
N ASP G 74 33.01 -29.36 -16.53
CA ASP G 74 34.24 -29.16 -15.78
C ASP G 74 34.56 -27.70 -15.55
N ILE G 75 33.75 -26.78 -16.09
CA ILE G 75 33.97 -25.33 -16.00
C ILE G 75 32.77 -24.71 -15.32
N THR G 76 33.01 -24.06 -14.18
CA THR G 76 31.95 -23.35 -13.47
C THR G 76 31.65 -22.04 -14.19
N LYS G 77 30.37 -21.79 -14.47
CA LYS G 77 29.92 -20.54 -15.04
C LYS G 77 29.53 -19.56 -13.95
N ILE G 78 30.19 -18.41 -13.92
CA ILE G 78 29.91 -17.38 -12.91
C ILE G 78 28.98 -16.35 -13.52
N PHE G 79 27.88 -16.05 -12.84
CA PHE G 79 26.92 -15.05 -13.28
C PHE G 79 26.71 -14.07 -12.14
N HIS G 80 26.19 -12.91 -12.47
CA HIS G 80 25.51 -12.05 -11.52
C HIS G 80 24.02 -12.06 -11.82
N PHE G 81 23.23 -12.54 -10.85
CA PHE G 81 21.81 -12.79 -11.05
C PHE G 81 21.57 -13.75 -12.21
N GLY G 82 22.14 -14.95 -12.05
CA GLY G 82 22.01 -15.95 -13.09
C GLY G 82 20.59 -16.40 -13.34
N ARG G 83 19.67 -16.14 -12.41
CA ARG G 83 18.28 -16.47 -12.67
C ARG G 83 17.82 -15.97 -14.03
N PHE G 84 18.23 -14.76 -14.39
CA PHE G 84 17.87 -14.18 -15.68
C PHE G 84 18.72 -14.72 -16.82
N ASP G 85 20.05 -14.68 -16.65
CA ASP G 85 20.96 -15.10 -17.71
C ASP G 85 20.74 -16.55 -18.12
N LEU G 86 20.55 -17.45 -17.16
CA LEU G 86 20.29 -18.84 -17.49
C LEU G 86 19.02 -18.97 -18.31
N ALA G 87 17.99 -18.20 -17.94
CA ALA G 87 16.71 -18.25 -18.64
C ALA G 87 16.88 -17.81 -20.07
N ILE G 88 17.52 -16.66 -20.28
CA ILE G 88 17.62 -16.12 -21.63
C ILE G 88 18.55 -16.97 -22.49
N LEU G 89 19.62 -17.52 -21.90
CA LEU G 89 20.51 -18.39 -22.66
C LEU G 89 19.80 -19.66 -23.08
N ALA G 90 19.06 -20.28 -22.16
CA ALA G 90 18.36 -21.50 -22.52
C ALA G 90 17.28 -21.22 -23.57
N HIS G 91 16.58 -20.09 -23.43
CA HIS G 91 15.56 -19.75 -24.41
C HIS G 91 16.15 -19.50 -25.79
N THR G 92 17.36 -18.94 -25.86
CA THR G 92 17.92 -18.59 -27.16
C THR G 92 18.65 -19.75 -27.82
N PHE G 93 19.49 -20.50 -27.10
CA PHE G 93 20.32 -21.53 -27.72
C PHE G 93 19.89 -22.94 -27.37
N GLY G 94 18.92 -23.12 -26.48
CA GLY G 94 18.37 -24.43 -26.21
C GLY G 94 19.18 -25.27 -25.24
N VAL G 95 20.19 -24.71 -24.59
CA VAL G 95 21.02 -25.43 -23.63
C VAL G 95 20.98 -24.70 -22.29
N MET G 96 20.64 -25.44 -21.23
CA MET G 96 20.61 -24.87 -19.89
C MET G 96 21.89 -25.25 -19.17
N PRO G 97 22.75 -24.28 -18.83
CA PRO G 97 23.92 -24.58 -18.01
C PRO G 97 23.48 -25.17 -16.68
N ASP G 98 24.28 -26.10 -16.15
CA ASP G 98 23.92 -26.71 -14.88
C ASP G 98 25.04 -26.71 -13.84
N VAL G 99 26.13 -25.98 -14.09
CA VAL G 99 27.20 -25.77 -13.12
C VAL G 99 27.43 -24.28 -13.03
N VAL G 100 26.92 -23.63 -11.98
CA VAL G 100 26.88 -22.17 -11.93
C VAL G 100 27.28 -21.70 -10.55
N PHE G 101 27.67 -20.43 -10.50
CA PHE G 101 27.90 -19.69 -9.27
C PHE G 101 27.25 -18.35 -9.51
N CYS G 102 26.46 -17.87 -8.54
CA CYS G 102 25.75 -16.62 -8.65
C CYS G 102 26.17 -15.68 -7.54
N THR G 103 26.70 -14.51 -7.92
CA THR G 103 27.15 -13.54 -6.94
C THR G 103 26.00 -12.89 -6.19
N LYS G 104 24.78 -12.91 -6.72
CA LYS G 104 23.67 -12.33 -5.99
C LYS G 104 23.23 -13.23 -4.86
N ILE G 105 23.09 -14.53 -5.11
CA ILE G 105 22.84 -15.48 -4.03
C ILE G 105 23.95 -15.43 -2.99
N ALA G 106 25.21 -15.44 -3.44
CA ALA G 106 26.31 -15.39 -2.49
C ALA G 106 26.26 -14.12 -1.65
N SER G 107 25.95 -12.98 -2.28
CA SER G 107 25.82 -11.74 -1.54
C SER G 107 24.69 -11.83 -0.51
N LYS G 108 23.55 -12.35 -0.92
CA LYS G 108 22.45 -12.47 0.04
C LYS G 108 22.77 -13.44 1.16
N LEU G 109 23.68 -14.39 0.95
CA LEU G 109 24.03 -15.31 2.03
C LEU G 109 25.20 -14.84 2.87
N THR G 110 25.88 -13.80 2.47
CA THR G 110 27.08 -13.44 3.22
C THR G 110 27.11 -11.96 3.61
N ARG G 111 26.70 -11.07 2.70
CA ARG G 111 26.70 -9.65 2.98
C ARG G 111 25.38 -9.29 3.67
N THR G 112 25.21 -9.84 4.87
CA THR G 112 24.00 -9.69 5.65
C THR G 112 23.89 -8.33 6.31
N TYR G 113 24.93 -7.51 6.25
CA TYR G 113 24.96 -6.19 6.86
C TYR G 113 24.45 -5.09 5.95
N THR G 114 23.87 -5.44 4.80
CA THR G 114 23.32 -4.44 3.91
C THR G 114 22.10 -5.03 3.22
N ASP G 115 21.24 -4.15 2.69
CA ASP G 115 20.13 -4.60 1.87
C ASP G 115 20.31 -4.24 0.40
N ARG G 116 21.48 -3.73 0.04
CA ARG G 116 21.78 -3.34 -1.33
C ARG G 116 22.76 -4.37 -1.89
N HIS G 117 22.28 -5.18 -2.83
CA HIS G 117 23.02 -6.30 -3.39
C HIS G 117 23.28 -6.14 -4.87
N GLY G 118 23.07 -4.95 -5.41
CA GLY G 118 23.34 -4.73 -6.81
C GLY G 118 24.83 -4.80 -7.10
N LEU G 119 25.14 -5.03 -8.38
CA LEU G 119 26.52 -5.18 -8.78
C LEU G 119 27.32 -3.92 -8.47
N LYS G 120 26.69 -2.75 -8.63
CA LYS G 120 27.39 -1.51 -8.33
C LYS G 120 27.86 -1.50 -6.87
N GLU G 121 26.97 -1.83 -5.94
CA GLU G 121 27.36 -1.81 -4.53
C GLU G 121 28.40 -2.86 -4.22
N ILE G 122 28.29 -4.05 -4.81
CA ILE G 122 29.28 -5.10 -4.54
C ILE G 122 30.64 -4.68 -5.05
N CYS G 123 30.72 -4.18 -6.29
CA CYS G 123 32.01 -3.77 -6.82
C CYS G 123 32.59 -2.61 -6.00
N GLY G 124 31.73 -1.68 -5.58
CA GLY G 124 32.21 -0.57 -4.79
C GLY G 124 32.77 -1.00 -3.44
N GLU G 125 32.03 -1.86 -2.74
CA GLU G 125 32.43 -2.25 -1.40
C GLU G 125 33.62 -3.21 -1.41
N LEU G 126 33.54 -4.25 -2.23
CA LEU G 126 34.54 -5.31 -2.16
C LEU G 126 35.84 -4.95 -2.86
N LEU G 127 35.78 -4.16 -3.94
CA LEU G 127 36.95 -3.92 -4.76
C LEU G 127 37.32 -2.45 -4.90
N ASN G 128 36.50 -1.52 -4.42
CA ASN G 128 36.67 -0.09 -4.68
C ASN G 128 36.79 0.20 -6.18
N VAL G 129 35.98 -0.49 -6.98
CA VAL G 129 35.94 -0.31 -8.42
C VAL G 129 34.62 0.35 -8.77
N ASN G 130 34.67 1.40 -9.58
CA ASN G 130 33.47 2.17 -9.93
C ASN G 130 32.92 1.65 -11.26
N ILE G 131 31.75 1.04 -11.19
CA ILE G 131 30.99 0.60 -12.36
C ILE G 131 30.06 1.73 -12.76
N SER G 132 30.09 2.14 -14.02
CA SER G 132 29.18 3.15 -14.53
C SER G 132 28.06 2.47 -15.30
N LYS G 133 26.82 2.70 -14.86
CA LYS G 133 25.65 2.01 -15.38
C LYS G 133 24.87 2.82 -16.40
N GLN G 134 25.43 3.93 -16.88
CA GLN G 134 24.67 4.80 -17.78
C GLN G 134 24.21 4.05 -19.02
N GLN G 135 25.01 3.11 -19.52
CA GLN G 135 24.69 2.38 -20.73
C GLN G 135 23.84 1.14 -20.50
N GLN G 136 23.51 0.81 -19.24
CA GLN G 136 22.69 -0.38 -18.98
C GLN G 136 21.37 -0.30 -19.74
N SER G 137 20.71 0.84 -19.70
CA SER G 137 19.49 1.07 -20.48
C SER G 137 19.88 1.78 -21.76
N SER G 138 20.18 0.99 -22.79
CA SER G 138 20.53 1.51 -24.11
C SER G 138 20.05 0.53 -25.16
N ASP G 139 20.15 0.93 -26.43
CA ASP G 139 19.68 0.08 -27.52
C ASP G 139 20.73 -0.97 -27.85
N TRP G 140 20.64 -2.11 -27.16
CA TRP G 140 21.59 -3.19 -27.34
C TRP G 140 21.43 -3.92 -28.67
N ALA G 141 20.36 -3.68 -29.41
CA ALA G 141 20.16 -4.29 -30.71
C ALA G 141 20.75 -3.48 -31.85
N ALA G 142 21.43 -2.38 -31.57
CA ALA G 142 22.03 -1.57 -32.62
C ALA G 142 22.98 -2.41 -33.46
N GLU G 143 22.99 -2.15 -34.78
CA GLU G 143 23.87 -2.87 -35.68
C GLU G 143 25.33 -2.70 -35.29
N THR G 144 25.74 -1.47 -34.96
CA THR G 144 27.09 -1.19 -34.48
C THR G 144 26.98 -0.71 -33.04
N LEU G 145 27.62 -1.45 -32.13
CA LEU G 145 27.67 -1.01 -30.74
C LEU G 145 28.62 0.17 -30.59
N SER G 146 28.24 1.10 -29.71
CA SER G 146 29.10 2.25 -29.43
C SER G 146 30.27 1.84 -28.56
N ARG G 147 31.30 2.69 -28.53
CA ARG G 147 32.44 2.45 -27.66
C ARG G 147 32.01 2.38 -26.20
N ALA G 148 31.10 3.27 -25.79
CA ALA G 148 30.61 3.24 -24.41
C ALA G 148 29.87 1.94 -24.12
N GLN G 149 29.06 1.47 -25.06
CA GLN G 149 28.37 0.20 -24.88
C GLN G 149 29.36 -0.94 -24.75
N ILE G 150 30.38 -0.96 -25.62
CA ILE G 150 31.34 -2.06 -25.59
C ILE G 150 32.10 -2.07 -24.28
N GLU G 151 32.52 -0.89 -23.81
CA GLU G 151 33.27 -0.84 -22.57
C GLU G 151 32.41 -1.21 -21.37
N TYR G 152 31.14 -0.80 -21.36
CA TYR G 152 30.26 -1.20 -20.27
C TYR G 152 30.05 -2.72 -20.28
N ALA G 153 29.76 -3.27 -21.45
CA ALA G 153 29.52 -4.70 -21.55
C ALA G 153 30.72 -5.47 -21.06
N ALA G 154 31.91 -5.02 -21.41
CA ALA G 154 33.10 -5.70 -20.89
C ALA G 154 33.20 -5.51 -19.39
N SER G 155 32.84 -4.32 -18.91
CA SER G 155 32.93 -4.01 -17.48
C SER G 155 32.07 -4.92 -16.63
N ASP G 156 31.06 -5.57 -17.23
CA ASP G 156 30.11 -6.40 -16.42
C ASP G 156 30.69 -7.79 -16.13
N VAL G 157 31.77 -8.17 -16.82
CA VAL G 157 32.41 -9.46 -16.56
C VAL G 157 33.84 -9.35 -16.05
N LEU G 158 34.47 -8.19 -16.17
CA LEU G 158 35.89 -8.06 -15.85
C LEU G 158 36.21 -8.33 -14.39
N TYR G 159 35.23 -8.26 -13.48
CA TYR G 159 35.53 -8.30 -12.06
C TYR G 159 34.92 -9.49 -11.33
N LEU G 160 34.22 -10.38 -12.03
CA LEU G 160 33.46 -11.43 -11.36
C LEU G 160 34.35 -12.49 -10.71
N HIS G 161 35.52 -12.78 -11.27
CA HIS G 161 36.42 -13.75 -10.62
C HIS G 161 36.84 -13.30 -9.23
N ARG G 162 37.24 -12.04 -9.08
CA ARG G 162 37.66 -11.57 -7.76
C ARG G 162 36.50 -11.63 -6.77
N LEU G 163 35.29 -11.32 -7.23
CA LEU G 163 34.13 -11.44 -6.37
C LEU G 163 33.90 -12.89 -5.98
N LYS G 164 34.00 -13.82 -6.92
CA LYS G 164 33.80 -15.21 -6.57
C LYS G 164 34.81 -15.65 -5.52
N ASP G 165 36.07 -15.24 -5.67
CA ASP G 165 37.08 -15.58 -4.68
C ASP G 165 36.73 -15.05 -3.30
N ILE G 166 36.29 -13.79 -3.22
CA ILE G 166 35.94 -13.24 -1.92
C ILE G 166 34.71 -13.91 -1.34
N PHE G 167 33.68 -14.11 -2.15
CA PHE G 167 32.47 -14.74 -1.65
C PHE G 167 32.73 -16.17 -1.17
N GLU G 168 33.62 -16.89 -1.86
CA GLU G 168 33.98 -18.22 -1.42
C GLU G 168 34.69 -18.15 -0.07
N GLU G 169 35.53 -17.13 0.12
CA GLU G 169 36.14 -16.92 1.42
C GLU G 169 35.10 -16.66 2.50
N ARG G 170 34.08 -15.85 2.20
CA ARG G 170 33.06 -15.55 3.22
C ARG G 170 32.22 -16.77 3.53
N LEU G 171 31.87 -17.55 2.51
CA LEU G 171 31.09 -18.76 2.74
C LEU G 171 31.87 -19.76 3.57
N LYS G 172 33.18 -19.86 3.37
CA LYS G 172 33.95 -20.76 4.20
C LYS G 172 34.01 -20.25 5.64
N ARG G 173 34.25 -18.94 5.80
CA ARG G 173 34.40 -18.36 7.12
C ARG G 173 33.14 -18.51 7.97
N GLU G 174 31.96 -18.26 7.38
CA GLU G 174 30.71 -18.34 8.12
C GLU G 174 30.04 -19.70 8.08
N GLU G 175 30.68 -20.70 7.47
CA GLU G 175 30.22 -22.09 7.50
C GLU G 175 28.86 -22.25 6.84
N ARG G 176 28.70 -21.65 5.67
CA ARG G 176 27.46 -21.69 4.89
C ARG G 176 27.69 -22.30 3.53
N GLU G 177 28.79 -23.06 3.39
CA GLU G 177 29.16 -23.63 2.10
C GLU G 177 28.11 -24.57 1.54
N SER G 178 27.56 -25.46 2.38
CA SER G 178 26.58 -26.41 1.85
C SER G 178 25.24 -25.75 1.50
N VAL G 179 24.86 -24.68 2.21
CA VAL G 179 23.67 -23.93 1.83
C VAL G 179 23.86 -23.32 0.45
N ALA G 180 24.97 -22.62 0.24
CA ALA G 180 25.21 -21.99 -1.04
C ALA G 180 25.28 -23.03 -2.14
N LYS G 181 25.93 -24.17 -1.88
CA LYS G 181 26.03 -25.21 -2.89
C LYS G 181 24.64 -25.70 -3.31
N ALA G 182 23.74 -25.91 -2.36
CA ALA G 182 22.40 -26.35 -2.72
C ALA G 182 21.64 -25.28 -3.50
N CYS G 183 21.80 -24.01 -3.11
CA CYS G 183 21.16 -22.95 -3.87
C CYS G 183 21.66 -22.90 -5.31
N PHE G 184 22.99 -22.98 -5.50
CA PHE G 184 23.52 -22.95 -6.85
C PHE G 184 23.10 -24.18 -7.66
N GLN G 185 22.98 -25.34 -7.01
CA GLN G 185 22.54 -26.52 -7.73
C GLN G 185 21.10 -26.35 -8.21
N PHE G 186 20.28 -25.70 -7.40
CA PHE G 186 18.88 -25.47 -7.77
C PHE G 186 18.66 -24.32 -8.73
N LEU G 187 19.59 -23.39 -8.84
CA LEU G 187 19.35 -22.18 -9.64
C LEU G 187 18.91 -22.46 -11.08
N PRO G 188 19.50 -23.41 -11.82
CA PRO G 188 18.99 -23.67 -13.17
C PRO G 188 17.53 -24.09 -13.23
N MET G 189 17.03 -24.82 -12.24
CA MET G 189 15.60 -25.14 -12.24
C MET G 189 14.76 -23.92 -11.93
N ARG G 190 15.24 -23.01 -11.09
CA ARG G 190 14.56 -21.75 -10.89
C ARG G 190 14.44 -21.00 -12.20
N ALA G 191 15.51 -21.01 -13.00
CA ALA G 191 15.44 -20.38 -14.31
C ALA G 191 14.47 -21.08 -15.25
N ASN G 192 14.46 -22.42 -15.25
CA ASN G 192 13.47 -23.11 -16.08
C ASN G 192 12.05 -22.77 -15.66
N LEU G 193 11.78 -22.76 -14.36
CA LEU G 193 10.46 -22.37 -13.87
C LEU G 193 10.13 -20.97 -14.35
N ASP G 194 11.14 -20.10 -14.40
CA ASP G 194 10.98 -18.75 -14.93
C ASP G 194 10.53 -18.79 -16.38
N LEU G 195 11.19 -19.61 -17.19
CA LEU G 195 10.82 -19.72 -18.60
C LEU G 195 9.41 -20.27 -18.79
N LEU G 196 8.95 -21.16 -17.91
CA LEU G 196 7.66 -21.80 -18.10
C LEU G 196 6.46 -20.92 -17.72
N GLY G 197 6.65 -19.81 -17.01
CA GLY G 197 5.50 -18.99 -16.74
C GLY G 197 5.25 -18.66 -15.29
N TRP G 198 6.18 -19.02 -14.41
CA TRP G 198 6.09 -18.74 -12.99
C TRP G 198 7.03 -17.62 -12.57
N SER G 199 7.31 -16.71 -13.51
CA SER G 199 8.30 -15.67 -13.27
C SER G 199 7.91 -14.73 -12.15
N GLU G 200 6.62 -14.60 -11.85
CA GLU G 200 6.19 -13.71 -10.79
C GLU G 200 5.89 -14.42 -9.48
N ILE G 201 6.21 -15.70 -9.37
CA ILE G 201 5.82 -16.51 -8.22
C ILE G 201 7.05 -17.04 -7.50
N ASP G 202 7.12 -16.78 -6.20
CA ASP G 202 8.04 -17.47 -5.31
C ASP G 202 7.41 -18.82 -5.03
N ILE G 203 7.92 -19.88 -5.66
CA ILE G 203 7.27 -21.18 -5.62
C ILE G 203 7.23 -21.79 -4.23
N PHE G 204 8.06 -21.32 -3.31
CA PHE G 204 8.10 -21.88 -1.96
C PHE G 204 7.29 -21.09 -0.94
N ALA G 205 6.69 -19.96 -1.32
CA ALA G 205 6.01 -19.15 -0.32
C ALA G 205 4.65 -19.72 0.01
N HIS G 206 4.19 -19.45 1.24
CA HIS G 206 2.84 -19.86 1.60
C HIS G 206 1.78 -19.10 0.81
N SER G 207 2.00 -17.81 0.58
CA SER G 207 1.12 -17.04 -0.28
C SER G 207 1.90 -15.95 -1.00
N THR I 3 -32.32 -27.66 -20.94
CA THR I 3 -31.69 -27.17 -22.16
C THR I 3 -30.92 -28.29 -22.84
N GLU I 4 -30.48 -28.04 -24.08
CA GLU I 4 -29.76 -29.02 -24.88
C GLU I 4 -28.30 -28.61 -24.96
N ILE I 5 -27.41 -29.49 -24.53
CA ILE I 5 -25.97 -29.24 -24.61
C ILE I 5 -25.35 -30.38 -25.40
N ARG I 6 -24.80 -30.08 -26.56
CA ARG I 6 -24.14 -31.09 -27.37
C ARG I 6 -22.64 -31.03 -27.14
N VAL I 7 -22.03 -32.14 -26.73
CA VAL I 7 -20.60 -32.21 -26.45
C VAL I 7 -19.90 -32.92 -27.59
N HIS I 8 -18.84 -32.32 -28.10
CA HIS I 8 -18.10 -32.84 -29.23
C HIS I 8 -16.64 -33.01 -28.89
N GLN I 9 -15.97 -33.87 -29.65
CA GLN I 9 -14.54 -34.06 -29.56
C GLN I 9 -13.87 -33.42 -30.76
N GLY I 10 -12.98 -32.47 -30.50
CA GLY I 10 -12.16 -31.87 -31.55
C GLY I 10 -12.71 -30.72 -32.36
N ASP I 11 -13.93 -30.85 -32.87
CA ASP I 11 -14.47 -29.84 -33.77
C ASP I 11 -15.97 -30.02 -33.87
N LEU I 12 -16.65 -28.98 -34.35
CA LEU I 12 -18.03 -29.12 -34.78
C LEU I 12 -18.13 -30.10 -35.95
N PRO I 13 -19.21 -30.87 -36.02
CA PRO I 13 -19.41 -31.72 -37.21
C PRO I 13 -19.70 -30.95 -38.47
N ASN I 14 -20.42 -29.83 -38.38
CA ASN I 14 -20.75 -29.01 -39.54
C ASN I 14 -21.23 -27.66 -39.00
N LEU I 15 -21.56 -26.75 -39.93
CA LEU I 15 -22.04 -25.43 -39.56
C LEU I 15 -23.54 -25.26 -39.80
N ASP I 16 -24.28 -26.37 -39.81
CA ASP I 16 -25.71 -26.29 -40.10
C ASP I 16 -26.48 -25.46 -39.08
N ASN I 17 -26.03 -25.48 -37.83
CA ASN I 17 -26.66 -24.76 -36.72
C ASN I 17 -26.15 -23.34 -36.53
N TYR I 18 -25.26 -22.85 -37.38
CA TYR I 18 -24.61 -21.57 -37.13
C TYR I 18 -24.69 -20.68 -38.36
N ARG I 19 -25.82 -20.75 -39.07
CA ARG I 19 -26.17 -19.81 -40.13
C ARG I 19 -26.97 -18.63 -39.53
N ILE I 20 -26.26 -17.81 -38.75
CA ILE I 20 -26.86 -16.80 -37.91
C ILE I 20 -26.02 -15.53 -38.01
N ASP I 21 -26.58 -14.43 -37.51
CA ASP I 21 -25.88 -13.14 -37.58
C ASP I 21 -24.85 -12.96 -36.48
N ALA I 22 -24.99 -13.65 -35.35
CA ALA I 22 -24.08 -13.47 -34.24
C ALA I 22 -23.99 -14.75 -33.45
N VAL I 23 -22.79 -15.09 -32.97
CA VAL I 23 -22.58 -16.30 -32.21
C VAL I 23 -21.92 -15.92 -30.90
N ALA I 24 -22.42 -16.47 -29.81
CA ALA I 24 -21.82 -16.30 -28.50
C ALA I 24 -20.70 -17.31 -28.32
N VAL I 25 -19.56 -16.85 -27.83
CA VAL I 25 -18.35 -17.66 -27.74
C VAL I 25 -17.77 -17.50 -26.34
N ASP I 26 -17.29 -18.60 -25.79
CA ASP I 26 -16.53 -18.57 -24.55
C ASP I 26 -15.53 -19.70 -24.61
N THR I 27 -14.55 -19.66 -23.71
CA THR I 27 -13.51 -20.66 -23.63
C THR I 27 -13.31 -21.07 -22.18
N GLU I 28 -12.65 -22.19 -21.99
CA GLU I 28 -12.12 -22.56 -20.70
C GLU I 28 -10.68 -22.99 -20.87
N THR I 29 -9.85 -22.71 -19.87
CA THR I 29 -8.44 -22.97 -19.99
C THR I 29 -7.93 -23.49 -18.67
N LEU I 30 -6.64 -23.81 -18.62
CA LEU I 30 -6.00 -24.12 -17.35
C LEU I 30 -5.52 -22.88 -16.59
N GLY I 31 -5.77 -21.68 -17.08
CA GLY I 31 -5.38 -20.50 -16.34
C GLY I 31 -5.34 -19.27 -17.23
N LEU I 32 -4.85 -18.18 -16.64
CA LEU I 32 -4.90 -16.85 -17.23
C LEU I 32 -3.74 -16.51 -18.15
N GLN I 33 -2.76 -17.39 -18.31
CA GLN I 33 -1.53 -17.09 -19.05
C GLN I 33 -1.43 -17.96 -20.30
N PRO I 34 -1.74 -17.42 -21.48
CA PRO I 34 -1.85 -18.26 -22.68
C PRO I 34 -0.59 -19.05 -23.03
N HIS I 35 0.60 -18.57 -22.69
CA HIS I 35 1.80 -19.33 -23.03
C HIS I 35 1.94 -20.57 -22.16
N ARG I 36 1.35 -20.56 -20.97
CA ARG I 36 1.44 -21.70 -20.06
C ARG I 36 0.18 -22.56 -20.07
N ASP I 37 -1.00 -21.95 -20.19
CA ASP I 37 -2.26 -22.60 -19.88
C ASP I 37 -3.07 -22.89 -21.14
N ARG I 38 -3.18 -24.17 -21.49
CA ARG I 38 -3.72 -24.55 -22.79
C ARG I 38 -5.23 -24.36 -22.83
N LEU I 39 -5.76 -24.13 -24.03
CA LEU I 39 -7.20 -24.15 -24.24
C LEU I 39 -7.77 -25.55 -24.03
N CYS I 40 -8.80 -25.67 -23.20
CA CYS I 40 -9.39 -26.97 -22.88
C CYS I 40 -10.81 -27.16 -23.40
N VAL I 41 -11.63 -26.11 -23.43
CA VAL I 41 -13.03 -26.20 -23.81
C VAL I 41 -13.36 -24.96 -24.64
N VAL I 42 -14.17 -25.14 -25.67
CA VAL I 42 -14.79 -24.02 -26.38
C VAL I 42 -16.31 -24.15 -26.35
N GLN I 43 -17.00 -23.07 -26.00
CA GLN I 43 -18.46 -23.09 -25.93
C GLN I 43 -19.02 -22.15 -26.98
N LEU I 44 -20.12 -22.56 -27.60
CA LEU I 44 -20.81 -21.74 -28.58
C LEU I 44 -22.31 -21.88 -28.37
N SER I 45 -23.05 -20.87 -28.83
CA SER I 45 -24.50 -20.94 -28.83
C SER I 45 -25.04 -20.06 -29.94
N SER I 46 -26.10 -20.53 -30.60
CA SER I 46 -26.78 -19.71 -31.58
C SER I 46 -27.81 -18.78 -30.96
N GLY I 47 -28.06 -18.89 -29.67
CA GLY I 47 -29.09 -18.11 -29.02
C GLY I 47 -30.44 -18.79 -28.96
N ASP I 48 -30.57 -20.01 -29.46
CA ASP I 48 -31.84 -20.73 -29.47
C ASP I 48 -32.05 -21.55 -28.20
N GLY I 49 -31.29 -21.29 -27.15
CA GLY I 49 -31.41 -22.03 -25.92
C GLY I 49 -30.62 -23.32 -25.87
N THR I 50 -29.85 -23.63 -26.91
CA THR I 50 -28.98 -24.80 -26.93
C THR I 50 -27.53 -24.34 -27.04
N ALA I 51 -26.62 -25.24 -26.69
CA ALA I 51 -25.20 -24.89 -26.71
C ALA I 51 -24.38 -26.06 -27.22
N ASP I 52 -23.22 -25.73 -27.80
CA ASP I 52 -22.22 -26.72 -28.19
C ASP I 52 -20.97 -26.54 -27.34
N VAL I 53 -20.50 -27.63 -26.76
CA VAL I 53 -19.33 -27.66 -25.90
C VAL I 53 -18.30 -28.57 -26.55
N ILE I 54 -17.18 -28.00 -26.97
CA ILE I 54 -16.20 -28.70 -27.79
C ILE I 54 -14.97 -28.93 -26.92
N GLN I 55 -14.65 -30.20 -26.66
CA GLN I 55 -13.46 -30.54 -25.92
C GLN I 55 -12.26 -30.49 -26.87
N ILE I 56 -11.25 -29.73 -26.50
CA ILE I 56 -10.05 -29.58 -27.31
C ILE I 56 -8.96 -30.46 -26.74
N ALA I 57 -8.33 -31.26 -27.59
CA ALA I 57 -7.30 -32.19 -27.15
C ALA I 57 -5.98 -31.46 -26.96
N LYS I 58 -5.13 -32.03 -26.11
CA LYS I 58 -3.76 -31.54 -25.99
C LYS I 58 -3.04 -31.61 -27.32
N GLY I 59 -2.37 -30.50 -27.65
CA GLY I 59 -1.62 -30.37 -28.87
C GLY I 59 -2.43 -30.17 -30.12
N GLN I 60 -3.76 -30.10 -30.02
CA GLN I 60 -4.56 -29.93 -31.22
C GLN I 60 -4.30 -28.55 -31.81
N LYS I 61 -3.97 -28.51 -33.09
CA LYS I 61 -3.61 -27.27 -33.76
C LYS I 61 -4.69 -26.76 -34.69
N SER I 62 -5.68 -27.58 -35.01
CA SER I 62 -6.67 -27.29 -36.05
C SER I 62 -8.05 -27.65 -35.55
N ALA I 63 -9.03 -26.82 -35.91
CA ALA I 63 -10.44 -27.09 -35.67
C ALA I 63 -11.22 -26.40 -36.78
N PRO I 64 -11.23 -26.98 -37.98
CA PRO I 64 -11.62 -26.20 -39.18
C PRO I 64 -13.00 -25.60 -39.12
N ASN I 65 -14.01 -26.30 -38.62
CA ASN I 65 -15.35 -25.71 -38.64
C ASN I 65 -15.45 -24.57 -37.64
N LEU I 66 -14.98 -24.79 -36.42
CA LEU I 66 -14.93 -23.72 -35.43
C LEU I 66 -14.15 -22.53 -35.96
N VAL I 67 -12.96 -22.77 -36.52
CA VAL I 67 -12.12 -21.66 -36.96
C VAL I 67 -12.76 -20.96 -38.15
N ARG I 68 -13.43 -21.72 -39.01
CA ARG I 68 -14.22 -21.15 -40.09
C ARG I 68 -15.25 -20.17 -39.55
N LEU I 69 -15.95 -20.55 -38.48
CA LEU I 69 -16.89 -19.63 -37.85
C LEU I 69 -16.18 -18.40 -37.29
N LEU I 70 -15.05 -18.61 -36.62
CA LEU I 70 -14.30 -17.52 -36.00
C LEU I 70 -13.79 -16.50 -36.99
N SER I 71 -13.45 -16.92 -38.21
CA SER I 71 -12.89 -16.00 -39.20
C SER I 71 -13.92 -15.43 -40.17
N ASP I 72 -15.21 -15.69 -39.99
CA ASP I 72 -16.23 -15.19 -40.90
C ASP I 72 -16.56 -13.75 -40.51
N ARG I 73 -16.13 -12.79 -41.32
CA ARG I 73 -16.32 -11.37 -41.03
C ARG I 73 -17.77 -10.93 -41.02
N ASP I 74 -18.69 -11.70 -41.57
CA ASP I 74 -20.11 -11.33 -41.54
C ASP I 74 -20.83 -11.76 -40.27
N ILE I 75 -20.16 -12.41 -39.33
CA ILE I 75 -20.79 -12.91 -38.11
C ILE I 75 -20.09 -12.26 -36.93
N THR I 76 -20.84 -11.52 -36.12
CA THR I 76 -20.27 -10.92 -34.92
C THR I 76 -20.12 -11.95 -33.83
N LYS I 77 -18.92 -12.04 -33.26
CA LYS I 77 -18.63 -12.91 -32.12
C LYS I 77 -18.82 -12.17 -30.81
N ILE I 78 -19.72 -12.68 -29.97
CA ILE I 78 -20.02 -12.07 -28.68
C ILE I 78 -19.23 -12.79 -27.60
N PHE I 79 -18.49 -12.03 -26.80
CA PHE I 79 -17.73 -12.56 -25.68
C PHE I 79 -18.10 -11.80 -24.42
N HIS I 80 -17.79 -12.39 -23.28
CA HIS I 80 -17.64 -11.67 -22.03
C HIS I 80 -16.16 -11.62 -21.65
N PHE I 81 -15.61 -10.41 -21.55
CA PHE I 81 -14.17 -10.20 -21.40
C PHE I 81 -13.38 -10.89 -22.50
N GLY I 82 -13.69 -10.48 -23.73
CA GLY I 82 -13.02 -11.04 -24.89
C GLY I 82 -11.54 -10.79 -24.94
N ARG I 83 -11.03 -9.82 -24.17
CA ARG I 83 -9.58 -9.60 -24.13
C ARG I 83 -8.81 -10.89 -23.91
N PHE I 84 -9.31 -11.77 -23.04
CA PHE I 84 -8.64 -13.03 -22.78
C PHE I 84 -8.92 -14.06 -23.87
N ASP I 85 -10.20 -14.28 -24.17
CA ASP I 85 -10.60 -15.31 -25.13
C ASP I 85 -9.99 -15.08 -26.51
N LEU I 86 -9.96 -13.83 -26.98
CA LEU I 86 -9.34 -13.56 -28.27
C LEU I 86 -7.87 -13.94 -28.25
N ALA I 87 -7.19 -13.65 -27.16
CA ALA I 87 -5.78 -13.97 -27.06
C ALA I 87 -5.57 -15.47 -27.14
N ILE I 88 -6.34 -16.23 -26.37
CA ILE I 88 -6.10 -17.67 -26.33
C ILE I 88 -6.53 -18.32 -27.65
N LEU I 89 -7.59 -17.83 -28.28
CA LEU I 89 -8.01 -18.37 -29.56
C LEU I 89 -6.96 -18.11 -30.63
N ALA I 90 -6.45 -16.88 -30.69
CA ALA I 90 -5.43 -16.56 -31.69
C ALA I 90 -4.16 -17.36 -31.44
N HIS I 91 -3.82 -17.54 -30.17
CA HIS I 91 -2.63 -18.32 -29.81
C HIS I 91 -2.79 -19.77 -30.23
N THR I 92 -4.00 -20.30 -30.13
CA THR I 92 -4.18 -21.73 -30.37
C THR I 92 -4.32 -22.05 -31.85
N PHE I 93 -5.14 -21.29 -32.57
CA PHE I 93 -5.43 -21.63 -33.96
C PHE I 93 -4.83 -20.69 -34.98
N GLY I 94 -4.20 -19.59 -34.57
CA GLY I 94 -3.48 -18.74 -35.49
C GLY I 94 -4.32 -17.75 -36.26
N VAL I 95 -5.61 -17.61 -35.92
CA VAL I 95 -6.52 -16.69 -36.58
C VAL I 95 -7.13 -15.77 -35.53
N MET I 96 -6.99 -14.47 -35.73
CA MET I 96 -7.57 -13.49 -34.82
C MET I 96 -8.86 -12.93 -35.38
N PRO I 97 -10.00 -13.18 -34.73
CA PRO I 97 -11.25 -12.54 -35.17
C PRO I 97 -11.13 -11.03 -35.16
N ASP I 98 -11.84 -10.37 -36.08
CA ASP I 98 -11.77 -8.91 -36.14
C ASP I 98 -13.14 -8.24 -36.13
N VAL I 99 -14.21 -8.99 -35.89
CA VAL I 99 -15.55 -8.45 -35.72
C VAL I 99 -16.07 -9.03 -34.42
N VAL I 100 -16.06 -8.23 -33.35
CA VAL I 100 -16.33 -8.75 -32.01
C VAL I 100 -17.23 -7.77 -31.27
N PHE I 101 -17.90 -8.29 -30.25
CA PHE I 101 -18.65 -7.52 -29.29
C PHE I 101 -18.28 -8.10 -27.93
N CYS I 102 -17.98 -7.23 -26.97
CA CYS I 102 -17.60 -7.66 -25.63
C CYS I 102 -18.59 -7.07 -24.64
N THR I 103 -19.26 -7.92 -23.88
CA THR I 103 -20.25 -7.44 -22.92
C THR I 103 -19.62 -6.76 -21.72
N LYS I 104 -18.34 -7.02 -21.42
CA LYS I 104 -17.73 -6.34 -20.29
C LYS I 104 -17.37 -4.89 -20.63
N ILE I 105 -16.79 -4.63 -21.80
CA ILE I 105 -16.60 -3.24 -22.23
C ILE I 105 -17.94 -2.52 -22.28
N ALA I 106 -18.97 -3.18 -22.81
CA ALA I 106 -20.28 -2.55 -22.85
C ALA I 106 -20.79 -2.25 -21.45
N SER I 107 -20.54 -3.16 -20.50
CA SER I 107 -20.92 -2.91 -19.12
C SER I 107 -20.19 -1.70 -18.58
N LYS I 108 -18.89 -1.59 -18.83
CA LYS I 108 -18.15 -0.45 -18.32
C LYS I 108 -18.61 0.85 -18.98
N LEU I 109 -19.20 0.77 -20.17
CA LEU I 109 -19.69 1.96 -20.85
C LEU I 109 -21.15 2.27 -20.53
N THR I 110 -21.86 1.40 -19.86
CA THR I 110 -23.29 1.66 -19.66
C THR I 110 -23.69 1.51 -18.21
N ARG I 111 -23.18 0.50 -17.52
CA ARG I 111 -23.53 0.28 -16.12
C ARG I 111 -22.61 1.11 -15.24
N THR I 112 -22.74 2.43 -15.39
CA THR I 112 -21.89 3.39 -14.69
C THR I 112 -22.26 3.53 -13.22
N TYR I 113 -23.37 2.93 -12.80
CA TYR I 113 -23.84 2.98 -11.42
C TYR I 113 -23.33 1.85 -10.54
N THR I 114 -22.38 1.06 -11.03
CA THR I 114 -21.84 -0.02 -10.21
C THR I 114 -20.38 -0.22 -10.58
N ASP I 115 -19.64 -0.87 -9.67
CA ASP I 115 -18.25 -1.22 -9.95
C ASP I 115 -18.05 -2.72 -10.13
N ARG I 116 -19.11 -3.50 -10.15
CA ARG I 116 -19.02 -4.95 -10.31
C ARG I 116 -19.49 -5.27 -11.73
N HIS I 117 -18.55 -5.69 -12.58
CA HIS I 117 -18.84 -5.94 -13.98
C HIS I 117 -18.66 -7.40 -14.34
N GLY I 118 -18.54 -8.27 -13.34
CA GLY I 118 -18.44 -9.68 -13.62
C GLY I 118 -19.73 -10.26 -14.17
N LEU I 119 -19.61 -11.40 -14.84
CA LEU I 119 -20.76 -12.00 -15.51
C LEU I 119 -21.86 -12.34 -14.51
N LYS I 120 -21.48 -12.83 -13.33
CA LYS I 120 -22.48 -13.15 -12.31
C LYS I 120 -23.31 -11.92 -11.94
N GLU I 121 -22.64 -10.81 -11.64
CA GLU I 121 -23.36 -9.61 -11.23
C GLU I 121 -24.22 -9.07 -12.36
N ILE I 122 -23.71 -9.12 -13.60
CA ILE I 122 -24.50 -8.62 -14.72
C ILE I 122 -25.73 -9.47 -14.94
N CYS I 123 -25.58 -10.79 -14.95
CA CYS I 123 -26.74 -11.63 -15.16
C CYS I 123 -27.74 -11.49 -14.02
N GLY I 124 -27.25 -11.36 -12.78
CA GLY I 124 -28.15 -11.20 -11.65
C GLY I 124 -28.96 -9.93 -11.74
N GLU I 125 -28.31 -8.82 -12.06
CA GLU I 125 -28.98 -7.52 -12.09
C GLU I 125 -29.88 -7.37 -13.31
N LEU I 126 -29.36 -7.71 -14.50
CA LEU I 126 -30.06 -7.39 -15.74
C LEU I 126 -31.17 -8.38 -16.09
N LEU I 127 -31.02 -9.65 -15.72
CA LEU I 127 -31.96 -10.68 -16.14
C LEU I 127 -32.57 -11.44 -14.99
N ASN I 128 -32.13 -11.20 -13.76
CA ASN I 128 -32.47 -11.99 -12.57
C ASN I 128 -32.23 -13.48 -12.79
N VAL I 129 -31.14 -13.83 -13.46
CA VAL I 129 -30.74 -15.21 -13.65
C VAL I 129 -29.54 -15.46 -12.76
N ASN I 130 -29.56 -16.56 -12.00
CA ASN I 130 -28.46 -16.85 -11.09
C ASN I 130 -27.52 -17.87 -11.73
N ILE I 131 -26.31 -17.42 -12.09
CA ILE I 131 -25.24 -18.28 -12.55
C ILE I 131 -24.38 -18.68 -11.35
N SER I 132 -24.15 -19.96 -11.18
CA SER I 132 -23.28 -20.47 -10.11
C SER I 132 -21.89 -20.74 -10.66
N LYS I 133 -20.89 -20.12 -10.04
CA LYS I 133 -19.50 -20.12 -10.49
C LYS I 133 -18.65 -21.16 -9.78
N GLN I 134 -19.26 -22.08 -9.03
CA GLN I 134 -18.50 -23.01 -8.21
C GLN I 134 -17.53 -23.82 -9.05
N GLN I 135 -17.92 -24.20 -10.26
CA GLN I 135 -17.12 -25.04 -11.12
C GLN I 135 -16.09 -24.27 -11.95
N GLN I 136 -16.06 -22.93 -11.84
CA GLN I 136 -15.11 -22.15 -12.61
C GLN I 136 -13.68 -22.61 -12.36
N SER I 137 -13.32 -22.83 -11.11
CA SER I 137 -12.00 -23.40 -10.78
C SER I 137 -12.17 -24.90 -10.65
N SER I 138 -12.00 -25.60 -11.77
CA SER I 138 -12.07 -27.05 -11.79
C SER I 138 -11.12 -27.56 -12.87
N ASP I 139 -10.93 -28.88 -12.91
CA ASP I 139 -10.04 -29.48 -13.89
C ASP I 139 -10.73 -29.59 -15.24
N TRP I 140 -10.60 -28.56 -16.05
CA TRP I 140 -11.20 -28.53 -17.37
C TRP I 140 -10.51 -29.45 -18.36
N ALA I 141 -9.35 -30.00 -18.00
CA ALA I 141 -8.62 -30.93 -18.86
C ALA I 141 -9.01 -32.37 -18.66
N ALA I 142 -9.96 -32.66 -17.78
CA ALA I 142 -10.38 -34.03 -17.55
C ALA I 142 -10.85 -34.66 -18.86
N GLU I 143 -10.52 -35.93 -19.05
CA GLU I 143 -10.95 -36.64 -20.25
C GLU I 143 -12.46 -36.64 -20.39
N THR I 144 -13.18 -36.89 -19.30
CA THR I 144 -14.63 -36.84 -19.27
C THR I 144 -15.05 -35.72 -18.34
N LEU I 145 -15.73 -34.72 -18.89
CA LEU I 145 -16.26 -33.66 -18.05
C LEU I 145 -17.47 -34.16 -17.27
N SER I 146 -17.61 -33.69 -16.03
CA SER I 146 -18.76 -34.02 -15.23
C SER I 146 -19.98 -33.25 -15.72
N ARG I 147 -21.17 -33.72 -15.31
CA ARG I 147 -22.40 -33.02 -15.67
C ARG I 147 -22.41 -31.60 -15.14
N ALA I 148 -21.92 -31.39 -13.92
CA ALA I 148 -21.86 -30.03 -13.36
C ALA I 148 -20.97 -29.12 -14.20
N GLN I 149 -19.83 -29.63 -14.65
CA GLN I 149 -18.94 -28.85 -15.50
C GLN I 149 -19.62 -28.47 -16.81
N ILE I 150 -20.27 -29.44 -17.43
CA ILE I 150 -20.91 -29.20 -18.73
C ILE I 150 -22.01 -28.16 -18.58
N GLU I 151 -22.81 -28.27 -17.51
CA GLU I 151 -23.90 -27.33 -17.30
C GLU I 151 -23.37 -25.94 -17.00
N TYR I 152 -22.26 -25.83 -16.25
CA TYR I 152 -21.66 -24.51 -16.05
C TYR I 152 -21.15 -23.92 -17.36
N ALA I 153 -20.44 -24.72 -18.15
CA ALA I 153 -19.92 -24.21 -19.41
C ALA I 153 -21.04 -23.72 -20.30
N ALA I 154 -22.15 -24.44 -20.36
CA ALA I 154 -23.25 -23.94 -21.18
C ALA I 154 -23.84 -22.68 -20.57
N SER I 155 -23.94 -22.62 -19.23
CA SER I 155 -24.54 -21.44 -18.61
C SER I 155 -23.74 -20.19 -18.92
N ASP I 156 -22.46 -20.35 -19.26
CA ASP I 156 -21.58 -19.19 -19.54
C ASP I 156 -21.90 -18.58 -20.90
N VAL I 157 -22.48 -19.36 -21.82
CA VAL I 157 -22.76 -18.87 -23.16
C VAL I 157 -24.25 -18.66 -23.44
N LEU I 158 -25.15 -19.23 -22.64
CA LEU I 158 -26.57 -19.22 -22.93
C LEU I 158 -27.21 -17.83 -22.92
N TYR I 159 -26.58 -16.83 -22.28
CA TYR I 159 -27.26 -15.55 -22.06
C TYR I 159 -26.63 -14.37 -22.77
N LEU I 160 -25.56 -14.56 -23.54
CA LEU I 160 -24.83 -13.44 -24.10
C LEU I 160 -25.63 -12.72 -25.18
N HIS I 161 -26.49 -13.44 -25.92
CA HIS I 161 -27.36 -12.76 -26.90
C HIS I 161 -28.29 -11.76 -26.23
N ARG I 162 -28.92 -12.17 -25.12
CA ARG I 162 -29.84 -11.26 -24.45
C ARG I 162 -29.12 -10.05 -23.91
N LEU I 163 -27.90 -10.25 -23.40
CA LEU I 163 -27.11 -9.12 -22.95
C LEU I 163 -26.74 -8.22 -24.12
N LYS I 164 -26.34 -8.78 -25.25
CA LYS I 164 -26.02 -7.93 -26.39
C LYS I 164 -27.20 -7.06 -26.77
N ASP I 165 -28.40 -7.65 -26.81
CA ASP I 165 -29.59 -6.87 -27.15
C ASP I 165 -29.79 -5.71 -26.17
N ILE I 166 -29.72 -6.01 -24.87
CA ILE I 166 -29.95 -4.97 -23.87
C ILE I 166 -28.86 -3.90 -23.93
N PHE I 167 -27.60 -4.31 -24.03
CA PHE I 167 -26.51 -3.36 -24.09
C PHE I 167 -26.58 -2.50 -25.35
N GLU I 168 -26.99 -3.06 -26.48
CA GLU I 168 -27.13 -2.22 -27.66
C GLU I 168 -28.20 -1.15 -27.44
N GLU I 169 -29.29 -1.54 -26.76
CA GLU I 169 -30.29 -0.54 -26.41
C GLU I 169 -29.72 0.54 -25.50
N ARG I 170 -28.92 0.14 -24.50
CA ARG I 170 -28.38 1.12 -23.56
C ARG I 170 -27.36 2.04 -24.22
N LEU I 171 -26.51 1.47 -25.07
CA LEU I 171 -25.50 2.28 -25.75
C LEU I 171 -26.13 3.27 -26.70
N LYS I 172 -27.21 2.89 -27.38
CA LYS I 172 -27.86 3.88 -28.23
C LYS I 172 -28.53 4.95 -27.37
N ARG I 173 -29.19 4.53 -26.29
CA ARG I 173 -29.93 5.45 -25.43
C ARG I 173 -29.03 6.51 -24.82
N GLU I 174 -27.85 6.13 -24.33
CA GLU I 174 -26.94 7.08 -23.70
C GLU I 174 -25.95 7.67 -24.70
N GLU I 175 -26.12 7.35 -25.98
CA GLU I 175 -25.41 7.94 -27.11
C GLU I 175 -23.90 7.67 -27.05
N ARG I 176 -23.55 6.42 -26.79
CA ARG I 176 -22.15 5.99 -26.70
C ARG I 176 -21.91 4.87 -27.71
N GLU I 177 -22.76 4.76 -28.72
CA GLU I 177 -22.65 3.69 -29.70
C GLU I 177 -21.33 3.76 -30.46
N SER I 178 -20.90 4.95 -30.86
CA SER I 178 -19.66 5.05 -31.63
C SER I 178 -18.46 4.78 -30.74
N VAL I 179 -18.57 5.13 -29.46
CA VAL I 179 -17.52 4.80 -28.50
C VAL I 179 -17.35 3.29 -28.40
N ALA I 180 -18.47 2.58 -28.21
CA ALA I 180 -18.40 1.14 -28.11
C ALA I 180 -17.84 0.55 -29.40
N LYS I 181 -18.27 1.08 -30.54
CA LYS I 181 -17.78 0.56 -31.81
C LYS I 181 -16.28 0.68 -31.93
N ALA I 182 -15.72 1.84 -31.55
CA ALA I 182 -14.28 2.00 -31.61
C ALA I 182 -13.53 1.10 -30.64
N CYS I 183 -14.07 0.93 -29.42
CA CYS I 183 -13.44 0.01 -28.47
C CYS I 183 -13.44 -1.42 -28.98
N PHE I 184 -14.55 -1.86 -29.55
CA PHE I 184 -14.63 -3.21 -30.10
C PHE I 184 -13.68 -3.36 -31.27
N GLN I 185 -13.55 -2.32 -32.09
CA GLN I 185 -12.63 -2.39 -33.21
C GLN I 185 -11.20 -2.53 -32.74
N PHE I 186 -10.85 -1.91 -31.61
CA PHE I 186 -9.50 -2.04 -31.09
C PHE I 186 -9.25 -3.32 -30.31
N LEU I 187 -10.29 -3.96 -29.79
CA LEU I 187 -10.08 -5.09 -28.89
C LEU I 187 -9.19 -6.22 -29.42
N PRO I 188 -9.30 -6.67 -30.68
CA PRO I 188 -8.37 -7.70 -31.16
C PRO I 188 -6.90 -7.32 -31.08
N MET I 189 -6.55 -6.06 -31.33
CA MET I 189 -5.15 -5.67 -31.19
C MET I 189 -4.72 -5.62 -29.74
N ARG I 190 -5.62 -5.27 -28.83
CA ARG I 190 -5.33 -5.36 -27.40
C ARG I 190 -5.01 -6.80 -27.01
N ALA I 191 -5.77 -7.75 -27.56
CA ALA I 191 -5.47 -9.15 -27.28
C ALA I 191 -4.13 -9.55 -27.88
N ASN I 192 -3.84 -9.08 -29.09
CA ASN I 192 -2.54 -9.34 -29.69
C ASN I 192 -1.41 -8.81 -28.80
N LEU I 193 -1.56 -7.58 -28.29
CA LEU I 193 -0.58 -7.04 -27.38
C LEU I 193 -0.40 -7.94 -26.17
N ASP I 194 -1.49 -8.54 -25.69
CA ASP I 194 -1.35 -9.51 -24.60
C ASP I 194 -0.47 -10.67 -25.03
N LEU I 195 -0.71 -11.21 -26.22
CA LEU I 195 0.11 -12.32 -26.66
C LEU I 195 1.58 -11.94 -26.83
N LEU I 196 1.86 -10.70 -27.24
CA LEU I 196 3.24 -10.30 -27.51
C LEU I 196 4.04 -9.99 -26.25
N GLY I 197 3.40 -9.82 -25.10
CA GLY I 197 4.18 -9.62 -23.89
C GLY I 197 3.86 -8.40 -23.06
N TRP I 198 2.80 -7.67 -23.42
CA TRP I 198 2.40 -6.47 -22.70
C TRP I 198 1.14 -6.69 -21.86
N SER I 199 0.91 -7.93 -21.42
CA SER I 199 -0.34 -8.23 -20.74
C SER I 199 -0.53 -7.44 -19.45
N GLU I 200 0.54 -6.98 -18.81
CA GLU I 200 0.41 -6.23 -17.58
C GLU I 200 0.52 -4.72 -17.78
N ILE I 201 0.51 -4.25 -19.03
CA ILE I 201 0.78 -2.84 -19.32
C ILE I 201 -0.44 -2.24 -20.00
N ASP I 202 -0.95 -1.16 -19.43
CA ASP I 202 -1.87 -0.26 -20.10
C ASP I 202 -1.09 0.68 -21.03
N ILE I 203 -1.16 0.39 -22.32
CA ILE I 203 -0.30 1.06 -23.31
C ILE I 203 -0.57 2.55 -23.45
N PHE I 204 -1.73 3.05 -23.00
CA PHE I 204 -2.06 4.46 -23.14
C PHE I 204 -1.79 5.28 -21.89
N ALA I 205 -1.35 4.66 -20.81
CA ALA I 205 -1.15 5.39 -19.56
C ALA I 205 0.12 6.23 -19.63
N HIS I 206 0.13 7.30 -18.83
CA HIS I 206 1.32 8.13 -18.71
C HIS I 206 2.47 7.38 -18.06
N SER I 207 2.18 6.56 -17.06
CA SER I 207 3.24 5.73 -16.47
C SER I 207 2.72 4.39 -15.99
N THR K 3 -47.62 2.81 2.85
CA THR K 3 -46.89 4.03 2.54
C THR K 3 -47.37 4.66 1.24
N GLU K 4 -47.68 5.95 1.29
CA GLU K 4 -48.15 6.67 0.11
C GLU K 4 -46.94 7.23 -0.63
N ILE K 5 -46.76 6.80 -1.88
CA ILE K 5 -45.68 7.30 -2.71
C ILE K 5 -46.30 7.81 -4.00
N ARG K 6 -46.20 9.11 -4.24
CA ARG K 6 -46.71 9.72 -5.45
C ARG K 6 -45.59 9.86 -6.47
N VAL K 7 -45.76 9.26 -7.65
CA VAL K 7 -44.75 9.31 -8.70
C VAL K 7 -45.17 10.32 -9.75
N HIS K 8 -44.27 11.24 -10.09
CA HIS K 8 -44.57 12.29 -11.04
C HIS K 8 -43.52 12.30 -12.15
N GLN K 9 -43.88 12.90 -13.28
CA GLN K 9 -42.98 13.13 -14.40
C GLN K 9 -42.62 14.60 -14.47
N GLY K 10 -41.32 14.89 -14.42
CA GLY K 10 -40.80 16.24 -14.63
C GLY K 10 -40.76 17.19 -13.44
N ASP K 11 -41.86 17.30 -12.71
CA ASP K 11 -41.96 18.29 -11.65
C ASP K 11 -43.13 17.91 -10.76
N LEU K 12 -43.15 18.49 -9.56
CA LEU K 12 -44.33 18.45 -8.73
C LEU K 12 -45.50 19.17 -9.41
N PRO K 13 -46.74 18.68 -9.25
CA PRO K 13 -47.87 19.45 -9.80
C PRO K 13 -48.09 20.77 -9.08
N ASN K 14 -47.79 20.83 -7.78
CA ASN K 14 -47.93 22.06 -6.99
C ASN K 14 -47.19 21.84 -5.68
N LEU K 15 -47.19 22.87 -4.82
CA LEU K 15 -46.51 22.80 -3.53
C LEU K 15 -47.49 22.68 -2.37
N ASP K 16 -48.70 22.18 -2.63
CA ASP K 16 -49.72 22.13 -1.57
C ASP K 16 -49.27 21.26 -0.41
N ASN K 17 -48.48 20.23 -0.70
CA ASN K 17 -47.99 19.31 0.31
C ASN K 17 -46.67 19.73 0.94
N TYR K 18 -46.12 20.89 0.58
CA TYR K 18 -44.79 21.26 1.02
C TYR K 18 -44.77 22.67 1.59
N ARG K 19 -45.83 23.03 2.29
CA ARG K 19 -45.87 24.26 3.09
C ARG K 19 -45.36 23.95 4.50
N ILE K 20 -44.06 23.66 4.59
CA ILE K 20 -43.46 23.11 5.80
C ILE K 20 -42.12 23.80 6.02
N ASP K 21 -41.54 23.57 7.20
CA ASP K 21 -40.30 24.25 7.55
C ASP K 21 -39.05 23.44 7.22
N ALA K 22 -39.19 22.15 6.92
CA ALA K 22 -38.05 21.34 6.54
C ALA K 22 -38.53 20.21 5.66
N VAL K 23 -37.78 19.91 4.60
CA VAL K 23 -38.14 18.87 3.65
C VAL K 23 -36.93 17.95 3.49
N ALA K 24 -37.18 16.65 3.55
CA ALA K 24 -36.12 15.69 3.28
C ALA K 24 -35.95 15.48 1.79
N VAL K 25 -34.72 15.52 1.31
CA VAL K 25 -34.42 15.48 -0.12
C VAL K 25 -33.32 14.46 -0.33
N ASP K 26 -33.44 13.68 -1.40
CA ASP K 26 -32.36 12.81 -1.83
C ASP K 26 -32.50 12.67 -3.34
N THR K 27 -31.46 12.17 -3.98
CA THR K 27 -31.49 11.98 -5.42
C THR K 27 -30.96 10.61 -5.79
N GLU K 28 -31.28 10.20 -7.01
CA GLU K 28 -30.63 9.07 -7.66
C GLU K 28 -30.18 9.48 -9.06
N THR K 29 -29.03 8.96 -9.44
CA THR K 29 -28.45 9.32 -10.74
C THR K 29 -27.87 8.06 -11.38
N LEU K 30 -27.36 8.19 -12.60
CA LEU K 30 -26.67 7.10 -13.26
C LEU K 30 -25.23 6.87 -12.78
N GLY K 31 -24.75 7.61 -11.79
CA GLY K 31 -23.43 7.35 -11.27
C GLY K 31 -22.88 8.51 -10.47
N LEU K 32 -21.61 8.37 -10.10
CA LEU K 32 -20.93 9.26 -9.16
C LEU K 32 -20.30 10.49 -9.80
N GLN K 33 -20.36 10.63 -11.12
CA GLN K 33 -19.64 11.70 -11.80
C GLN K 33 -20.64 12.65 -12.43
N PRO K 34 -20.89 13.82 -11.83
CA PRO K 34 -21.99 14.66 -12.29
C PRO K 34 -21.88 15.09 -13.74
N HIS K 35 -20.66 15.23 -14.28
CA HIS K 35 -20.54 15.63 -15.68
C HIS K 35 -20.90 14.51 -16.63
N ARG K 36 -20.79 13.25 -16.19
CA ARG K 36 -21.14 12.12 -17.03
C ARG K 36 -22.49 11.51 -16.70
N ASP K 37 -22.88 11.47 -15.43
CA ASP K 37 -23.99 10.64 -14.98
C ASP K 37 -25.17 11.53 -14.60
N ARG K 38 -26.22 11.48 -15.42
CA ARG K 38 -27.31 12.44 -15.31
C ARG K 38 -28.20 12.16 -14.09
N LEU K 39 -28.87 13.22 -13.63
CA LEU K 39 -29.85 13.09 -12.52
C LEU K 39 -31.06 12.37 -13.10
N CYS K 40 -31.52 11.32 -12.43
CA CYS K 40 -32.62 10.50 -12.93
C CYS K 40 -33.87 10.60 -12.07
N VAL K 41 -33.73 10.73 -10.76
CA VAL K 41 -34.84 10.73 -9.82
C VAL K 41 -34.56 11.77 -8.76
N VAL K 42 -35.59 12.47 -8.35
CA VAL K 42 -35.55 13.34 -7.18
C VAL K 42 -36.61 12.86 -6.19
N GLN K 43 -36.23 12.71 -4.94
CA GLN K 43 -37.14 12.24 -3.91
C GLN K 43 -37.37 13.35 -2.90
N LEU K 44 -38.60 13.46 -2.42
CA LEU K 44 -38.95 14.45 -1.43
C LEU K 44 -39.85 13.81 -0.39
N SER K 45 -39.85 14.36 0.82
CA SER K 45 -40.82 13.97 1.82
C SER K 45 -41.04 15.12 2.79
N SER K 46 -42.29 15.32 3.18
CA SER K 46 -42.61 16.31 4.19
C SER K 46 -42.44 15.78 5.61
N GLY K 47 -42.15 14.51 5.78
CA GLY K 47 -42.06 13.91 7.09
C GLY K 47 -43.35 13.31 7.60
N ASP K 48 -44.42 13.37 6.81
CA ASP K 48 -45.73 12.85 7.19
C ASP K 48 -45.93 11.38 6.84
N GLY K 49 -44.86 10.66 6.53
CA GLY K 49 -44.99 9.26 6.17
C GLY K 49 -45.31 9.00 4.72
N THR K 50 -45.38 10.03 3.90
CA THR K 50 -45.56 9.90 2.46
C THR K 50 -44.33 10.45 1.75
N ALA K 51 -44.17 10.08 0.48
CA ALA K 51 -43.02 10.53 -0.28
C ALA K 51 -43.45 10.86 -1.70
N ASP K 52 -42.71 11.77 -2.33
CA ASP K 52 -42.87 12.09 -3.74
C ASP K 52 -41.62 11.68 -4.51
N VAL K 53 -41.81 10.97 -5.61
CA VAL K 53 -40.71 10.51 -6.45
C VAL K 53 -40.90 11.12 -7.83
N ILE K 54 -39.95 11.96 -8.25
CA ILE K 54 -40.07 12.75 -9.46
C ILE K 54 -39.06 12.22 -10.46
N GLN K 55 -39.56 11.68 -11.57
CA GLN K 55 -38.70 11.20 -12.65
C GLN K 55 -38.25 12.36 -13.52
N ILE K 56 -36.93 12.48 -13.69
CA ILE K 56 -36.33 13.55 -14.47
C ILE K 56 -35.96 13.01 -15.84
N ALA K 57 -36.39 13.70 -16.90
CA ALA K 57 -36.15 13.23 -18.25
C ALA K 57 -34.72 13.56 -18.67
N LYS K 58 -34.21 12.76 -19.60
CA LYS K 58 -32.94 13.07 -20.22
C LYS K 58 -32.98 14.43 -20.89
N GLY K 59 -31.98 15.25 -20.63
CA GLY K 59 -31.90 16.57 -21.20
C GLY K 59 -32.80 17.61 -20.55
N GLN K 60 -33.54 17.22 -19.52
CA GLN K 60 -34.44 18.17 -18.80
C GLN K 60 -33.60 19.30 -18.20
N LYS K 61 -33.96 20.55 -18.49
CA LYS K 61 -33.19 21.69 -18.00
C LYS K 61 -33.89 22.49 -16.92
N SER K 62 -35.21 22.31 -16.72
CA SER K 62 -35.95 23.15 -15.79
C SER K 62 -36.97 22.32 -15.03
N ALA K 63 -37.24 22.71 -13.79
CA ALA K 63 -38.33 22.14 -13.00
C ALA K 63 -38.82 23.20 -12.02
N PRO K 64 -39.67 24.13 -12.50
CA PRO K 64 -39.88 25.38 -11.74
C PRO K 64 -40.38 25.20 -10.31
N ASN K 65 -41.30 24.27 -10.05
CA ASN K 65 -41.81 24.13 -8.68
C ASN K 65 -40.74 23.53 -7.77
N LEU K 66 -40.10 22.45 -8.22
CA LEU K 66 -39.00 21.87 -7.46
C LEU K 66 -37.89 22.89 -7.20
N VAL K 67 -37.49 23.63 -8.24
CA VAL K 67 -36.38 24.54 -8.05
C VAL K 67 -36.80 25.70 -7.14
N ARG K 68 -38.06 26.12 -7.22
CA ARG K 68 -38.56 27.12 -6.29
C ARG K 68 -38.46 26.64 -4.85
N LEU K 69 -38.80 25.37 -4.60
CA LEU K 69 -38.67 24.83 -3.26
C LEU K 69 -37.20 24.81 -2.82
N LEU K 70 -36.32 24.33 -3.70
CA LEU K 70 -34.89 24.24 -3.37
C LEU K 70 -34.27 25.60 -3.11
N SER K 71 -34.77 26.65 -3.77
CA SER K 71 -34.22 27.99 -3.59
C SER K 71 -34.72 28.70 -2.34
N ASP K 72 -35.76 28.21 -1.69
CA ASP K 72 -36.44 28.96 -0.64
C ASP K 72 -35.62 28.85 0.65
N ARG K 73 -35.07 29.98 1.09
CA ARG K 73 -34.19 30.04 2.25
C ARG K 73 -34.87 29.74 3.58
N ASP K 74 -36.20 29.84 3.65
CA ASP K 74 -36.87 29.53 4.92
C ASP K 74 -37.11 28.05 5.15
N ILE K 75 -36.74 27.18 4.21
CA ILE K 75 -36.98 25.75 4.33
C ILE K 75 -35.62 25.04 4.31
N THR K 76 -35.29 24.35 5.40
CA THR K 76 -34.04 23.58 5.43
C THR K 76 -34.19 22.30 4.63
N LYS K 77 -33.26 22.07 3.73
CA LYS K 77 -33.20 20.85 2.94
C LYS K 77 -32.33 19.82 3.65
N ILE K 78 -32.91 18.67 3.99
CA ILE K 78 -32.20 17.60 4.68
C ILE K 78 -31.72 16.59 3.66
N PHE K 79 -30.44 16.26 3.70
CA PHE K 79 -29.84 15.27 2.83
C PHE K 79 -29.10 14.27 3.70
N HIS K 80 -28.82 13.11 3.11
CA HIS K 80 -27.76 12.23 3.59
C HIS K 80 -26.64 12.26 2.56
N PHE K 81 -25.46 12.69 2.99
CA PHE K 81 -24.34 12.99 2.10
C PHE K 81 -24.74 14.00 1.02
N GLY K 82 -25.17 15.17 1.49
CA GLY K 82 -25.58 16.23 0.60
C GLY K 82 -24.47 16.75 -0.31
N ARG K 83 -23.21 16.48 0.02
CA ARG K 83 -22.11 16.87 -0.86
C ARG K 83 -22.35 16.46 -2.30
N PHE K 84 -22.88 15.25 -2.51
CA PHE K 84 -23.17 14.74 -3.83
C PHE K 84 -24.47 15.32 -4.39
N ASP K 85 -25.54 15.25 -3.60
CA ASP K 85 -26.86 15.68 -4.06
C ASP K 85 -26.85 17.14 -4.45
N LEU K 86 -26.19 17.99 -3.66
CA LEU K 86 -26.09 19.41 -3.99
C LEU K 86 -25.40 19.61 -5.32
N ALA K 87 -24.34 18.84 -5.57
CA ALA K 87 -23.61 18.97 -6.82
C ALA K 87 -24.48 18.61 -8.00
N ILE K 88 -25.15 17.46 -7.93
CA ILE K 88 -25.94 17.03 -9.08
C ILE K 88 -27.16 17.92 -9.29
N LEU K 89 -27.77 18.40 -8.19
CA LEU K 89 -28.92 19.28 -8.33
C LEU K 89 -28.51 20.60 -8.96
N ALA K 90 -27.40 21.19 -8.50
CA ALA K 90 -26.95 22.45 -9.06
C ALA K 90 -26.54 22.27 -10.51
N HIS K 91 -25.91 21.16 -10.83
CA HIS K 91 -25.48 20.89 -12.19
C HIS K 91 -26.68 20.72 -13.12
N THR K 92 -27.78 20.16 -12.62
CA THR K 92 -28.91 19.87 -13.50
C THR K 92 -29.81 21.09 -13.72
N PHE K 93 -30.16 21.80 -12.64
CA PHE K 93 -31.13 22.88 -12.73
C PHE K 93 -30.56 24.27 -12.54
N GLY K 94 -29.28 24.40 -12.22
CA GLY K 94 -28.67 25.71 -12.15
C GLY K 94 -28.92 26.46 -10.86
N VAL K 95 -29.49 25.80 -9.85
CA VAL K 95 -29.79 26.41 -8.56
C VAL K 95 -29.08 25.61 -7.48
N MET K 96 -28.27 26.29 -6.68
CA MET K 96 -27.57 25.66 -5.56
C MET K 96 -28.29 25.93 -4.26
N PRO K 97 -28.84 24.93 -3.59
CA PRO K 97 -29.43 25.16 -2.27
C PRO K 97 -28.40 25.72 -1.29
N ASP K 98 -28.86 26.59 -0.39
CA ASP K 98 -27.96 27.21 0.58
C ASP K 98 -28.46 27.10 2.01
N VAL K 99 -29.51 26.32 2.27
CA VAL K 99 -29.96 26.02 3.62
C VAL K 99 -30.08 24.51 3.71
N VAL K 100 -29.10 23.85 4.34
CA VAL K 100 -28.99 22.40 4.27
C VAL K 100 -28.65 21.82 5.63
N PHE K 101 -28.97 20.55 5.78
CA PHE K 101 -28.57 19.72 6.91
C PHE K 101 -28.13 18.39 6.32
N CYS K 102 -26.98 17.90 6.76
CA CYS K 102 -26.44 16.63 6.25
C CYS K 102 -26.31 15.67 7.41
N THR K 103 -27.00 14.53 7.32
CA THR K 103 -26.94 13.55 8.39
C THR K 103 -25.60 12.84 8.47
N LYS K 104 -24.82 12.80 7.39
CA LYS K 104 -23.53 12.14 7.47
C LYS K 104 -22.51 12.98 8.22
N ILE K 105 -22.45 14.28 7.94
CA ILE K 105 -21.61 15.16 8.73
C ILE K 105 -22.03 15.12 10.20
N ALA K 106 -23.34 15.17 10.45
CA ALA K 106 -23.81 15.11 11.83
C ALA K 106 -23.39 13.81 12.50
N SER K 107 -23.47 12.70 11.78
CA SER K 107 -23.03 11.42 12.33
C SER K 107 -21.54 11.47 12.65
N LYS K 108 -20.73 11.99 11.73
CA LYS K 108 -19.30 12.06 12.00
C LYS K 108 -18.99 12.98 13.17
N LEU K 109 -19.89 13.92 13.47
CA LEU K 109 -19.69 14.80 14.60
C LEU K 109 -20.28 14.26 15.90
N THR K 110 -21.04 13.19 15.84
CA THR K 110 -21.68 12.76 17.08
C THR K 110 -21.47 11.28 17.36
N ARG K 111 -21.54 10.42 16.34
CA ARG K 111 -21.37 8.98 16.53
C ARG K 111 -19.89 8.63 16.45
N THR K 112 -19.14 9.12 17.42
CA THR K 112 -17.70 8.96 17.44
C THR K 112 -17.26 7.56 17.82
N TYR K 113 -18.19 6.70 18.23
CA TYR K 113 -17.90 5.34 18.64
C TYR K 113 -17.99 4.33 17.51
N THR K 114 -18.15 4.81 16.28
CA THR K 114 -18.15 3.86 15.16
C THR K 114 -17.57 4.51 13.91
N ASP K 115 -17.11 3.68 12.98
CA ASP K 115 -16.60 4.19 11.71
C ASP K 115 -17.55 3.92 10.55
N ARG K 116 -18.77 3.46 10.82
CA ARG K 116 -19.75 3.13 9.80
C ARG K 116 -20.84 4.20 9.83
N HIS K 117 -20.83 5.07 8.83
CA HIS K 117 -21.72 6.22 8.77
C HIS K 117 -22.72 6.15 7.62
N GLY K 118 -22.89 5.00 6.99
CA GLY K 118 -23.87 4.90 5.94
C GLY K 118 -25.29 4.99 6.48
N LEU K 119 -26.22 5.35 5.59
CA LEU K 119 -27.59 5.54 6.00
C LEU K 119 -28.19 4.25 6.54
N LYS K 120 -27.86 3.12 5.93
CA LYS K 120 -28.37 1.84 6.43
C LYS K 120 -27.90 1.61 7.85
N GLU K 121 -26.61 1.81 8.09
CA GLU K 121 -26.03 1.60 9.41
C GLU K 121 -26.64 2.56 10.44
N ILE K 122 -26.79 3.82 10.04
CA ILE K 122 -27.38 4.83 10.94
C ILE K 122 -28.80 4.46 11.31
N CYS K 123 -29.61 4.11 10.32
CA CYS K 123 -31.01 3.78 10.59
C CYS K 123 -31.10 2.54 11.47
N GLY K 124 -30.21 1.57 11.24
CA GLY K 124 -30.19 0.40 12.09
C GLY K 124 -29.90 0.73 13.54
N GLU K 125 -28.90 1.58 13.77
CA GLU K 125 -28.49 1.85 15.14
C GLU K 125 -29.50 2.75 15.86
N LEU K 126 -29.92 3.86 15.23
CA LEU K 126 -30.72 4.84 15.95
C LEU K 126 -32.20 4.50 16.00
N LEU K 127 -32.73 3.78 15.02
CA LEU K 127 -34.17 3.55 14.96
C LEU K 127 -34.55 2.08 14.94
N ASN K 128 -33.58 1.17 14.80
CA ASN K 128 -33.81 -0.24 14.55
C ASN K 128 -34.74 -0.50 13.37
N VAL K 129 -34.56 0.26 12.29
CA VAL K 129 -35.35 0.08 11.08
C VAL K 129 -34.39 -0.39 10.00
N ASN K 130 -34.75 -1.47 9.29
CA ASN K 130 -33.84 -2.05 8.31
C ASN K 130 -34.20 -1.57 6.90
N ILE K 131 -33.32 -0.76 6.32
CA ILE K 131 -33.43 -0.36 4.91
C ILE K 131 -32.61 -1.36 4.10
N SER K 132 -33.22 -1.92 3.07
CA SER K 132 -32.54 -2.84 2.15
C SER K 132 -32.13 -2.11 0.89
N LYS K 133 -30.82 -2.13 0.60
CA LYS K 133 -30.17 -1.38 -0.47
C LYS K 133 -29.96 -2.18 -1.75
N GLN K 134 -30.62 -3.33 -1.88
CA GLN K 134 -30.37 -4.20 -3.02
C GLN K 134 -30.58 -3.44 -4.32
N GLN K 135 -31.54 -2.52 -4.35
CA GLN K 135 -31.89 -1.77 -5.55
C GLN K 135 -31.05 -0.51 -5.73
N GLN K 136 -30.16 -0.18 -4.79
CA GLN K 136 -29.33 1.00 -4.94
C GLN K 136 -28.56 1.04 -6.26
N SER K 137 -27.98 -0.09 -6.64
CA SER K 137 -27.35 -0.23 -7.96
C SER K 137 -28.35 -0.88 -8.92
N SER K 138 -29.11 -0.04 -9.61
CA SER K 138 -30.05 -0.49 -10.63
C SER K 138 -30.13 0.58 -11.71
N ASP K 139 -30.85 0.26 -12.78
CA ASP K 139 -31.00 1.17 -13.92
C ASP K 139 -32.08 2.20 -13.61
N TRP K 140 -31.65 3.30 -13.01
CA TRP K 140 -32.56 4.38 -12.62
C TRP K 140 -33.09 5.19 -13.79
N ALA K 141 -32.54 5.03 -14.99
CA ALA K 141 -33.02 5.76 -16.15
C ALA K 141 -34.14 5.06 -16.89
N ALA K 142 -34.59 3.90 -16.42
CA ALA K 142 -35.66 3.17 -17.08
C ALA K 142 -36.91 4.01 -17.20
N GLU K 143 -37.61 3.89 -18.33
CA GLU K 143 -38.85 4.63 -18.54
C GLU K 143 -39.87 4.33 -17.45
N THR K 144 -40.00 3.05 -17.08
CA THR K 144 -40.89 2.65 -16.00
C THR K 144 -40.04 2.04 -14.88
N LEU K 145 -40.09 2.66 -13.72
CA LEU K 145 -39.41 2.13 -12.54
C LEU K 145 -40.22 0.96 -11.98
N SER K 146 -39.51 -0.04 -11.46
CA SER K 146 -40.20 -1.14 -10.82
C SER K 146 -40.74 -0.68 -9.46
N ARG K 147 -41.70 -1.46 -8.93
CA ARG K 147 -42.22 -1.17 -7.61
C ARG K 147 -41.13 -1.23 -6.54
N ALA K 148 -40.24 -2.21 -6.63
CA ALA K 148 -39.14 -2.31 -5.68
C ALA K 148 -38.24 -1.09 -5.73
N GLN K 149 -37.95 -0.60 -6.93
CA GLN K 149 -37.13 0.60 -7.05
C GLN K 149 -37.81 1.79 -6.38
N ILE K 150 -39.09 1.98 -6.64
CA ILE K 150 -39.83 3.11 -6.08
C ILE K 150 -39.88 3.01 -4.57
N GLU K 151 -40.06 1.80 -4.04
CA GLU K 151 -40.09 1.65 -2.59
C GLU K 151 -38.74 1.97 -1.98
N TYR K 152 -37.65 1.50 -2.58
CA TYR K 152 -36.33 1.84 -2.08
C TYR K 152 -36.11 3.36 -2.12
N ALA K 153 -36.47 3.98 -3.24
CA ALA K 153 -36.28 5.40 -3.39
C ALA K 153 -37.02 6.16 -2.32
N ALA K 154 -38.25 5.73 -2.01
CA ALA K 154 -38.96 6.39 -0.92
C ALA K 154 -38.28 6.11 0.40
N SER K 155 -37.72 4.90 0.56
CA SER K 155 -37.05 4.55 1.82
C SER K 155 -35.88 5.46 2.12
N ASP K 156 -35.32 6.13 1.10
CA ASP K 156 -34.11 6.96 1.32
C ASP K 156 -34.49 8.37 1.79
N VAL K 157 -35.79 8.69 1.83
CA VAL K 157 -36.23 9.97 2.37
C VAL K 157 -37.20 9.83 3.55
N LEU K 158 -37.79 8.66 3.76
CA LEU K 158 -38.84 8.52 4.76
C LEU K 158 -38.39 8.77 6.19
N TYR K 159 -37.09 8.66 6.49
CA TYR K 159 -36.62 8.67 7.86
C TYR K 159 -35.69 9.82 8.21
N LEU K 160 -35.40 10.73 7.29
CA LEU K 160 -34.39 11.73 7.54
C LEU K 160 -34.82 12.74 8.59
N HIS K 161 -36.11 13.06 8.67
CA HIS K 161 -36.60 13.96 9.71
C HIS K 161 -36.33 13.40 11.11
N ARG K 162 -36.63 12.12 11.31
CA ARG K 162 -36.42 11.50 12.61
C ARG K 162 -34.95 11.49 12.98
N LEU K 163 -34.09 11.25 11.97
CA LEU K 163 -32.66 11.30 12.20
C LEU K 163 -32.24 12.71 12.57
N LYS K 164 -32.76 13.72 11.85
CA LYS K 164 -32.41 15.10 12.16
C LYS K 164 -32.78 15.45 13.59
N ASP K 165 -33.95 15.03 14.06
CA ASP K 165 -34.32 15.32 15.44
C ASP K 165 -33.36 14.69 16.43
N ILE K 166 -32.95 13.44 16.17
CA ILE K 166 -32.01 12.80 17.10
C ILE K 166 -30.65 13.47 17.04
N PHE K 167 -30.16 13.75 15.83
CA PHE K 167 -28.87 14.39 15.71
C PHE K 167 -28.84 15.78 16.33
N GLU K 168 -29.95 16.54 16.24
CA GLU K 168 -29.95 17.83 16.91
C GLU K 168 -29.86 17.66 18.42
N GLU K 169 -30.54 16.64 18.95
CA GLU K 169 -30.37 16.36 20.38
C GLU K 169 -28.93 16.02 20.73
N ARG K 170 -28.28 15.18 19.92
CA ARG K 170 -26.90 14.80 20.24
C ARG K 170 -25.93 15.97 20.09
N LEU K 171 -26.11 16.80 19.05
CA LEU K 171 -25.24 17.95 18.88
C LEU K 171 -25.39 18.91 20.05
N LYS K 172 -26.61 19.07 20.57
CA LYS K 172 -26.78 19.92 21.72
C LYS K 172 -26.11 19.31 22.94
N ARG K 173 -26.30 18.00 23.14
CA ARG K 173 -25.74 17.33 24.30
C ARG K 173 -24.23 17.40 24.35
N GLU K 174 -23.55 17.19 23.22
CA GLU K 174 -22.09 17.22 23.21
C GLU K 174 -21.52 18.61 22.88
N GLU K 175 -22.38 19.61 22.76
CA GLU K 175 -21.99 21.02 22.58
C GLU K 175 -21.18 21.26 21.31
N ARG K 176 -21.66 20.70 20.20
CA ARG K 176 -21.00 20.81 18.90
C ARG K 176 -21.92 21.48 17.88
N GLU K 177 -22.93 22.20 18.34
CA GLU K 177 -23.90 22.79 17.44
C GLU K 177 -23.26 23.79 16.49
N SER K 178 -22.37 24.66 16.98
CA SER K 178 -21.77 25.65 16.10
C SER K 178 -20.81 25.04 15.10
N VAL K 179 -20.16 23.93 15.47
CA VAL K 179 -19.33 23.20 14.52
C VAL K 179 -20.18 22.69 13.37
N ALA K 180 -21.28 22.02 13.70
CA ALA K 180 -22.16 21.51 12.66
C ALA K 180 -22.70 22.64 11.80
N LYS K 181 -23.10 23.75 12.42
CA LYS K 181 -23.64 24.87 11.66
C LYS K 181 -22.61 25.40 10.67
N ALA K 182 -21.35 25.52 11.08
CA ALA K 182 -20.32 26.01 10.16
C ALA K 182 -20.05 25.03 9.03
N CYS K 183 -20.06 23.73 9.34
CA CYS K 183 -19.89 22.73 8.29
C CYS K 183 -21.02 22.82 7.28
N PHE K 184 -22.25 22.93 7.74
CA PHE K 184 -23.38 23.04 6.82
C PHE K 184 -23.30 24.31 5.99
N GLN K 185 -22.74 25.38 6.56
CA GLN K 185 -22.66 26.67 5.84
C GLN K 185 -21.62 26.55 4.72
N PHE K 186 -20.57 25.75 4.92
CA PHE K 186 -19.59 25.55 3.86
C PHE K 186 -19.98 24.48 2.86
N LEU K 187 -20.88 23.56 3.22
CA LEU K 187 -21.18 22.43 2.35
C LEU K 187 -21.57 22.81 0.93
N PRO K 188 -22.42 23.82 0.68
CA PRO K 188 -22.70 24.20 -0.71
C PRO K 188 -21.47 24.61 -1.51
N MET K 189 -20.51 25.27 -0.88
CA MET K 189 -19.29 25.61 -1.59
C MET K 189 -18.39 24.41 -1.82
N ARG K 190 -18.38 23.44 -0.90
CA ARG K 190 -17.70 22.17 -1.17
C ARG K 190 -18.30 21.49 -2.40
N ALA K 191 -19.62 21.52 -2.53
CA ALA K 191 -20.24 20.96 -3.71
C ALA K 191 -19.88 21.74 -4.97
N ASN K 192 -19.85 23.07 -4.88
CA ASN K 192 -19.42 23.84 -6.05
C ASN K 192 -17.99 23.49 -6.43
N LEU K 193 -17.10 23.36 -5.45
CA LEU K 193 -15.72 22.95 -5.73
C LEU K 193 -15.69 21.61 -6.44
N ASP K 194 -16.57 20.69 -6.03
CA ASP K 194 -16.67 19.41 -6.72
C ASP K 194 -17.04 19.61 -8.18
N LEU K 195 -18.06 20.44 -8.44
CA LEU K 195 -18.48 20.67 -9.82
C LEU K 195 -17.38 21.33 -10.65
N LEU K 196 -16.57 22.19 -10.05
CA LEU K 196 -15.56 22.92 -10.80
C LEU K 196 -14.32 22.09 -11.13
N GLY K 197 -14.12 20.95 -10.48
CA GLY K 197 -12.99 20.11 -10.83
C GLY K 197 -12.05 19.70 -9.73
N TRP K 198 -12.38 19.99 -8.48
CA TRP K 198 -11.54 19.60 -7.35
C TRP K 198 -12.17 18.45 -6.58
N SER K 199 -12.96 17.61 -7.25
CA SER K 199 -13.69 16.56 -6.56
C SER K 199 -12.77 15.55 -5.92
N GLU K 200 -11.56 15.39 -6.42
CA GLU K 200 -10.63 14.42 -5.86
C GLU K 200 -9.59 15.06 -4.94
N ILE K 201 -9.75 16.31 -4.58
CA ILE K 201 -8.74 17.05 -3.83
C ILE K 201 -9.37 17.49 -2.53
N ASP K 202 -8.74 17.14 -1.40
CA ASP K 202 -9.07 17.76 -0.13
C ASP K 202 -8.37 19.11 -0.06
N ILE K 203 -9.13 20.19 -0.27
CA ILE K 203 -8.49 21.50 -0.39
C ILE K 203 -7.84 21.99 0.90
N PHE K 204 -8.20 21.44 2.06
CA PHE K 204 -7.63 21.90 3.31
C PHE K 204 -6.48 21.04 3.81
N ALA K 205 -6.17 19.94 3.14
CA ALA K 205 -5.13 19.06 3.64
C ALA K 205 -3.77 19.65 3.30
N HIS K 206 -2.76 19.29 4.11
CA HIS K 206 -1.40 19.70 3.76
C HIS K 206 -0.95 19.03 2.48
N SER K 207 -1.29 17.75 2.33
CA SER K 207 -1.05 17.01 1.10
C SER K 207 -2.16 15.99 0.88
N THR M 3 -27.98 -13.23 35.09
CA THR M 3 -27.07 -13.04 36.21
C THR M 3 -27.40 -11.77 36.97
N GLU M 4 -26.74 -11.55 38.10
CA GLU M 4 -27.04 -10.40 38.95
C GLU M 4 -26.17 -9.21 38.54
N ILE M 5 -26.81 -8.12 38.15
CA ILE M 5 -26.13 -6.90 37.76
C ILE M 5 -26.69 -5.76 38.59
N ARG M 6 -25.86 -5.15 39.42
CA ARG M 6 -26.26 -4.00 40.22
C ARG M 6 -25.86 -2.73 39.49
N VAL M 7 -26.83 -1.86 39.22
CA VAL M 7 -26.57 -0.62 38.50
C VAL M 7 -26.58 0.56 39.46
N HIS M 8 -25.54 1.39 39.40
CA HIS M 8 -25.40 2.53 40.29
C HIS M 8 -25.20 3.80 39.48
N GLN M 9 -25.51 4.93 40.11
CA GLN M 9 -25.27 6.26 39.57
C GLN M 9 -24.10 6.95 40.28
N GLY M 10 -23.10 7.33 39.51
CA GLY M 10 -21.97 8.13 40.01
C GLY M 10 -20.83 7.40 40.66
N ASP M 11 -21.14 6.50 41.60
CA ASP M 11 -20.11 5.84 42.39
C ASP M 11 -20.75 4.63 43.06
N LEU M 12 -19.90 3.72 43.52
CA LEU M 12 -20.37 2.67 44.41
C LEU M 12 -20.87 3.29 45.72
N PRO M 13 -21.90 2.70 46.33
CA PRO M 13 -22.31 3.18 47.66
C PRO M 13 -21.27 2.88 48.72
N ASN M 14 -20.55 1.77 48.60
CA ASN M 14 -19.51 1.37 49.55
C ASN M 14 -18.69 0.27 48.90
N LEU M 15 -17.67 -0.20 49.64
CA LEU M 15 -16.74 -1.22 49.19
C LEU M 15 -16.97 -2.57 49.89
N ASP M 16 -18.19 -2.83 50.37
CA ASP M 16 -18.43 -4.04 51.15
C ASP M 16 -18.18 -5.31 50.34
N ASN M 17 -18.40 -5.28 49.04
CA ASN M 17 -18.18 -6.44 48.18
C ASN M 17 -16.79 -6.56 47.60
N TYR M 18 -15.86 -5.68 47.95
CA TYR M 18 -14.59 -5.69 47.21
C TYR M 18 -13.39 -5.72 48.16
N ARG M 19 -13.54 -6.44 49.26
CA ARG M 19 -12.42 -6.78 50.14
C ARG M 19 -11.81 -8.11 49.68
N ILE M 20 -11.17 -8.06 48.51
CA ILE M 20 -10.74 -9.24 47.78
C ILE M 20 -9.36 -8.99 47.20
N ASP M 21 -8.72 -10.06 46.74
CA ASP M 21 -7.35 -9.96 46.23
C ASP M 21 -7.27 -9.48 44.79
N ALA M 22 -8.34 -9.60 44.01
CA ALA M 22 -8.27 -9.21 42.61
C ALA M 22 -9.65 -8.80 42.15
N VAL M 23 -9.73 -7.74 41.36
CA VAL M 23 -11.00 -7.22 40.86
C VAL M 23 -10.90 -7.06 39.36
N ALA M 24 -11.93 -7.50 38.64
CA ALA M 24 -12.01 -7.28 37.21
C ALA M 24 -12.59 -5.91 36.93
N VAL M 25 -11.97 -5.16 36.02
CA VAL M 25 -12.32 -3.78 35.76
C VAL M 25 -12.43 -3.60 34.26
N ASP M 26 -13.44 -2.85 33.81
CA ASP M 26 -13.50 -2.47 32.41
C ASP M 26 -14.23 -1.13 32.33
N THR M 27 -14.14 -0.48 31.17
CA THR M 27 -14.79 0.79 30.95
C THR M 27 -15.48 0.80 29.59
N GLU M 28 -16.40 1.75 29.43
CA GLU M 28 -16.95 2.10 28.13
C GLU M 28 -16.92 3.61 27.95
N THR M 29 -16.72 4.06 26.72
CA THR M 29 -16.54 5.47 26.44
C THR M 29 -17.29 5.82 25.16
N LEU M 30 -17.23 7.09 24.79
CA LEU M 30 -17.74 7.55 23.51
C LEU M 30 -16.77 7.38 22.34
N GLY M 31 -15.60 6.79 22.54
CA GLY M 31 -14.70 6.57 21.43
C GLY M 31 -13.28 6.31 21.89
N LEU M 32 -12.39 6.23 20.91
CA LEU M 32 -11.02 5.80 21.12
C LEU M 32 -10.05 6.92 21.50
N GLN M 33 -10.51 8.17 21.57
CA GLN M 33 -9.62 9.31 21.79
C GLN M 33 -9.92 9.96 23.12
N PRO M 34 -9.14 9.70 24.17
CA PRO M 34 -9.54 10.14 25.50
C PRO M 34 -9.74 11.64 25.61
N HIS M 35 -9.05 12.44 24.80
CA HIS M 35 -9.23 13.88 24.87
C HIS M 35 -10.56 14.33 24.29
N ARG M 36 -11.16 13.54 23.40
CA ARG M 36 -12.45 13.87 22.81
C ARG M 36 -13.62 13.11 23.42
N ASP M 37 -13.42 11.84 23.78
CA ASP M 37 -14.51 10.90 24.03
C ASP M 37 -14.62 10.58 25.52
N ARG M 38 -15.66 11.07 26.16
CA ARG M 38 -15.74 11.03 27.62
C ARG M 38 -16.04 9.61 28.10
N LEU M 39 -15.63 9.32 29.33
CA LEU M 39 -15.99 8.09 30.03
C LEU M 39 -17.49 8.03 30.31
N CYS M 40 -18.14 6.92 29.95
CA CYS M 40 -19.58 6.80 30.14
C CYS M 40 -20.00 5.74 31.16
N VAL M 41 -19.30 4.61 31.24
CA VAL M 41 -19.67 3.50 32.10
C VAL M 41 -18.39 2.89 32.67
N VAL M 42 -18.42 2.48 33.93
CA VAL M 42 -17.38 1.66 34.52
C VAL M 42 -17.99 0.37 35.06
N GLN M 43 -17.39 -0.76 34.72
CA GLN M 43 -17.89 -2.05 35.15
C GLN M 43 -16.89 -2.71 36.09
N LEU M 44 -17.40 -3.39 37.11
CA LEU M 44 -16.56 -4.05 38.10
C LEU M 44 -17.14 -5.42 38.40
N SER M 45 -16.29 -6.32 38.89
CA SER M 45 -16.74 -7.62 39.35
C SER M 45 -15.78 -8.17 40.38
N SER M 46 -16.34 -8.82 41.40
CA SER M 46 -15.53 -9.52 42.38
C SER M 46 -15.13 -10.91 41.92
N GLY M 47 -15.62 -11.37 40.77
CA GLY M 47 -15.37 -12.72 40.32
C GLY M 47 -16.39 -13.75 40.76
N ASP M 48 -17.43 -13.35 41.50
CA ASP M 48 -18.43 -14.27 41.99
C ASP M 48 -19.61 -14.45 41.03
N GLY M 49 -19.45 -14.06 39.77
CA GLY M 49 -20.53 -14.21 38.82
C GLY M 49 -21.55 -13.08 38.81
N THR M 50 -21.36 -12.05 39.62
CA THR M 50 -22.19 -10.86 39.62
C THR M 50 -21.36 -9.68 39.18
N ALA M 51 -22.04 -8.61 38.76
CA ALA M 51 -21.30 -7.45 38.28
C ALA M 51 -21.94 -6.16 38.76
N ASP M 52 -21.11 -5.12 38.87
CA ASP M 52 -21.55 -3.77 39.16
C ASP M 52 -21.33 -2.87 37.95
N VAL M 53 -22.36 -2.14 37.55
CA VAL M 53 -22.29 -1.22 36.42
C VAL M 53 -22.56 0.19 36.93
N ILE M 54 -21.56 1.06 36.82
CA ILE M 54 -21.60 2.40 37.39
C ILE M 54 -21.67 3.39 36.24
N GLN M 55 -22.77 4.15 36.18
CA GLN M 55 -22.91 5.21 35.19
C GLN M 55 -22.18 6.46 35.64
N ILE M 56 -21.30 6.97 34.78
CA ILE M 56 -20.52 8.17 35.10
C ILE M 56 -21.16 9.36 34.42
N ALA M 57 -21.38 10.43 35.18
CA ALA M 57 -22.07 11.62 34.69
C ALA M 57 -21.13 12.51 33.88
N LYS M 58 -21.73 13.29 32.98
CA LYS M 58 -20.98 14.32 32.28
C LYS M 58 -20.38 15.32 33.26
N GLY M 59 -19.10 15.62 33.07
CA GLY M 59 -18.40 16.53 33.94
C GLY M 59 -17.99 15.99 35.28
N GLN M 60 -18.25 14.70 35.56
CA GLN M 60 -17.89 14.15 36.85
C GLN M 60 -16.38 14.08 37.03
N LYS M 61 -15.91 14.62 38.15
CA LYS M 61 -14.48 14.75 38.43
C LYS M 61 -14.00 13.77 39.49
N SER M 62 -14.91 13.17 40.27
CA SER M 62 -14.57 12.34 41.40
C SER M 62 -15.51 11.14 41.49
N ALA M 63 -14.97 10.05 42.02
CA ALA M 63 -15.75 8.86 42.35
C ALA M 63 -15.05 8.19 43.51
N PRO M 64 -15.24 8.71 44.74
CA PRO M 64 -14.30 8.40 45.82
C PRO M 64 -14.17 6.91 46.13
N ASN M 65 -15.27 6.17 46.10
CA ASN M 65 -15.19 4.75 46.44
C ASN M 65 -14.49 3.97 45.34
N LEU M 66 -14.87 4.24 44.08
CA LEU M 66 -14.18 3.65 42.95
C LEU M 66 -12.70 3.99 42.98
N VAL M 67 -12.37 5.27 43.23
CA VAL M 67 -10.98 5.67 43.21
C VAL M 67 -10.22 5.02 44.37
N ARG M 68 -10.89 4.85 45.51
CA ARG M 68 -10.28 4.09 46.61
C ARG M 68 -9.90 2.70 46.15
N LEU M 69 -10.79 2.06 45.39
CA LEU M 69 -10.46 0.73 44.85
C LEU M 69 -9.30 0.79 43.88
N LEU M 70 -9.33 1.73 42.94
CA LEU M 70 -8.29 1.84 41.92
C LEU M 70 -6.92 2.13 42.51
N SER M 71 -6.86 2.83 43.64
CA SER M 71 -5.59 3.19 44.25
C SER M 71 -4.98 2.12 45.14
N ASP M 72 -5.72 1.10 45.54
CA ASP M 72 -5.24 0.15 46.54
C ASP M 72 -4.29 -0.83 45.85
N ARG M 73 -3.00 -0.74 46.20
CA ARG M 73 -1.96 -1.56 45.60
C ARG M 73 -2.00 -3.02 46.02
N ASP M 74 -2.79 -3.39 47.01
CA ASP M 74 -2.91 -4.79 47.37
C ASP M 74 -3.93 -5.56 46.53
N ILE M 75 -4.63 -4.84 45.66
CA ILE M 75 -5.66 -5.47 44.78
C ILE M 75 -5.17 -5.37 43.34
N THR M 76 -5.07 -6.48 42.63
CA THR M 76 -4.73 -6.44 41.21
C THR M 76 -5.95 -6.11 40.37
N LYS M 77 -5.80 -5.11 39.50
CA LYS M 77 -6.83 -4.70 38.55
C LYS M 77 -6.64 -5.46 37.25
N ILE M 78 -7.65 -6.23 36.85
CA ILE M 78 -7.63 -7.01 35.63
C ILE M 78 -8.35 -6.24 34.53
N PHE M 79 -7.69 -6.08 33.39
CA PHE M 79 -8.26 -5.41 32.23
C PHE M 79 -8.15 -6.31 31.02
N HIS M 80 -8.95 -6.02 30.01
CA HIS M 80 -8.70 -6.43 28.64
C HIS M 80 -8.30 -5.21 27.83
N PHE M 81 -7.08 -5.23 27.28
CA PHE M 81 -6.50 -4.06 26.64
C PHE M 81 -6.49 -2.87 27.59
N GLY M 82 -5.81 -3.04 28.73
CA GLY M 82 -5.72 -1.98 29.71
C GLY M 82 -5.04 -0.72 29.23
N ARG M 83 -4.28 -0.79 28.13
CA ARG M 83 -3.69 0.42 27.56
C ARG M 83 -4.70 1.54 27.39
N PHE M 84 -5.92 1.21 26.95
CA PHE M 84 -6.96 2.21 26.77
C PHE M 84 -7.64 2.60 28.07
N ASP M 85 -8.09 1.59 28.84
CA ASP M 85 -8.82 1.86 30.07
C ASP M 85 -8.01 2.68 31.05
N LEU M 86 -6.71 2.39 31.17
CA LEU M 86 -5.86 3.18 32.05
C LEU M 86 -5.85 4.63 31.60
N ALA M 87 -5.80 4.85 30.28
CA ALA M 87 -5.74 6.21 29.76
C ALA M 87 -7.01 6.96 30.10
N ILE M 88 -8.16 6.34 29.85
CA ILE M 88 -9.42 7.06 30.06
C ILE M 88 -9.69 7.26 31.54
N LEU M 89 -9.32 6.28 32.38
CA LEU M 89 -9.51 6.42 33.82
C LEU M 89 -8.62 7.53 34.37
N ALA M 90 -7.35 7.56 33.96
CA ALA M 90 -6.46 8.59 34.46
C ALA M 90 -6.90 9.96 33.98
N HIS M 91 -7.36 10.05 32.73
CA HIS M 91 -7.84 11.33 32.24
C HIS M 91 -9.06 11.79 33.01
N THR M 92 -9.92 10.85 33.43
CA THR M 92 -11.17 11.24 34.07
C THR M 92 -11.00 11.51 35.57
N PHE M 93 -10.30 10.63 36.29
CA PHE M 93 -10.25 10.74 37.75
C PHE M 93 -8.90 11.18 38.29
N GLY M 94 -7.87 11.29 37.45
CA GLY M 94 -6.60 11.81 37.89
C GLY M 94 -5.73 10.80 38.59
N VAL M 95 -6.11 9.53 38.59
CA VAL M 95 -5.36 8.46 39.23
C VAL M 95 -5.04 7.41 38.19
N MET M 96 -3.76 7.09 38.05
CA MET M 96 -3.32 6.04 37.14
C MET M 96 -3.06 4.78 37.95
N PRO M 97 -3.84 3.72 37.78
CA PRO M 97 -3.52 2.47 38.49
C PRO M 97 -2.14 1.95 38.12
N ASP M 98 -1.49 1.31 39.10
CA ASP M 98 -0.13 0.81 38.90
C ASP M 98 0.06 -0.66 39.27
N VAL M 99 -1.01 -1.39 39.55
CA VAL M 99 -0.95 -2.84 39.77
C VAL M 99 -2.01 -3.44 38.87
N VAL M 100 -1.59 -3.97 37.72
CA VAL M 100 -2.51 -4.36 36.67
C VAL M 100 -2.13 -5.71 36.08
N PHE M 101 -3.12 -6.33 35.46
CA PHE M 101 -2.96 -7.53 34.63
C PHE M 101 -3.78 -7.25 33.39
N CYS M 102 -3.20 -7.50 32.22
CA CYS M 102 -3.87 -7.26 30.95
C CYS M 102 -3.99 -8.56 30.18
N THR M 103 -5.23 -8.94 29.85
CA THR M 103 -5.45 -10.19 29.13
C THR M 103 -4.98 -10.11 27.68
N LYS M 104 -4.84 -8.91 27.10
CA LYS M 104 -4.35 -8.84 25.74
C LYS M 104 -2.85 -9.09 25.67
N ILE M 105 -2.08 -8.46 26.55
CA ILE M 105 -0.67 -8.78 26.65
C ILE M 105 -0.46 -10.25 26.98
N ALA M 106 -1.24 -10.78 27.93
CA ALA M 106 -1.10 -12.19 28.27
C ALA M 106 -1.40 -13.07 27.06
N SER M 107 -2.43 -12.74 26.29
CA SER M 107 -2.73 -13.50 25.09
C SER M 107 -1.59 -13.44 24.09
N LYS M 108 -1.04 -12.23 23.86
CA LYS M 108 0.06 -12.12 22.92
C LYS M 108 1.30 -12.84 23.40
N LEU M 109 1.44 -13.05 24.70
CA LEU M 109 2.58 -13.77 25.23
C LEU M 109 2.30 -15.26 25.35
N THR M 110 1.08 -15.69 25.13
CA THR M 110 0.81 -17.10 25.34
C THR M 110 0.07 -17.75 24.18
N ARG M 111 -0.91 -17.07 23.61
CA ARG M 111 -1.65 -17.65 22.49
C ARG M 111 -0.91 -17.36 21.18
N THR M 112 0.29 -17.95 21.09
CA THR M 112 1.15 -17.76 19.95
C THR M 112 0.69 -18.52 18.70
N TYR M 113 -0.30 -19.38 18.84
CA TYR M 113 -0.82 -20.18 17.73
C TYR M 113 -1.97 -19.51 16.99
N THR M 114 -2.27 -18.26 17.30
CA THR M 114 -3.32 -17.54 16.59
C THR M 114 -2.93 -16.08 16.47
N ASP M 115 -3.55 -15.38 15.52
CA ASP M 115 -3.38 -13.95 15.39
C ASP M 115 -4.62 -13.17 15.79
N ARG M 116 -5.61 -13.85 16.35
CA ARG M 116 -6.88 -13.23 16.74
C ARG M 116 -6.88 -13.13 18.26
N HIS M 117 -6.71 -11.92 18.79
CA HIS M 117 -6.57 -11.70 20.21
C HIS M 117 -7.72 -10.91 20.80
N GLY M 118 -8.83 -10.78 20.09
CA GLY M 118 -9.96 -10.08 20.66
C GLY M 118 -10.60 -10.85 21.79
N LEU M 119 -11.34 -10.10 22.61
CA LEU M 119 -11.97 -10.71 23.78
C LEU M 119 -12.96 -11.78 23.35
N LYS M 120 -13.69 -11.53 22.27
CA LYS M 120 -14.65 -12.52 21.79
C LYS M 120 -13.96 -13.82 21.45
N GLU M 121 -12.85 -13.75 20.71
CA GLU M 121 -12.14 -14.96 20.32
C GLU M 121 -11.51 -15.66 21.53
N ILE M 122 -10.92 -14.89 22.44
CA ILE M 122 -10.35 -15.48 23.65
C ILE M 122 -11.41 -16.21 24.45
N CYS M 123 -12.55 -15.56 24.69
CA CYS M 123 -13.60 -16.19 25.49
C CYS M 123 -14.14 -17.43 24.78
N GLY M 124 -14.27 -17.37 23.45
CA GLY M 124 -14.73 -18.53 22.71
C GLY M 124 -13.78 -19.71 22.82
N GLU M 125 -12.48 -19.46 22.69
CA GLU M 125 -11.51 -20.55 22.71
C GLU M 125 -11.27 -21.09 24.12
N LEU M 126 -11.05 -20.22 25.09
CA LEU M 126 -10.60 -20.69 26.39
C LEU M 126 -11.75 -21.17 27.28
N LEU M 127 -12.95 -20.61 27.12
CA LEU M 127 -14.05 -20.93 28.02
C LEU M 127 -15.29 -21.44 27.32
N ASN M 128 -15.32 -21.43 26.00
CA ASN M 128 -16.52 -21.74 25.21
C ASN M 128 -17.72 -20.88 25.62
N VAL M 129 -17.48 -19.62 25.94
CA VAL M 129 -18.55 -18.68 26.27
C VAL M 129 -18.72 -17.75 25.09
N ASN M 130 -19.95 -17.57 24.62
CA ASN M 130 -20.19 -16.74 23.45
C ASN M 130 -20.59 -15.34 23.91
N ILE M 131 -19.72 -14.38 23.66
CA ILE M 131 -19.98 -12.95 23.89
C ILE M 131 -20.52 -12.35 22.60
N SER M 132 -21.63 -11.63 22.69
CA SER M 132 -22.19 -10.92 21.55
C SER M 132 -21.82 -9.44 21.64
N LYS M 133 -21.14 -8.95 20.60
CA LYS M 133 -20.55 -7.62 20.58
C LYS M 133 -21.41 -6.58 19.85
N GLN M 134 -22.66 -6.90 19.54
CA GLN M 134 -23.45 -5.99 18.71
C GLN M 134 -23.59 -4.63 19.37
N GLN M 135 -23.68 -4.59 20.69
CA GLN M 135 -23.86 -3.36 21.45
C GLN M 135 -22.55 -2.66 21.80
N GLN M 136 -21.40 -3.24 21.44
CA GLN M 136 -20.12 -2.60 21.73
C GLN M 136 -20.07 -1.18 21.18
N SER M 137 -20.51 -0.99 19.94
CA SER M 137 -20.66 0.33 19.32
C SER M 137 -22.11 0.77 19.51
N SER M 138 -22.38 1.47 20.60
CA SER M 138 -23.71 1.99 20.87
C SER M 138 -23.60 3.28 21.66
N ASP M 139 -24.74 3.95 21.83
CA ASP M 139 -24.77 5.24 22.54
C ASP M 139 -24.73 5.02 24.04
N TRP M 140 -23.51 4.96 24.57
CA TRP M 140 -23.27 4.74 25.98
C TRP M 140 -23.58 5.95 26.84
N ALA M 141 -23.85 7.11 26.24
CA ALA M 141 -24.16 8.32 26.99
C ALA M 141 -25.64 8.47 27.30
N ALA M 142 -26.48 7.50 26.90
CA ALA M 142 -27.90 7.60 27.18
C ALA M 142 -28.14 7.74 28.66
N GLU M 143 -29.12 8.56 29.03
CA GLU M 143 -29.45 8.73 30.45
C GLU M 143 -29.82 7.41 31.09
N THR M 144 -30.64 6.60 30.40
CA THR M 144 -31.00 5.27 30.86
C THR M 144 -30.50 4.24 29.86
N LEU M 145 -29.61 3.36 30.30
CA LEU M 145 -29.13 2.28 29.44
C LEU M 145 -30.21 1.22 29.23
N SER M 146 -30.22 0.65 28.03
CA SER M 146 -31.15 -0.43 27.74
C SER M 146 -30.71 -1.70 28.46
N ARG M 147 -31.63 -2.64 28.57
CA ARG M 147 -31.29 -3.93 29.21
C ARG M 147 -30.21 -4.65 28.43
N ALA M 148 -30.26 -4.62 27.09
CA ALA M 148 -29.22 -5.26 26.29
C ALA M 148 -27.86 -4.60 26.54
N GLN M 149 -27.83 -3.29 26.69
CA GLN M 149 -26.57 -2.61 27.00
C GLN M 149 -26.04 -3.08 28.34
N ILE M 150 -26.91 -3.17 29.34
CA ILE M 150 -26.47 -3.55 30.68
C ILE M 150 -25.93 -4.98 30.65
N GLU M 151 -26.61 -5.88 29.94
CA GLU M 151 -26.14 -7.25 29.87
C GLU M 151 -24.80 -7.35 29.14
N TYR M 152 -24.62 -6.57 28.08
CA TYR M 152 -23.32 -6.56 27.42
C TYR M 152 -22.23 -6.05 28.36
N ALA M 153 -22.52 -4.94 29.05
CA ALA M 153 -21.54 -4.36 29.96
C ALA M 153 -21.14 -5.36 31.04
N ALA M 154 -22.11 -6.10 31.58
CA ALA M 154 -21.76 -7.09 32.59
C ALA M 154 -20.97 -8.23 31.97
N SER M 155 -21.34 -8.63 30.75
CA SER M 155 -20.66 -9.72 30.08
C SER M 155 -19.20 -9.41 29.86
N ASP M 156 -18.82 -8.14 29.90
CA ASP M 156 -17.40 -7.79 29.62
C ASP M 156 -16.55 -8.14 30.84
N VAL M 157 -17.12 -8.07 32.05
CA VAL M 157 -16.31 -8.30 33.24
C VAL M 157 -16.50 -9.67 33.86
N LEU M 158 -17.54 -10.40 33.50
CA LEU M 158 -17.86 -11.65 34.17
C LEU M 158 -16.80 -12.73 34.02
N TYR M 159 -15.91 -12.63 33.04
CA TYR M 159 -15.02 -13.74 32.74
C TYR M 159 -13.54 -13.43 32.92
N LEU M 160 -13.19 -12.21 33.32
CA LEU M 160 -11.78 -11.84 33.35
C LEU M 160 -11.00 -12.60 34.41
N HIS M 161 -11.62 -12.90 35.56
CA HIS M 161 -10.94 -13.69 36.58
C HIS M 161 -10.55 -15.07 36.07
N ARG M 162 -11.47 -15.76 35.40
CA ARG M 162 -11.18 -17.09 34.89
C ARG M 162 -10.07 -17.03 33.85
N LEU M 163 -10.07 -15.99 33.01
CA LEU M 163 -9.00 -15.83 32.04
C LEU M 163 -7.68 -15.59 32.75
N LYS M 164 -7.69 -14.74 33.78
CA LYS M 164 -6.44 -14.52 34.50
C LYS M 164 -5.90 -15.81 35.08
N ASP M 165 -6.78 -16.66 35.60
CA ASP M 165 -6.31 -17.93 36.16
C ASP M 165 -5.68 -18.82 35.09
N ILE M 166 -6.31 -18.88 33.92
CA ILE M 166 -5.78 -19.72 32.87
C ILE M 166 -4.48 -19.15 32.33
N PHE M 167 -4.44 -17.84 32.09
CA PHE M 167 -3.22 -17.23 31.58
C PHE M 167 -2.08 -17.34 32.57
N GLU M 168 -2.35 -17.25 33.87
CA GLU M 168 -1.29 -17.46 34.84
C GLU M 168 -0.75 -18.88 34.77
N GLU M 169 -1.64 -19.86 34.57
CA GLU M 169 -1.17 -21.23 34.36
C GLU M 169 -0.30 -21.34 33.11
N ARG M 170 -0.71 -20.71 32.01
CA ARG M 170 0.06 -20.81 30.78
C ARG M 170 1.41 -20.11 30.89
N LEU M 171 1.44 -18.94 31.53
CA LEU M 171 2.69 -18.21 31.70
C LEU M 171 3.66 -19.00 32.58
N LYS M 172 3.14 -19.66 33.60
CA LYS M 172 4.02 -20.50 34.41
C LYS M 172 4.52 -21.68 33.58
N ARG M 173 3.62 -22.29 32.82
CA ARG M 173 3.97 -23.49 32.06
C ARG M 173 5.04 -23.21 31.02
N GLU M 174 4.94 -22.09 30.30
CA GLU M 174 5.92 -21.73 29.29
C GLU M 174 7.04 -20.85 29.83
N GLU M 175 7.05 -20.62 31.14
CA GLU M 175 8.15 -19.95 31.85
C GLU M 175 8.38 -18.50 31.39
N ARG M 176 7.28 -17.74 31.28
CA ARG M 176 7.36 -16.34 30.84
C ARG M 176 6.79 -15.37 31.87
N GLU M 177 6.71 -15.76 33.14
CA GLU M 177 6.10 -14.89 34.14
C GLU M 177 6.84 -13.58 34.33
N SER M 178 8.18 -13.60 34.37
CA SER M 178 8.88 -12.34 34.62
C SER M 178 8.80 -11.39 33.43
N VAL M 179 8.71 -11.93 32.21
CA VAL M 179 8.51 -11.07 31.05
C VAL M 179 7.17 -10.37 31.17
N ALA M 180 6.12 -11.14 31.47
CA ALA M 180 4.79 -10.56 31.61
C ALA M 180 4.76 -9.54 32.74
N LYS M 181 5.41 -9.83 33.86
CA LYS M 181 5.40 -8.91 34.99
C LYS M 181 6.02 -7.57 34.59
N ALA M 182 7.14 -7.60 33.86
CA ALA M 182 7.75 -6.34 33.44
C ALA M 182 6.85 -5.59 32.47
N CYS M 183 6.19 -6.31 31.56
CA CYS M 183 5.25 -5.66 30.65
C CYS M 183 4.11 -5.00 31.40
N PHE M 184 3.53 -5.70 32.39
CA PHE M 184 2.44 -5.11 33.16
C PHE M 184 2.90 -3.90 33.96
N GLN M 185 4.13 -3.92 34.48
CA GLN M 185 4.61 -2.75 35.19
C GLN M 185 4.76 -1.56 34.26
N PHE M 186 5.19 -1.80 33.01
CA PHE M 186 5.33 -0.67 32.10
C PHE M 186 4.01 -0.21 31.51
N LEU M 187 2.97 -1.03 31.51
CA LEU M 187 1.72 -0.67 30.84
C LEU M 187 1.16 0.68 31.28
N PRO M 188 1.13 1.05 32.57
CA PRO M 188 0.66 2.40 32.94
C PRO M 188 1.46 3.53 32.32
N MET M 189 2.78 3.37 32.14
CA MET M 189 3.53 4.42 31.47
C MET M 189 3.22 4.47 29.98
N ARG M 190 2.90 3.33 29.36
CA ARG M 190 2.40 3.36 28.00
C ARG M 190 1.10 4.14 27.91
N ALA M 191 0.21 3.95 28.89
CA ALA M 191 -1.03 4.73 28.91
C ALA M 191 -0.76 6.21 29.11
N ASN M 192 0.19 6.56 29.98
CA ASN M 192 0.52 7.97 30.15
C ASN M 192 1.06 8.55 28.85
N LEU M 193 1.93 7.80 28.16
CA LEU M 193 2.41 8.25 26.86
C LEU M 193 1.25 8.50 25.91
N ASP M 194 0.23 7.65 25.96
CA ASP M 194 -0.95 7.89 25.13
C ASP M 194 -1.60 9.22 25.50
N LEU M 195 -1.79 9.47 26.78
CA LEU M 195 -2.43 10.73 27.17
C LEU M 195 -1.59 11.94 26.80
N LEU M 196 -0.26 11.82 26.82
CA LEU M 196 0.58 12.98 26.56
C LEU M 196 0.70 13.31 25.08
N GLY M 197 0.33 12.40 24.19
CA GLY M 197 0.33 12.74 22.78
C GLY M 197 1.12 11.83 21.87
N TRP M 198 1.61 10.72 22.39
CA TRP M 198 2.37 9.77 21.58
C TRP M 198 1.55 8.53 21.26
N SER M 199 0.22 8.68 21.21
CA SER M 199 -0.66 7.53 21.07
C SER M 199 -0.47 6.79 19.75
N GLU M 200 0.01 7.46 18.71
CA GLU M 200 0.21 6.82 17.42
C GLU M 200 1.64 6.37 17.18
N ILE M 201 2.49 6.43 18.19
CA ILE M 201 3.91 6.17 18.05
C ILE M 201 4.29 4.97 18.92
N ASP M 202 4.90 3.97 18.31
CA ASP M 202 5.58 2.93 19.09
C ASP M 202 6.93 3.49 19.51
N ILE M 203 7.04 3.87 20.78
CA ILE M 203 8.22 4.59 21.23
C ILE M 203 9.50 3.75 21.14
N PHE M 204 9.38 2.43 21.07
CA PHE M 204 10.55 1.56 21.02
C PHE M 204 10.92 1.13 19.62
N ALA M 205 10.16 1.53 18.61
CA ALA M 205 10.42 1.08 17.26
C ALA M 205 11.60 1.83 16.65
N HIS M 206 12.26 1.18 15.70
CA HIS M 206 13.32 1.86 14.97
C HIS M 206 12.78 3.02 14.14
N SER M 207 11.62 2.84 13.55
CA SER M 207 10.96 3.93 12.83
C SER M 207 9.46 3.86 12.96
N THR O 3 -12.89 -44.56 11.70
CA THR O 3 -11.52 -44.15 11.90
C THR O 3 -10.88 -44.87 13.08
N GLU O 4 -9.57 -45.08 13.00
CA GLU O 4 -8.79 -45.59 14.12
C GLU O 4 -7.63 -44.64 14.33
N ILE O 5 -7.50 -44.10 15.54
CA ILE O 5 -6.41 -43.22 15.90
C ILE O 5 -5.69 -43.80 17.11
N ARG O 6 -4.42 -44.16 16.93
CA ARG O 6 -3.61 -44.66 18.03
C ARG O 6 -2.82 -43.49 18.59
N VAL O 7 -2.99 -43.21 19.88
CA VAL O 7 -2.30 -42.10 20.52
C VAL O 7 -1.15 -42.64 21.36
N HIS O 8 0.03 -42.09 21.17
CA HIS O 8 1.23 -42.53 21.87
C HIS O 8 1.89 -41.36 22.58
N GLN O 9 2.68 -41.69 23.60
CA GLN O 9 3.48 -40.72 24.32
C GLN O 9 4.95 -40.88 23.92
N GLY O 10 5.54 -39.82 23.38
CA GLY O 10 6.96 -39.87 23.09
C GLY O 10 7.42 -40.50 21.80
N ASP O 11 6.93 -41.70 21.50
CA ASP O 11 7.46 -42.43 20.35
C ASP O 11 6.49 -43.53 19.97
N LEU O 12 6.65 -44.04 18.75
CA LEU O 12 6.01 -45.26 18.35
C LEU O 12 6.52 -46.44 19.17
N PRO O 13 5.66 -47.42 19.48
CA PRO O 13 6.15 -48.62 20.17
C PRO O 13 7.05 -49.47 19.28
N ASN O 14 6.81 -49.48 17.98
CA ASN O 14 7.60 -50.23 17.01
C ASN O 14 7.22 -49.74 15.62
N LEU O 15 7.86 -50.30 14.60
CA LEU O 15 7.61 -49.91 13.21
C LEU O 15 6.85 -50.99 12.45
N ASP O 16 6.09 -51.83 13.14
CA ASP O 16 5.39 -52.94 12.49
C ASP O 16 4.38 -52.45 11.47
N ASN O 17 3.77 -51.30 11.72
CA ASN O 17 2.76 -50.73 10.84
C ASN O 17 3.33 -49.84 9.74
N TYR O 18 4.65 -49.72 9.63
CA TYR O 18 5.24 -48.74 8.72
C TYR O 18 6.32 -49.38 7.86
N ARG O 19 6.09 -50.62 7.45
CA ARG O 19 6.90 -51.29 6.43
C ARG O 19 6.31 -51.04 5.04
N ILE O 20 6.41 -49.78 4.59
CA ILE O 20 5.68 -49.30 3.43
C ILE O 20 6.60 -48.39 2.60
N ASP O 21 6.11 -48.00 1.43
CA ASP O 21 6.92 -47.19 0.53
C ASP O 21 6.85 -45.71 0.85
N ALA O 22 5.75 -45.24 1.44
CA ALA O 22 5.57 -43.83 1.70
C ALA O 22 4.72 -43.64 2.94
N VAL O 23 5.06 -42.66 3.76
CA VAL O 23 4.31 -42.38 4.98
C VAL O 23 3.92 -40.91 4.97
N ALA O 24 2.66 -40.64 5.29
CA ALA O 24 2.22 -39.26 5.44
C ALA O 24 2.55 -38.75 6.82
N VAL O 25 3.12 -37.55 6.89
CA VAL O 25 3.64 -36.97 8.11
C VAL O 25 3.12 -35.56 8.23
N ASP O 26 2.75 -35.15 9.42
CA ASP O 26 2.42 -33.77 9.68
C ASP O 26 2.76 -33.48 11.13
N THR O 27 2.81 -32.20 11.46
CA THR O 27 3.13 -31.77 12.80
C THR O 27 2.14 -30.69 13.22
N GLU O 28 2.07 -30.48 14.54
CA GLU O 28 1.42 -29.32 15.11
C GLU O 28 2.35 -28.71 16.13
N THR O 29 2.29 -27.39 16.26
CA THR O 29 3.21 -26.66 17.10
C THR O 29 2.44 -25.58 17.84
N LEU O 30 3.14 -24.83 18.66
CA LEU O 30 2.58 -23.65 19.28
C LEU O 30 2.65 -22.39 18.41
N GLY O 31 3.13 -22.48 17.18
CA GLY O 31 3.16 -21.31 16.32
C GLY O 31 4.11 -21.49 15.15
N LEU O 32 4.30 -20.39 14.42
CA LEU O 32 5.02 -20.39 13.15
C LEU O 32 6.53 -20.16 13.27
N GLN O 33 7.06 -19.96 14.47
CA GLN O 33 8.46 -19.60 14.64
C GLN O 33 9.21 -20.72 15.36
N PRO O 34 9.97 -21.54 14.64
CA PRO O 34 10.55 -22.74 15.26
C PRO O 34 11.43 -22.46 16.47
N HIS O 35 12.08 -21.30 16.54
CA HIS O 35 12.91 -20.99 17.69
C HIS O 35 12.09 -20.65 18.94
N ARG O 36 10.86 -20.19 18.77
CA ARG O 36 10.00 -19.87 19.90
C ARG O 36 8.95 -20.93 20.20
N ASP O 37 8.39 -21.58 19.18
CA ASP O 37 7.16 -22.35 19.31
C ASP O 37 7.45 -23.83 19.22
N ARG O 38 7.35 -24.49 20.38
CA ARG O 38 7.77 -25.91 20.49
C ARG O 38 6.86 -26.91 19.77
N LEU O 39 7.47 -27.96 19.22
CA LEU O 39 6.71 -29.05 18.62
C LEU O 39 5.80 -29.73 19.65
N CYS O 40 4.52 -29.86 19.33
CA CYS O 40 3.55 -30.44 20.26
C CYS O 40 2.99 -31.79 19.84
N VAL O 41 2.76 -32.02 18.55
CA VAL O 41 2.14 -33.25 18.06
C VAL O 41 2.83 -33.66 16.77
N VAL O 42 3.03 -34.96 16.58
CA VAL O 42 3.45 -35.51 15.30
C VAL O 42 2.42 -36.54 14.85
N GLN O 43 1.96 -36.43 13.60
CA GLN O 43 0.95 -37.33 13.06
C GLN O 43 1.52 -38.15 11.91
N LEU O 44 1.19 -39.44 11.88
CA LEU O 44 1.68 -40.36 10.88
C LEU O 44 0.53 -41.21 10.36
N SER O 45 0.66 -41.70 9.14
CA SER O 45 -0.33 -42.61 8.59
C SER O 45 0.28 -43.37 7.42
N SER O 46 -0.07 -44.65 7.29
CA SER O 46 0.35 -45.43 6.13
C SER O 46 -0.58 -45.27 4.93
N GLY O 47 -1.68 -44.56 5.08
CA GLY O 47 -2.67 -44.46 4.03
C GLY O 47 -3.76 -45.51 4.08
N ASP O 48 -3.75 -46.37 5.10
CA ASP O 48 -4.72 -47.45 5.26
C ASP O 48 -5.95 -47.03 6.06
N GLY O 49 -6.18 -45.73 6.22
CA GLY O 49 -7.31 -45.24 6.96
C GLY O 49 -7.14 -45.17 8.46
N THR O 50 -5.97 -45.52 8.99
CA THR O 50 -5.69 -45.37 10.40
C THR O 50 -4.58 -44.34 10.58
N ALA O 51 -4.46 -43.81 11.79
CA ALA O 51 -3.45 -42.79 12.02
C ALA O 51 -2.81 -42.99 13.38
N ASP O 52 -1.56 -42.55 13.50
CA ASP O 52 -0.84 -42.50 14.77
C ASP O 52 -0.59 -41.05 15.14
N VAL O 53 -0.93 -40.69 16.37
CA VAL O 53 -0.77 -39.34 16.89
C VAL O 53 0.16 -39.42 18.10
N ILE O 54 1.32 -38.80 18.00
CA ILE O 54 2.36 -38.92 19.00
C ILE O 54 2.47 -37.58 19.70
N GLN O 55 2.15 -37.59 21.00
CA GLN O 55 2.27 -36.42 21.86
C GLN O 55 3.73 -36.25 22.30
N ILE O 56 4.26 -35.05 22.07
CA ILE O 56 5.65 -34.72 22.41
C ILE O 56 5.74 -33.92 23.70
N ALA O 57 6.60 -34.35 24.60
CA ALA O 57 6.74 -33.71 25.90
C ALA O 57 7.60 -32.45 25.76
N LYS O 58 7.39 -31.50 26.65
CA LYS O 58 8.28 -30.34 26.71
C LYS O 58 9.72 -30.76 26.99
N GLY O 59 10.65 -30.23 26.18
CA GLY O 59 12.05 -30.54 26.32
C GLY O 59 12.50 -31.88 25.79
N GLN O 60 11.60 -32.67 25.20
CA GLN O 60 12.00 -33.96 24.66
C GLN O 60 12.92 -33.77 23.46
N LYS O 61 14.06 -34.45 23.50
CA LYS O 61 15.12 -34.30 22.50
C LYS O 61 15.25 -35.50 21.57
N SER O 62 14.64 -36.63 21.89
CA SER O 62 14.82 -37.84 21.10
C SER O 62 13.49 -38.53 20.92
N ALA O 63 13.36 -39.21 19.77
CA ALA O 63 12.20 -40.07 19.50
C ALA O 63 12.65 -41.15 18.53
N PRO O 64 13.31 -42.19 19.04
CA PRO O 64 14.08 -43.07 18.14
C PRO O 64 13.28 -43.68 16.99
N ASN O 65 12.06 -44.13 17.23
CA ASN O 65 11.30 -44.76 16.14
C ASN O 65 10.88 -43.72 15.11
N LEU O 66 10.34 -42.59 15.59
CA LEU O 66 9.99 -41.49 14.70
C LEU O 66 11.21 -41.04 13.92
N VAL O 67 12.34 -40.87 14.60
CA VAL O 67 13.51 -40.36 13.91
C VAL O 67 14.02 -41.36 12.90
N ARG O 68 13.89 -42.66 13.20
CA ARG O 68 14.26 -43.67 12.20
C ARG O 68 13.41 -43.56 10.95
N LEU O 69 12.09 -43.37 11.10
CA LEU O 69 11.26 -43.13 9.92
C LEU O 69 11.67 -41.87 9.18
N LEU O 70 11.87 -40.76 9.90
CA LEU O 70 12.21 -39.51 9.23
C LEU O 70 13.55 -39.59 8.51
N SER O 71 14.49 -40.39 9.02
CA SER O 71 15.81 -40.49 8.42
C SER O 71 15.89 -41.54 7.32
N ASP O 72 14.93 -42.45 7.24
CA ASP O 72 15.00 -43.58 6.32
C ASP O 72 14.82 -43.08 4.90
N ARG O 73 15.91 -43.09 4.13
CA ARG O 73 15.89 -42.64 2.74
C ARG O 73 15.00 -43.48 1.83
N ASP O 74 14.67 -44.71 2.22
CA ASP O 74 13.83 -45.54 1.36
C ASP O 74 12.34 -45.24 1.46
N ILE O 75 11.92 -44.33 2.33
CA ILE O 75 10.51 -44.01 2.54
C ILE O 75 10.32 -42.52 2.27
N THR O 76 9.47 -42.19 1.31
CA THR O 76 9.17 -40.79 1.03
C THR O 76 8.20 -40.24 2.07
N LYS O 77 8.56 -39.12 2.65
CA LYS O 77 7.71 -38.41 3.61
C LYS O 77 6.85 -37.39 2.88
N ILE O 78 5.54 -37.52 3.02
CA ILE O 78 4.58 -36.63 2.37
C ILE O 78 4.12 -35.58 3.37
N PHE O 79 4.23 -34.32 2.98
CA PHE O 79 3.80 -33.20 3.81
C PHE O 79 2.86 -32.33 2.99
N HIS O 80 2.08 -31.51 3.69
CA HIS O 80 1.48 -30.33 3.12
C HIS O 80 2.18 -29.09 3.65
N PHE O 81 2.76 -28.30 2.76
CA PHE O 81 3.65 -27.20 3.12
C PHE O 81 4.78 -27.70 4.00
N GLY O 82 5.55 -28.62 3.45
CA GLY O 82 6.67 -29.20 4.15
C GLY O 82 7.75 -28.20 4.53
N ARG O 83 7.77 -27.02 3.91
CA ARG O 83 8.74 -26.01 4.31
C ARG O 83 8.74 -25.78 5.81
N PHE O 84 7.57 -25.73 6.43
CA PHE O 84 7.46 -25.52 7.87
C PHE O 84 7.75 -26.79 8.65
N ASP O 85 7.08 -27.89 8.29
CA ASP O 85 7.21 -29.13 9.03
C ASP O 85 8.65 -29.62 9.05
N LEU O 86 9.34 -29.54 7.92
CA LEU O 86 10.74 -29.95 7.87
C LEU O 86 11.57 -29.10 8.83
N ALA O 87 11.30 -27.81 8.87
CA ALA O 87 12.05 -26.92 9.73
C ALA O 87 11.86 -27.29 11.19
N ILE O 88 10.62 -27.49 11.60
CA ILE O 88 10.35 -27.76 13.02
C ILE O 88 10.86 -29.14 13.41
N LEU O 89 10.76 -30.11 12.49
CA LEU O 89 11.28 -31.45 12.78
C LEU O 89 12.78 -31.42 12.93
N ALA O 90 13.47 -30.73 12.03
CA ALA O 90 14.93 -30.65 12.11
C ALA O 90 15.36 -29.90 13.36
N HIS O 91 14.66 -28.82 13.70
CA HIS O 91 15.02 -28.07 14.88
C HIS O 91 14.79 -28.89 16.15
N THR O 92 13.79 -29.75 16.16
CA THR O 92 13.48 -30.48 17.39
C THR O 92 14.35 -31.71 17.57
N PHE O 93 14.54 -32.50 16.50
CA PHE O 93 15.22 -33.77 16.64
C PHE O 93 16.60 -33.80 16.00
N GLY O 94 17.00 -32.76 15.29
CA GLY O 94 18.34 -32.71 14.78
C GLY O 94 18.54 -33.47 13.48
N VAL O 95 17.45 -33.93 12.86
CA VAL O 95 17.51 -34.68 11.61
C VAL O 95 16.68 -33.97 10.57
N MET O 96 17.28 -33.68 9.42
CA MET O 96 16.54 -33.08 8.33
C MET O 96 16.21 -34.13 7.30
N PRO O 97 14.94 -34.47 7.09
CA PRO O 97 14.59 -35.41 6.02
C PRO O 97 15.04 -34.89 4.66
N ASP O 98 15.45 -35.79 3.77
CA ASP O 98 15.89 -35.38 2.44
C ASP O 98 15.22 -36.14 1.30
N VAL O 99 14.19 -36.92 1.57
CA VAL O 99 13.37 -37.55 0.53
C VAL O 99 11.93 -37.18 0.86
N VAL O 100 11.38 -36.20 0.16
CA VAL O 100 10.11 -35.61 0.55
C VAL O 100 9.22 -35.38 -0.66
N PHE O 101 7.93 -35.27 -0.40
CA PHE O 101 6.95 -34.83 -1.37
C PHE O 101 6.08 -33.81 -0.66
N CYS O 102 5.84 -32.68 -1.31
CA CYS O 102 5.03 -31.60 -0.75
C CYS O 102 3.84 -31.33 -1.64
N THR O 103 2.64 -31.45 -1.08
CA THR O 103 1.42 -31.22 -1.86
C THR O 103 1.21 -29.76 -2.22
N LYS O 104 1.80 -28.82 -1.49
CA LYS O 104 1.64 -27.42 -1.84
C LYS O 104 2.43 -27.03 -3.08
N ILE O 105 3.69 -27.46 -3.17
CA ILE O 105 4.45 -27.24 -4.40
C ILE O 105 3.77 -27.91 -5.58
N ALA O 106 3.33 -29.16 -5.41
CA ALA O 106 2.64 -29.85 -6.50
C ALA O 106 1.38 -29.10 -6.92
N SER O 107 0.63 -28.59 -5.94
CA SER O 107 -0.55 -27.82 -6.28
C SER O 107 -0.19 -26.57 -7.06
N LYS O 108 0.85 -25.85 -6.64
CA LYS O 108 1.24 -24.66 -7.35
C LYS O 108 1.76 -24.98 -8.75
N LEU O 109 2.23 -26.20 -8.98
CA LEU O 109 2.72 -26.56 -10.29
C LEU O 109 1.64 -27.17 -11.17
N THR O 110 0.48 -27.48 -10.64
CA THR O 110 -0.50 -28.16 -11.48
C THR O 110 -1.86 -27.50 -11.43
N ARG O 111 -2.30 -27.06 -10.26
CA ARG O 111 -3.59 -26.40 -10.11
C ARG O 111 -3.45 -24.91 -10.41
N THR O 112 -3.10 -24.63 -11.66
CA THR O 112 -2.84 -23.27 -12.12
C THR O 112 -4.10 -22.45 -12.36
N TYR O 113 -5.29 -23.07 -12.28
CA TYR O 113 -6.54 -22.38 -12.51
C TYR O 113 -7.15 -21.77 -11.25
N THR O 114 -6.42 -21.77 -10.13
CA THR O 114 -6.93 -21.18 -8.90
C THR O 114 -5.76 -20.58 -8.14
N ASP O 115 -6.07 -19.66 -7.23
CA ASP O 115 -5.04 -19.12 -6.35
C ASP O 115 -5.18 -19.57 -4.90
N ARG O 116 -6.12 -20.45 -4.60
CA ARG O 116 -6.32 -20.97 -3.26
C ARG O 116 -5.74 -22.38 -3.21
N HIS O 117 -4.61 -22.54 -2.50
CA HIS O 117 -3.89 -23.79 -2.43
C HIS O 117 -3.85 -24.41 -1.04
N GLY O 118 -4.68 -23.95 -0.12
CA GLY O 118 -4.71 -24.57 1.19
C GLY O 118 -5.25 -25.99 1.17
N LEU O 119 -4.90 -26.74 2.21
CA LEU O 119 -5.29 -28.14 2.28
C LEU O 119 -6.80 -28.30 2.28
N LYS O 120 -7.51 -27.42 2.98
CA LYS O 120 -8.95 -27.51 3.02
C LYS O 120 -9.54 -27.39 1.62
N GLU O 121 -9.06 -26.40 0.86
CA GLU O 121 -9.56 -26.18 -0.48
C GLU O 121 -9.17 -27.31 -1.42
N ILE O 122 -7.94 -27.83 -1.29
CA ILE O 122 -7.52 -28.94 -2.13
C ILE O 122 -8.39 -30.16 -1.87
N CYS O 123 -8.59 -30.51 -0.60
CA CYS O 123 -9.39 -31.69 -0.30
C CYS O 123 -10.83 -31.50 -0.77
N GLY O 124 -11.35 -30.29 -0.66
CA GLY O 124 -12.70 -30.03 -1.13
C GLY O 124 -12.82 -30.22 -2.63
N GLU O 125 -11.84 -29.69 -3.39
CA GLU O 125 -11.93 -29.73 -4.88
C GLU O 125 -11.57 -31.10 -5.44
N LEU O 126 -10.54 -31.76 -4.90
CA LEU O 126 -10.07 -33.00 -5.50
C LEU O 126 -10.83 -34.24 -5.01
N LEU O 127 -11.34 -34.25 -3.79
CA LEU O 127 -11.94 -35.45 -3.24
C LEU O 127 -13.37 -35.28 -2.77
N ASN O 128 -13.90 -34.06 -2.79
CA ASN O 128 -15.19 -33.73 -2.18
C ASN O 128 -15.26 -34.17 -0.72
N VAL O 129 -14.15 -34.03 0.00
CA VAL O 129 -14.06 -34.33 1.41
C VAL O 129 -13.94 -33.00 2.15
N ASN O 130 -14.75 -32.80 3.18
CA ASN O 130 -14.75 -31.51 3.88
C ASN O 130 -13.88 -31.59 5.13
N ILE O 131 -12.75 -30.88 5.10
CA ILE O 131 -11.87 -30.71 6.24
C ILE O 131 -12.28 -29.46 7.01
N SER O 132 -12.49 -29.60 8.31
CA SER O 132 -12.80 -28.49 9.20
C SER O 132 -11.59 -28.02 9.99
N LYS O 133 -11.28 -26.72 9.88
CA LYS O 133 -10.09 -26.10 10.45
C LYS O 133 -10.33 -25.41 11.79
N GLN O 134 -11.48 -25.63 12.43
CA GLN O 134 -11.80 -24.88 13.63
C GLN O 134 -10.76 -25.11 14.71
N GLN O 135 -10.24 -26.33 14.81
CA GLN O 135 -9.29 -26.71 15.85
C GLN O 135 -7.84 -26.43 15.47
N GLN O 136 -7.59 -25.91 14.26
CA GLN O 136 -6.23 -25.59 13.86
C GLN O 136 -5.53 -24.68 14.85
N SER O 137 -6.21 -23.63 15.28
CA SER O 137 -5.70 -22.72 16.31
C SER O 137 -6.25 -23.13 17.67
N SER O 138 -5.52 -24.00 18.36
CA SER O 138 -5.87 -24.44 19.70
C SER O 138 -4.60 -24.71 20.48
N ASP O 139 -4.75 -24.95 21.79
CA ASP O 139 -3.61 -25.22 22.64
C ASP O 139 -3.17 -26.67 22.45
N TRP O 140 -2.26 -26.88 21.52
CA TRP O 140 -1.75 -28.20 21.21
C TRP O 140 -0.82 -28.76 22.28
N ALA O 141 -0.41 -27.96 23.26
CA ALA O 141 0.45 -28.43 24.32
C ALA O 141 -0.32 -28.98 25.52
N ALA O 142 -1.64 -29.02 25.45
CA ALA O 142 -2.43 -29.53 26.57
C ALA O 142 -2.01 -30.96 26.91
N GLU O 143 -1.97 -31.27 28.21
CA GLU O 143 -1.57 -32.61 28.62
C GLU O 143 -2.51 -33.66 28.06
N THR O 144 -3.81 -33.39 28.05
CA THR O 144 -4.80 -34.28 27.47
C THR O 144 -5.44 -33.57 26.29
N LEU O 145 -5.26 -34.11 25.10
CA LEU O 145 -5.92 -33.55 23.92
C LEU O 145 -7.39 -33.92 23.93
N SER O 146 -8.23 -32.99 23.47
CA SER O 146 -9.65 -33.29 23.36
C SER O 146 -9.90 -34.20 22.17
N ARG O 147 -11.09 -34.81 22.17
CA ARG O 147 -11.48 -35.65 21.04
C ARG O 147 -11.53 -34.86 19.75
N ALA O 148 -12.02 -33.63 19.78
CA ALA O 148 -12.03 -32.81 18.58
C ALA O 148 -10.62 -32.55 18.07
N GLN O 149 -9.69 -32.27 18.99
CA GLN O 149 -8.30 -32.07 18.59
C GLN O 149 -7.72 -33.33 17.98
N ILE O 150 -7.94 -34.48 18.61
CA ILE O 150 -7.38 -35.73 18.12
C ILE O 150 -7.94 -36.06 16.75
N GLU O 151 -9.25 -35.87 16.57
CA GLU O 151 -9.87 -36.16 15.28
C GLU O 151 -9.36 -35.23 14.20
N TYR O 152 -9.17 -33.95 14.51
CA TYR O 152 -8.59 -33.05 13.51
C TYR O 152 -7.16 -33.45 13.16
N ALA O 153 -6.35 -33.75 14.18
CA ALA O 153 -4.97 -34.14 13.92
C ALA O 153 -4.91 -35.36 13.02
N ALA O 154 -5.79 -36.35 13.25
CA ALA O 154 -5.78 -37.50 12.37
C ALA O 154 -6.27 -37.12 10.98
N SER O 155 -7.28 -36.24 10.92
CA SER O 155 -7.84 -35.84 9.63
C SER O 155 -6.81 -35.15 8.75
N ASP O 156 -5.75 -34.61 9.34
CA ASP O 156 -4.74 -33.87 8.54
C ASP O 156 -3.89 -34.85 7.73
N VAL O 157 -3.75 -36.10 8.20
CA VAL O 157 -2.88 -37.06 7.51
C VAL O 157 -3.63 -38.15 6.77
N LEU O 158 -4.92 -38.33 7.04
CA LEU O 158 -5.65 -39.47 6.46
C LEU O 158 -5.74 -39.41 4.95
N TYR O 159 -5.57 -38.24 4.33
CA TYR O 159 -5.86 -38.08 2.91
C TYR O 159 -4.66 -37.72 2.04
N LEU O 160 -3.45 -37.61 2.59
CA LEU O 160 -2.33 -37.13 1.79
C LEU O 160 -1.92 -38.11 0.70
N HIS O 161 -2.11 -39.41 0.92
CA HIS O 161 -1.81 -40.40 -0.11
C HIS O 161 -2.68 -40.20 -1.35
N ARG O 162 -3.99 -40.01 -1.18
CA ARG O 162 -4.84 -39.85 -2.34
C ARG O 162 -4.48 -38.60 -3.14
N LEU O 163 -4.14 -37.51 -2.44
CA LEU O 163 -3.70 -36.31 -3.15
C LEU O 163 -2.37 -36.54 -3.86
N LYS O 164 -1.42 -37.19 -3.20
CA LYS O 164 -0.16 -37.46 -3.88
C LYS O 164 -0.38 -38.27 -5.14
N ASP O 165 -1.23 -39.29 -5.08
CA ASP O 165 -1.49 -40.09 -6.27
C ASP O 165 -2.07 -39.24 -7.41
N ILE O 166 -3.05 -38.39 -7.08
CA ILE O 166 -3.65 -37.56 -8.11
C ILE O 166 -2.66 -36.55 -8.65
N PHE O 167 -1.89 -35.89 -7.78
CA PHE O 167 -0.92 -34.92 -8.23
C PHE O 167 0.15 -35.55 -9.08
N GLU O 168 0.55 -36.79 -8.76
CA GLU O 168 1.52 -37.46 -9.61
C GLU O 168 0.94 -37.70 -11.00
N GLU O 169 -0.34 -38.04 -11.07
CA GLU O 169 -0.98 -38.17 -12.38
C GLU O 169 -0.97 -36.85 -13.14
N ARG O 170 -1.28 -35.74 -12.46
CA ARG O 170 -1.31 -34.44 -13.14
C ARG O 170 0.08 -33.99 -13.57
N LEU O 171 1.09 -34.20 -12.73
CA LEU O 171 2.45 -33.82 -13.07
C LEU O 171 2.94 -34.61 -14.27
N LYS O 172 2.57 -35.88 -14.36
CA LYS O 172 2.91 -36.64 -15.55
C LYS O 172 2.17 -36.08 -16.77
N ARG O 173 0.88 -35.77 -16.61
CA ARG O 173 0.07 -35.32 -17.73
C ARG O 173 0.59 -34.03 -18.36
N GLU O 174 0.97 -33.05 -17.54
CA GLU O 174 1.43 -31.76 -18.05
C GLU O 174 2.94 -31.69 -18.26
N GLU O 175 3.63 -32.80 -18.08
CA GLU O 175 5.07 -32.94 -18.36
C GLU O 175 5.91 -32.00 -17.48
N ARG O 176 5.59 -31.99 -16.20
CA ARG O 176 6.27 -31.17 -15.20
C ARG O 176 6.86 -32.04 -14.11
N GLU O 177 7.05 -33.33 -14.38
CA GLU O 177 7.54 -34.22 -13.34
C GLU O 177 8.93 -33.83 -12.86
N SER O 178 9.84 -33.49 -13.77
CA SER O 178 11.19 -33.16 -13.34
C SER O 178 11.29 -31.82 -12.61
N VAL O 179 10.43 -30.87 -12.97
CA VAL O 179 10.42 -29.55 -12.26
C VAL O 179 9.96 -29.75 -10.81
N ALA O 180 8.93 -30.57 -10.56
CA ALA O 180 8.47 -30.86 -9.20
C ALA O 180 9.50 -31.69 -8.45
N LYS O 181 10.09 -32.69 -9.12
CA LYS O 181 11.07 -33.53 -8.43
C LYS O 181 12.25 -32.69 -7.94
N ALA O 182 12.73 -31.76 -8.79
CA ALA O 182 13.84 -30.90 -8.37
C ALA O 182 13.44 -29.97 -7.24
N CYS O 183 12.22 -29.45 -7.29
CA CYS O 183 11.74 -28.61 -6.19
C CYS O 183 11.70 -29.40 -4.88
N PHE O 184 11.20 -30.63 -4.92
CA PHE O 184 11.16 -31.44 -3.71
C PHE O 184 12.57 -31.75 -3.23
N GLN O 185 13.51 -31.90 -4.16
CA GLN O 185 14.89 -32.18 -3.76
C GLN O 185 15.46 -30.97 -3.03
N PHE O 186 15.09 -29.77 -3.46
CA PHE O 186 15.58 -28.55 -2.84
C PHE O 186 14.84 -28.18 -1.55
N LEU O 187 13.63 -28.69 -1.35
CA LEU O 187 12.82 -28.25 -0.22
C LEU O 187 13.51 -28.36 1.14
N PRO O 188 14.24 -29.44 1.46
CA PRO O 188 14.95 -29.47 2.75
C PRO O 188 15.95 -28.34 2.95
N MET O 189 16.65 -27.90 1.92
CA MET O 189 17.56 -26.78 2.14
C MET O 189 16.82 -25.47 2.30
N ARG O 190 15.68 -25.30 1.63
CA ARG O 190 14.79 -24.17 1.92
C ARG O 190 14.38 -24.17 3.39
N ALA O 191 14.09 -25.34 3.94
CA ALA O 191 13.75 -25.44 5.35
C ALA O 191 14.94 -25.08 6.24
N ASN O 192 16.13 -25.55 5.87
CA ASN O 192 17.31 -25.19 6.64
C ASN O 192 17.54 -23.68 6.61
N LEU O 193 17.38 -23.05 5.44
CA LEU O 193 17.46 -21.60 5.36
C LEU O 193 16.46 -20.95 6.29
N ASP O 194 15.26 -21.51 6.41
CA ASP O 194 14.29 -20.97 7.36
C ASP O 194 14.84 -21.03 8.78
N LEU O 195 15.39 -22.18 9.16
CA LEU O 195 15.92 -22.30 10.53
C LEU O 195 17.09 -21.34 10.76
N LEU O 196 17.91 -21.08 9.75
CA LEU O 196 19.08 -20.24 9.94
C LEU O 196 18.77 -18.76 9.99
N GLY O 197 17.58 -18.34 9.56
CA GLY O 197 17.24 -16.95 9.70
C GLY O 197 16.79 -16.21 8.46
N TRP O 198 16.61 -16.89 7.34
CA TRP O 198 16.17 -16.25 6.11
C TRP O 198 14.70 -16.55 5.82
N SER O 199 13.92 -16.83 6.86
CA SER O 199 12.55 -17.28 6.66
C SER O 199 11.68 -16.23 5.98
N GLU O 200 12.03 -14.96 6.06
CA GLU O 200 11.23 -13.91 5.44
C GLU O 200 11.79 -13.44 4.11
N ILE O 201 12.80 -14.13 3.57
CA ILE O 201 13.51 -13.68 2.39
C ILE O 201 13.35 -14.73 1.29
N ASP O 202 12.87 -14.31 0.14
CA ASP O 202 12.95 -15.13 -1.07
C ASP O 202 14.35 -14.96 -1.64
N ILE O 203 15.19 -15.98 -1.44
CA ILE O 203 16.61 -15.87 -1.74
C ILE O 203 16.91 -15.67 -3.22
N PHE O 204 15.98 -15.99 -4.11
CA PHE O 204 16.25 -15.85 -5.54
C PHE O 204 15.70 -14.57 -6.16
N ALA O 205 15.00 -13.75 -5.39
CA ALA O 205 14.38 -12.54 -5.93
C ALA O 205 15.39 -11.43 -6.14
N HIS O 206 15.07 -10.54 -7.09
CA HIS O 206 15.90 -9.35 -7.28
C HIS O 206 15.88 -8.46 -6.05
N SER O 207 14.70 -8.32 -5.43
CA SER O 207 14.59 -7.59 -4.17
C SER O 207 13.54 -8.22 -3.28
#